data_8D7H
#
_entry.id   8D7H
#
_cell.length_a   1.00
_cell.length_b   1.00
_cell.length_c   1.00
_cell.angle_alpha   90.00
_cell.angle_beta   90.00
_cell.angle_gamma   90.00
#
_symmetry.space_group_name_H-M   'P 1'
#
loop_
_entity.id
_entity.type
_entity.pdbx_description
1 polymer 'Ciliary neurotrophic factor receptor subunit alpha'
2 polymer 'Cardiotrophin-like cytokine factor 1'
3 polymer 'Cytokine receptor-like factor 1'
4 branched 2-acetamido-2-deoxy-beta-D-glucopyranose-(1-4)-2-acetamido-2-deoxy-beta-D-glucopyranose
5 non-polymer 2-acetamido-2-deoxy-beta-D-glucopyranose
#
loop_
_entity_poly.entity_id
_entity_poly.type
_entity_poly.pdbx_seq_one_letter_code
_entity_poly.pdbx_strand_id
1 'polypeptide(L)'
;QRHSPQEAPHVQYERLGSDVTLPCGTANWDAAVTWRVNGTDLAPDLLNGSQLVLHGLELGHSGLYACFHRDSWHLRHQVL
LHVGLPPREPVLSCRSNTYPKGFYCSWHLPTPTYIPNTFNVTVLHGSKIMVCEKDPALKNRCHIRYMHLFSTIKYKVSIS
VSNALGHNATAITFDEFTIVKPDPPENVVARPVPSNPRRLEVTWQTPSTWPDPESFPLKFFLRYRPLILDQWQHVELSDG
TAHTITDAYAGKEYIIQVAAKDNEIGTWSDWSVAAHATPWTEEPRHLTTEAQAAETTTSTTSSLAPPPTTKICDPGELGS
EQKLISEEDLGGEQKLISEEDLHHHHHH
;
C,G
2 'polypeptide(L)'
;LNRTGDPGPGPSIQKTYDLTRYLEHQLRSLAGTYLNYLGPPFNEPDFNPPRLGAETLPRATVDLEVWRSLNDKLRLTQNY
EAYSHLLCYLRGLNRQAATAELRRSLAHFCTSLQGLLGSIAGVMAALGYPLPQPLPGTEPTWTPGPAHSDFLQKMDDFWL
LKELQTWLWRSAKDFNRLKKKMQPPAAAVTLHLGAHGFHHHHHH
;
D,H
3 'polypeptide(L)'
;AHTAVISPQDPTLLIGSSLLATCSVHGDPPGATAEGLYWTLNGRRLPPELSRVLNASTLALALANLNGSRQRSGDNLVCH
ARDGSILAGSCLYVGLPPEKPVNISCWSKNMKDLTCRWTPGAHGETFLHTNYSLKYKLRWYGQDNTCEEYHTVGPHSCHI
PKDLALFTPYEIWVEATNRLGSARSDVLTLDILDVVTTDPPPDVHVSRVGGLEDQLSVRWVSPPALKDFLFQAKYQIRYR
VEDSVDWKVVDDVSNQTSCRLAGLKPGTVYFVQVRCNPFGIYGSKKAGIWSEWSHPTAASTPRSERPGPGGGACEPRGGE
PSSGPVRRELKQFLGWLKKHAYCSNLSFRLYDQWRAWMQKSHKTRNQDEGILPSGRRGTARGPARHHHHHHHHHH
;
A,E
#
# COMPACT_ATOMS: atom_id res chain seq x y z
N ARG A 2 48.86 -13.94 -83.95
CA ARG A 2 49.14 -14.74 -82.77
C ARG A 2 50.12 -15.87 -83.09
N HIS A 3 50.00 -16.98 -82.38
CA HIS A 3 50.83 -18.15 -82.63
C HIS A 3 50.26 -18.91 -83.83
N SER A 4 50.74 -20.15 -84.04
CA SER A 4 50.33 -20.99 -85.15
C SER A 4 48.82 -21.14 -85.21
N PRO A 5 48.23 -21.19 -86.41
CA PRO A 5 46.76 -21.29 -86.49
C PRO A 5 46.21 -22.58 -85.92
N GLN A 6 46.94 -23.69 -86.06
CA GLN A 6 46.47 -24.99 -85.59
C GLN A 6 46.71 -25.22 -84.11
N GLU A 7 46.98 -24.17 -83.34
CA GLU A 7 47.17 -24.32 -81.90
C GLU A 7 45.82 -24.43 -81.20
N ALA A 8 45.86 -24.74 -79.91
CA ALA A 8 44.66 -24.79 -79.10
C ALA A 8 44.06 -23.38 -78.99
N PRO A 9 42.76 -23.21 -79.18
CA PRO A 9 42.18 -21.87 -79.13
C PRO A 9 42.15 -21.33 -77.70
N HIS A 10 42.10 -20.00 -77.62
CA HIS A 10 42.05 -19.30 -76.34
C HIS A 10 40.60 -19.13 -75.88
N VAL A 11 40.43 -19.01 -74.57
CA VAL A 11 39.12 -18.86 -73.95
C VAL A 11 38.97 -17.42 -73.48
N GLN A 12 37.86 -16.78 -73.86
CA GLN A 12 37.55 -15.41 -73.46
C GLN A 12 36.13 -15.36 -72.94
N TYR A 13 35.95 -14.62 -71.85
CA TYR A 13 34.65 -14.51 -71.19
C TYR A 13 34.12 -13.09 -71.31
N GLU A 14 32.80 -12.98 -71.51
CA GLU A 14 32.14 -11.69 -71.66
C GLU A 14 30.85 -11.71 -70.86
N ARG A 15 30.47 -10.55 -70.34
CA ARG A 15 29.24 -10.43 -69.57
C ARG A 15 28.02 -10.50 -70.48
N LEU A 16 26.85 -10.46 -69.86
CA LEU A 16 25.58 -10.55 -70.59
C LEU A 16 25.11 -9.17 -71.02
N GLY A 17 24.76 -9.04 -72.30
CA GLY A 17 24.22 -7.81 -72.83
C GLY A 17 25.21 -6.68 -73.03
N SER A 18 26.51 -6.96 -72.95
CA SER A 18 27.52 -5.93 -73.13
C SER A 18 27.98 -5.90 -74.59
N ASP A 19 29.04 -5.15 -74.86
CA ASP A 19 29.61 -5.03 -76.20
C ASP A 19 31.09 -5.40 -76.17
N VAL A 20 31.54 -6.11 -77.20
CA VAL A 20 32.91 -6.57 -77.27
C VAL A 20 33.28 -6.82 -78.72
N THR A 21 34.49 -6.44 -79.09
CA THR A 21 35.04 -6.69 -80.42
C THR A 21 35.97 -7.90 -80.37
N LEU A 22 36.10 -8.57 -81.51
CA LEU A 22 36.88 -9.80 -81.60
C LEU A 22 37.63 -9.83 -82.93
N PRO A 23 38.88 -9.39 -82.96
CA PRO A 23 39.71 -9.57 -84.15
C PRO A 23 40.50 -10.87 -84.11
N CYS A 24 40.80 -11.38 -85.30
CA CYS A 24 41.55 -12.63 -85.44
C CYS A 24 42.98 -12.29 -85.83
N GLY A 25 43.87 -12.30 -84.84
CA GLY A 25 45.27 -12.03 -85.09
C GLY A 25 45.58 -10.55 -85.20
N THR A 26 46.81 -10.27 -85.60
CA THR A 26 47.30 -8.90 -85.79
C THR A 26 47.26 -8.46 -87.24
N ALA A 27 46.28 -8.93 -88.00
CA ALA A 27 46.17 -8.57 -89.41
C ALA A 27 45.80 -7.10 -89.56
N ASN A 28 45.99 -6.60 -90.78
CA ASN A 28 45.68 -5.20 -91.08
C ASN A 28 44.17 -4.97 -91.09
N TRP A 29 43.78 -3.70 -91.09
CA TRP A 29 42.38 -3.34 -91.06
C TRP A 29 41.73 -3.44 -92.44
N ASP A 30 42.51 -3.36 -93.52
CA ASP A 30 41.99 -3.40 -94.88
C ASP A 30 42.16 -4.79 -95.52
N ALA A 31 42.04 -5.84 -94.72
CA ALA A 31 42.17 -7.20 -95.21
C ALA A 31 40.80 -7.84 -95.39
N ALA A 32 40.75 -8.89 -96.22
CA ALA A 32 39.52 -9.62 -96.48
C ALA A 32 39.34 -10.67 -95.38
N VAL A 33 38.39 -10.44 -94.49
CA VAL A 33 38.16 -11.29 -93.33
C VAL A 33 36.72 -11.80 -93.37
N THR A 34 36.56 -13.12 -93.26
CA THR A 34 35.26 -13.76 -93.16
C THR A 34 35.24 -14.64 -91.92
N TRP A 35 34.12 -14.63 -91.20
CA TRP A 35 33.99 -15.37 -89.96
C TRP A 35 32.99 -16.51 -90.11
N ARG A 36 33.16 -17.54 -89.27
CA ARG A 36 32.30 -18.71 -89.28
C ARG A 36 32.08 -19.18 -87.86
N VAL A 37 30.85 -19.61 -87.55
CA VAL A 37 30.50 -20.15 -86.25
C VAL A 37 29.82 -21.50 -86.44
N ASN A 38 30.32 -22.52 -85.74
CA ASN A 38 29.76 -23.87 -85.75
C ASN A 38 29.62 -24.45 -87.15
N GLY A 39 30.35 -23.91 -88.12
CA GLY A 39 30.36 -24.45 -89.48
C GLY A 39 29.55 -23.71 -90.51
N THR A 40 28.99 -22.55 -90.17
CA THR A 40 28.24 -21.74 -91.13
C THR A 40 28.84 -20.35 -91.22
N ASP A 41 28.69 -19.74 -92.38
CA ASP A 41 29.28 -18.43 -92.64
C ASP A 41 28.43 -17.32 -92.00
N LEU A 42 29.08 -16.18 -91.75
CA LEU A 42 28.42 -15.02 -91.18
C LEU A 42 28.08 -14.01 -92.26
N ALA A 43 27.27 -13.03 -91.89
CA ALA A 43 26.85 -11.99 -92.82
C ALA A 43 27.90 -10.88 -92.86
N PRO A 44 28.16 -10.30 -94.04
CA PRO A 44 29.14 -9.21 -94.14
C PRO A 44 28.72 -7.93 -93.44
N ASP A 45 27.45 -7.80 -93.05
CA ASP A 45 26.96 -6.60 -92.39
C ASP A 45 27.37 -6.52 -90.92
N LEU A 46 28.07 -7.52 -90.40
CA LEU A 46 28.48 -7.55 -89.01
C LEU A 46 29.95 -7.24 -88.80
N LEU A 47 30.75 -7.25 -89.87
CA LEU A 47 32.19 -7.05 -89.76
C LEU A 47 32.51 -5.56 -89.75
N ASN A 48 33.31 -5.14 -88.77
CA ASN A 48 33.81 -3.77 -88.68
C ASN A 48 35.26 -3.78 -89.18
N GLY A 49 35.40 -3.83 -90.50
CA GLY A 49 36.72 -3.92 -91.11
C GLY A 49 37.28 -5.33 -91.04
N SER A 50 38.25 -5.54 -90.15
CA SER A 50 38.82 -6.87 -89.92
C SER A 50 38.44 -7.43 -88.56
N GLN A 51 37.58 -6.75 -87.81
CA GLN A 51 37.14 -7.21 -86.49
C GLN A 51 35.66 -7.53 -86.53
N LEU A 52 35.21 -8.28 -85.51
CA LEU A 52 33.82 -8.67 -85.37
C LEU A 52 33.29 -8.11 -84.05
N VAL A 53 32.28 -7.26 -84.14
CA VAL A 53 31.66 -6.64 -82.97
C VAL A 53 30.31 -7.31 -82.72
N LEU A 54 30.02 -7.58 -81.45
CA LEU A 54 28.78 -8.21 -81.03
C LEU A 54 28.05 -7.26 -80.09
N HIS A 55 26.87 -6.80 -80.52
CA HIS A 55 26.09 -5.81 -79.78
C HIS A 55 25.03 -6.52 -78.96
N GLY A 56 25.17 -6.45 -77.63
CA GLY A 56 24.19 -7.04 -76.73
C GLY A 56 24.08 -8.55 -76.86
N LEU A 57 25.15 -9.25 -76.46
CA LEU A 57 25.18 -10.70 -76.60
C LEU A 57 24.18 -11.37 -75.67
N GLU A 58 23.55 -12.44 -76.16
CA GLU A 58 22.66 -13.28 -75.37
C GLU A 58 23.33 -14.64 -75.13
N LEU A 59 22.58 -15.56 -74.53
CA LEU A 59 23.12 -16.88 -74.26
C LEU A 59 23.35 -17.70 -75.52
N GLY A 60 22.67 -17.37 -76.62
CA GLY A 60 22.75 -18.18 -77.82
C GLY A 60 23.87 -17.80 -78.76
N HIS A 61 24.84 -17.02 -78.28
CA HIS A 61 25.97 -16.59 -79.10
C HIS A 61 27.28 -17.22 -78.67
N SER A 62 27.28 -18.06 -77.64
CA SER A 62 28.51 -18.71 -77.19
C SER A 62 28.87 -19.85 -78.13
N GLY A 63 30.17 -20.12 -78.22
CA GLY A 63 30.66 -21.19 -79.07
C GLY A 63 32.07 -20.87 -79.54
N LEU A 64 32.42 -21.48 -80.68
CA LEU A 64 33.74 -21.32 -81.28
C LEU A 64 33.65 -20.29 -82.39
N TYR A 65 34.38 -19.18 -82.22
CA TYR A 65 34.44 -18.12 -83.22
C TYR A 65 35.64 -18.37 -84.13
N ALA A 66 35.37 -18.74 -85.38
CA ALA A 66 36.40 -19.08 -86.35
C ALA A 66 36.53 -17.98 -87.38
N CYS A 67 37.76 -17.61 -87.70
CA CYS A 67 38.06 -16.56 -88.68
C CYS A 67 38.91 -17.17 -89.78
N PHE A 68 38.36 -17.21 -90.99
CA PHE A 68 39.01 -17.80 -92.15
C PHE A 68 39.32 -16.74 -93.19
N HIS A 69 40.02 -17.16 -94.24
CA HIS A 69 40.30 -16.30 -95.38
C HIS A 69 39.08 -16.22 -96.29
N ARG A 70 39.04 -15.17 -97.11
CA ARG A 70 37.90 -14.94 -97.99
C ARG A 70 37.83 -16.03 -99.05
N ASP A 71 36.69 -16.72 -99.10
CA ASP A 71 36.42 -17.76 -100.10
C ASP A 71 37.47 -18.86 -100.05
N SER A 72 37.72 -19.36 -98.84
CA SER A 72 38.67 -20.46 -98.65
C SER A 72 38.42 -21.07 -97.27
N TRP A 73 39.26 -22.04 -96.90
CA TRP A 73 39.17 -22.71 -95.62
C TRP A 73 40.47 -22.59 -94.83
N HIS A 74 41.21 -21.49 -95.05
CA HIS A 74 42.48 -21.26 -94.37
C HIS A 74 42.22 -20.58 -93.03
N LEU A 75 42.54 -21.28 -91.94
CA LEU A 75 42.31 -20.78 -90.60
C LEU A 75 43.47 -19.91 -90.14
N ARG A 76 43.16 -18.89 -89.35
CA ARG A 76 44.15 -17.96 -88.84
C ARG A 76 44.12 -17.82 -87.32
N HIS A 77 42.94 -17.82 -86.71
CA HIS A 77 42.83 -17.60 -85.28
C HIS A 77 41.53 -18.22 -84.77
N GLN A 78 41.64 -19.04 -83.73
CA GLN A 78 40.48 -19.67 -83.10
C GLN A 78 40.36 -19.18 -81.66
N VAL A 79 39.12 -19.03 -81.21
CA VAL A 79 38.85 -18.52 -79.87
C VAL A 79 37.46 -18.98 -79.46
N LEU A 80 37.35 -19.46 -78.23
CA LEU A 80 36.08 -19.89 -77.66
C LEU A 80 35.51 -18.76 -76.81
N LEU A 81 34.23 -18.44 -77.04
CA LEU A 81 33.55 -17.38 -76.32
C LEU A 81 32.52 -17.98 -75.37
N HIS A 82 32.59 -17.59 -74.10
CA HIS A 82 31.67 -18.06 -73.08
C HIS A 82 31.08 -16.87 -72.35
N VAL A 83 29.75 -16.77 -72.35
CA VAL A 83 29.04 -15.67 -71.71
C VAL A 83 28.52 -16.15 -70.36
N GLY A 84 28.75 -15.34 -69.31
CA GLY A 84 28.34 -15.71 -67.97
C GLY A 84 27.84 -14.50 -67.21
N LEU A 85 27.43 -14.75 -65.97
CA LEU A 85 26.91 -13.73 -65.08
C LEU A 85 27.80 -13.63 -63.84
N PRO A 86 28.17 -12.43 -63.40
CA PRO A 86 28.96 -12.30 -62.17
C PRO A 86 28.23 -12.89 -60.98
N PRO A 87 28.94 -13.51 -60.05
CA PRO A 87 28.29 -14.20 -58.94
C PRO A 87 27.65 -13.24 -57.96
N ARG A 88 26.60 -13.73 -57.30
CA ARG A 88 25.90 -12.98 -56.26
C ARG A 88 26.35 -13.48 -54.90
N GLU A 89 25.69 -13.00 -53.85
CA GLU A 89 26.02 -13.43 -52.50
C GLU A 89 25.54 -14.86 -52.27
N PRO A 90 26.40 -15.76 -51.81
CA PRO A 90 25.97 -17.14 -51.56
C PRO A 90 25.04 -17.23 -50.36
N VAL A 91 24.36 -18.36 -50.27
CA VAL A 91 23.44 -18.67 -49.17
C VAL A 91 24.13 -19.66 -48.25
N LEU A 92 24.39 -19.24 -47.02
CA LEU A 92 25.10 -20.05 -46.05
C LEU A 92 24.28 -20.19 -44.79
N SER A 93 24.05 -21.44 -44.37
CA SER A 93 23.32 -21.73 -43.13
C SER A 93 23.72 -23.13 -42.69
N CYS A 94 24.34 -23.24 -41.53
CA CYS A 94 24.93 -24.50 -41.11
C CYS A 94 24.02 -25.24 -40.11
N ARG A 95 24.30 -26.52 -39.95
CA ARG A 95 23.45 -27.41 -39.15
C ARG A 95 24.30 -28.57 -38.66
N SER A 96 24.08 -28.96 -37.41
CA SER A 96 24.83 -30.05 -36.78
C SER A 96 23.91 -31.27 -36.73
N ASN A 97 24.15 -32.23 -37.63
CA ASN A 97 23.38 -33.47 -37.62
C ASN A 97 23.70 -34.33 -36.40
N THR A 98 24.92 -34.19 -35.86
CA THR A 98 25.35 -34.96 -34.70
C THR A 98 25.84 -33.97 -33.64
N TYR A 99 25.16 -33.96 -32.49
CA TYR A 99 25.55 -33.02 -31.43
C TYR A 99 26.88 -33.38 -30.80
N PRO A 100 27.17 -34.63 -30.42
CA PRO A 100 28.50 -34.92 -29.88
C PRO A 100 29.63 -34.67 -30.86
N LYS A 101 29.42 -34.90 -32.14
CA LYS A 101 30.42 -34.64 -33.16
C LYS A 101 30.26 -33.22 -33.69
N GLY A 102 30.96 -32.90 -34.77
CA GLY A 102 30.92 -31.57 -35.35
C GLY A 102 29.69 -31.32 -36.19
N PHE A 103 29.80 -30.34 -37.08
CA PHE A 103 28.70 -29.92 -37.94
C PHE A 103 29.18 -29.85 -39.38
N TYR A 104 28.24 -29.56 -40.29
CA TYR A 104 28.52 -29.50 -41.71
C TYR A 104 27.50 -28.59 -42.38
N CYS A 105 27.89 -28.00 -43.50
CA CYS A 105 26.98 -27.13 -44.24
C CYS A 105 27.50 -26.92 -45.65
N SER A 106 26.61 -26.39 -46.51
CA SER A 106 26.87 -26.19 -47.92
C SER A 106 26.73 -24.72 -48.28
N TRP A 107 27.12 -24.39 -49.50
CA TRP A 107 27.01 -23.04 -50.04
C TRP A 107 26.61 -23.11 -51.49
N HIS A 108 25.64 -22.28 -51.88
CA HIS A 108 25.15 -22.27 -53.26
C HIS A 108 24.66 -20.87 -53.61
N LEU A 109 24.75 -20.54 -54.88
CA LEU A 109 24.32 -19.23 -55.36
C LEU A 109 22.82 -19.23 -55.63
N PRO A 110 22.13 -18.11 -55.38
CA PRO A 110 20.69 -18.07 -55.70
C PRO A 110 20.41 -18.14 -57.19
N THR A 111 21.23 -17.47 -58.01
CA THR A 111 21.10 -17.51 -59.46
C THR A 111 22.22 -18.34 -60.04
N PRO A 112 21.93 -19.41 -60.77
CA PRO A 112 23.00 -20.25 -61.32
C PRO A 112 23.76 -19.53 -62.43
N THR A 113 25.05 -19.82 -62.50
CA THR A 113 25.94 -19.23 -63.49
C THR A 113 26.40 -20.30 -64.48
N TYR A 114 26.94 -19.83 -65.61
CA TYR A 114 27.40 -20.70 -66.68
C TYR A 114 28.92 -20.83 -66.70
N ILE A 115 29.60 -20.50 -65.60
CA ILE A 115 31.05 -20.61 -65.51
C ILE A 115 31.38 -21.24 -64.16
N PRO A 116 32.25 -22.24 -64.09
CA PRO A 116 32.61 -22.81 -62.78
C PRO A 116 33.41 -21.80 -61.95
N ASN A 117 33.02 -21.66 -60.70
CA ASN A 117 33.63 -20.72 -59.78
C ASN A 117 34.60 -21.42 -58.83
N THR A 118 35.34 -20.62 -58.07
CA THR A 118 36.25 -21.10 -57.05
C THR A 118 35.79 -20.60 -55.70
N PHE A 119 35.69 -21.51 -54.73
CA PHE A 119 35.15 -21.21 -53.41
C PHE A 119 36.26 -21.25 -52.36
N ASN A 120 36.03 -20.52 -51.27
CA ASN A 120 36.96 -20.47 -50.15
C ASN A 120 36.22 -20.76 -48.86
N VAL A 121 36.90 -21.42 -47.93
CA VAL A 121 36.34 -21.77 -46.64
C VAL A 121 37.31 -21.35 -45.55
N THR A 122 36.79 -20.69 -44.52
CA THR A 122 37.63 -20.22 -43.41
C THR A 122 36.74 -20.05 -42.19
N VAL A 123 37.04 -20.78 -41.11
CA VAL A 123 36.30 -20.70 -39.86
C VAL A 123 37.20 -20.09 -38.81
N LEU A 124 36.64 -19.21 -37.99
CA LEU A 124 37.40 -18.49 -36.98
C LEU A 124 37.25 -19.09 -35.58
N HIS A 125 36.01 -19.26 -35.10
CA HIS A 125 35.73 -19.75 -33.76
C HIS A 125 36.43 -18.89 -32.71
N GLY A 126 36.10 -17.61 -32.74
CA GLY A 126 36.75 -16.64 -31.86
C GLY A 126 38.09 -16.22 -32.40
N SER A 127 39.17 -16.72 -31.80
CA SER A 127 40.54 -16.49 -32.28
C SER A 127 41.21 -17.85 -32.35
N LYS A 128 41.02 -18.55 -33.46
CA LYS A 128 41.58 -19.89 -33.65
C LYS A 128 41.63 -20.16 -35.15
N ILE A 129 41.99 -21.40 -35.51
CA ILE A 129 42.08 -21.82 -36.89
C ILE A 129 41.49 -23.21 -37.02
N MET A 130 40.54 -23.38 -37.94
CA MET A 130 39.91 -24.66 -38.20
C MET A 130 40.45 -25.25 -39.50
N VAL A 131 40.06 -26.49 -39.77
CA VAL A 131 40.59 -27.26 -40.89
C VAL A 131 39.62 -27.30 -42.07
N CYS A 132 38.39 -27.73 -41.83
CA CYS A 132 37.42 -28.02 -42.88
C CYS A 132 37.99 -29.00 -43.90
N GLU A 133 38.28 -30.21 -43.41
CA GLU A 133 38.71 -31.29 -44.27
C GLU A 133 37.48 -31.99 -44.85
N LYS A 134 37.49 -32.21 -46.17
CA LYS A 134 36.32 -32.76 -46.85
C LYS A 134 36.75 -33.73 -47.93
N ASP A 135 36.34 -34.98 -47.80
CA ASP A 135 36.43 -35.98 -48.87
C ASP A 135 35.06 -36.61 -49.09
N PRO A 136 34.03 -35.80 -49.38
CA PRO A 136 32.68 -36.34 -49.42
C PRO A 136 32.27 -36.85 -50.79
N ALA A 137 31.03 -37.33 -50.91
CA ALA A 137 30.50 -37.72 -52.21
C ALA A 137 30.11 -36.49 -53.03
N LEU A 138 29.24 -35.65 -52.46
CA LEU A 138 28.83 -34.41 -53.09
C LEU A 138 29.65 -33.25 -52.52
N LYS A 139 29.90 -32.25 -53.37
CA LYS A 139 30.75 -31.14 -53.00
C LYS A 139 30.01 -30.20 -52.03
N ASN A 140 30.68 -29.12 -51.65
CA ASN A 140 30.14 -28.08 -50.78
C ASN A 140 29.70 -28.66 -49.43
N ARG A 141 30.69 -29.12 -48.68
CA ARG A 141 30.45 -29.65 -47.34
C ARG A 141 31.75 -29.60 -46.57
N CYS A 142 31.82 -28.75 -45.55
CA CYS A 142 33.03 -28.66 -44.74
C CYS A 142 33.23 -29.90 -43.89
N HIS A 143 32.18 -30.34 -43.20
CA HIS A 143 32.24 -31.48 -42.28
C HIS A 143 33.29 -31.25 -41.20
N ILE A 144 33.15 -30.12 -40.50
CA ILE A 144 34.05 -29.78 -39.41
C ILE A 144 33.71 -30.61 -38.18
N ARG A 145 34.72 -30.82 -37.32
CA ARG A 145 34.56 -31.58 -36.10
C ARG A 145 34.72 -30.66 -34.90
N TYR A 146 33.99 -30.98 -33.82
CA TYR A 146 34.05 -30.18 -32.61
C TYR A 146 35.25 -30.58 -31.75
N MET A 147 35.59 -29.71 -30.81
CA MET A 147 36.71 -29.94 -29.91
C MET A 147 36.40 -29.70 -28.44
N HIS A 148 35.38 -28.91 -28.11
CA HIS A 148 35.04 -28.62 -26.73
C HIS A 148 33.52 -28.60 -26.58
N LEU A 149 33.08 -28.45 -25.33
CA LEU A 149 31.66 -28.38 -25.00
C LEU A 149 31.42 -27.15 -24.14
N PHE A 150 30.37 -26.40 -24.46
CA PHE A 150 30.03 -25.16 -23.76
C PHE A 150 31.22 -24.20 -23.72
N SER A 151 31.82 -24.00 -24.90
CA SER A 151 32.99 -23.14 -25.00
C SER A 151 32.67 -21.67 -24.81
N THR A 152 31.39 -21.29 -24.93
CA THR A 152 30.96 -19.90 -24.78
C THR A 152 31.69 -19.00 -25.78
N ILE A 153 31.82 -19.47 -27.01
CA ILE A 153 32.47 -18.73 -28.09
C ILE A 153 31.63 -18.92 -29.35
N LYS A 154 31.18 -17.81 -29.93
CA LYS A 154 30.35 -17.86 -31.13
C LYS A 154 31.21 -18.20 -32.34
N TYR A 155 30.81 -19.25 -33.07
CA TYR A 155 31.53 -19.65 -34.27
C TYR A 155 31.26 -18.65 -35.39
N LYS A 156 32.29 -18.41 -36.21
CA LYS A 156 32.20 -17.50 -37.34
C LYS A 156 32.81 -18.15 -38.57
N VAL A 157 31.99 -18.35 -39.60
CA VAL A 157 32.44 -18.94 -40.85
C VAL A 157 32.10 -17.98 -41.99
N SER A 158 32.95 -17.94 -43.01
CA SER A 158 32.78 -17.07 -44.15
C SER A 158 32.97 -17.85 -45.44
N ILE A 159 32.16 -17.55 -46.44
CA ILE A 159 32.20 -18.19 -47.75
C ILE A 159 32.54 -17.13 -48.79
N SER A 160 33.50 -17.46 -49.66
CA SER A 160 33.93 -16.56 -50.72
C SER A 160 33.78 -17.26 -52.06
N VAL A 161 33.51 -16.47 -53.10
CA VAL A 161 33.32 -16.97 -54.45
C VAL A 161 34.23 -16.19 -55.39
N SER A 162 34.94 -16.90 -56.27
CA SER A 162 35.85 -16.30 -57.22
C SER A 162 35.34 -16.55 -58.64
N ASN A 163 35.49 -15.55 -59.51
CA ASN A 163 35.03 -15.64 -60.87
C ASN A 163 35.79 -14.62 -61.71
N ALA A 164 35.84 -14.88 -63.03
CA ALA A 164 36.52 -13.99 -63.94
C ALA A 164 35.76 -12.70 -64.18
N LEU A 165 34.49 -12.62 -63.79
CA LEU A 165 33.68 -11.43 -63.95
C LEU A 165 33.46 -10.66 -62.66
N GLY A 166 33.65 -11.29 -61.51
CA GLY A 166 33.47 -10.60 -60.24
C GLY A 166 33.70 -11.53 -59.08
N HIS A 167 33.31 -11.06 -57.90
CA HIS A 167 33.47 -11.84 -56.68
C HIS A 167 32.50 -11.30 -55.64
N ASN A 168 32.31 -12.08 -54.57
CA ASN A 168 31.43 -11.70 -53.49
C ASN A 168 31.90 -12.37 -52.21
N ALA A 169 31.25 -12.02 -51.10
CA ALA A 169 31.61 -12.57 -49.80
C ALA A 169 30.39 -12.55 -48.89
N THR A 170 30.33 -13.52 -47.99
CA THR A 170 29.24 -13.64 -47.03
C THR A 170 29.75 -14.35 -45.78
N ALA A 171 29.44 -13.79 -44.62
CA ALA A 171 29.86 -14.35 -43.35
C ALA A 171 28.71 -14.33 -42.36
N ILE A 172 28.57 -15.39 -41.58
CA ILE A 172 27.53 -15.52 -40.58
C ILE A 172 28.14 -15.94 -39.26
N THR A 173 27.36 -15.80 -38.19
CA THR A 173 27.78 -16.17 -36.85
C THR A 173 26.69 -16.98 -36.18
N PHE A 174 27.10 -17.95 -35.36
CA PHE A 174 26.17 -18.84 -34.68
C PHE A 174 26.89 -19.48 -33.50
N ASP A 175 26.18 -20.36 -32.80
CA ASP A 175 26.73 -21.09 -31.67
C ASP A 175 26.31 -22.55 -31.78
N GLU A 176 26.90 -23.38 -30.92
CA GLU A 176 26.64 -24.81 -30.94
C GLU A 176 25.28 -25.19 -30.34
N PHE A 177 24.59 -24.25 -29.71
CA PHE A 177 23.32 -24.55 -29.06
C PHE A 177 22.11 -24.33 -29.97
N THR A 178 22.23 -23.47 -30.98
CA THR A 178 21.09 -23.13 -31.82
C THR A 178 20.97 -24.06 -33.03
N ILE A 179 22.07 -24.32 -33.73
CA ILE A 179 22.03 -25.10 -34.98
C ILE A 179 22.22 -26.56 -34.57
N VAL A 180 21.11 -27.19 -34.18
CA VAL A 180 21.09 -28.60 -33.81
C VAL A 180 19.79 -29.20 -34.36
N LYS A 181 19.92 -30.13 -35.30
CA LYS A 181 18.76 -30.78 -35.88
C LYS A 181 19.12 -32.19 -36.36
N PRO A 182 18.66 -33.22 -35.69
CA PRO A 182 18.98 -34.59 -36.10
C PRO A 182 18.15 -35.00 -37.32
N ASP A 183 18.38 -36.22 -37.78
CA ASP A 183 17.67 -36.77 -38.92
C ASP A 183 16.38 -37.44 -38.48
N PRO A 184 15.38 -37.49 -39.36
CA PRO A 184 14.11 -38.14 -39.01
C PRO A 184 14.31 -39.62 -38.73
N PRO A 185 13.42 -40.24 -37.96
CA PRO A 185 13.56 -41.66 -37.65
C PRO A 185 13.37 -42.53 -38.89
N GLU A 186 13.88 -43.76 -38.78
CA GLU A 186 13.85 -44.71 -39.88
C GLU A 186 12.99 -45.91 -39.51
N ASN A 187 12.42 -46.54 -40.53
CA ASN A 187 11.63 -47.77 -40.38
C ASN A 187 10.45 -47.58 -39.43
N VAL A 188 9.55 -46.69 -39.83
CA VAL A 188 8.32 -46.43 -39.08
C VAL A 188 7.26 -47.39 -39.58
N VAL A 189 6.94 -48.40 -38.77
CA VAL A 189 5.97 -49.43 -39.12
C VAL A 189 4.93 -49.51 -38.01
N ALA A 190 3.66 -49.52 -38.38
CA ALA A 190 2.56 -49.61 -37.44
C ALA A 190 1.83 -50.95 -37.60
N ARG A 191 1.50 -51.57 -36.47
CA ARG A 191 0.82 -52.85 -36.45
C ARG A 191 -0.45 -52.75 -35.62
N PRO A 192 -1.50 -53.45 -36.01
CA PRO A 192 -2.76 -53.40 -35.26
C PRO A 192 -2.69 -54.27 -34.00
N VAL A 193 -3.77 -54.24 -33.23
CA VAL A 193 -3.88 -55.02 -32.00
C VAL A 193 -5.17 -55.82 -32.05
N PRO A 194 -5.13 -57.15 -31.82
CA PRO A 194 -6.35 -57.95 -31.93
C PRO A 194 -7.33 -57.74 -30.79
N SER A 195 -6.88 -57.25 -29.63
CA SER A 195 -7.77 -57.12 -28.48
C SER A 195 -8.72 -55.95 -28.65
N ASN A 196 -8.18 -54.73 -28.78
CA ASN A 196 -9.00 -53.55 -28.90
C ASN A 196 -9.11 -53.13 -30.36
N PRO A 197 -10.31 -53.00 -30.91
CA PRO A 197 -10.42 -52.58 -32.32
C PRO A 197 -10.08 -51.11 -32.53
N ARG A 198 -10.47 -50.25 -31.59
CA ARG A 198 -10.20 -48.81 -31.70
C ARG A 198 -8.87 -48.47 -31.03
N ARG A 199 -7.81 -49.13 -31.50
CA ARG A 199 -6.48 -48.92 -30.96
C ARG A 199 -5.46 -49.34 -32.01
N LEU A 200 -4.35 -48.60 -32.06
CA LEU A 200 -3.29 -48.86 -33.02
C LEU A 200 -1.95 -48.78 -32.31
N GLU A 201 -1.01 -49.63 -32.74
CA GLU A 201 0.33 -49.68 -32.19
C GLU A 201 1.31 -49.22 -33.25
N VAL A 202 2.07 -48.18 -32.94
CA VAL A 202 3.06 -47.62 -33.86
C VAL A 202 4.44 -47.75 -33.22
N THR A 203 5.40 -48.26 -33.99
CA THR A 203 6.76 -48.45 -33.52
C THR A 203 7.73 -47.85 -34.54
N TRP A 204 8.73 -47.14 -34.04
CA TRP A 204 9.76 -46.52 -34.87
C TRP A 204 11.14 -46.89 -34.31
N GLN A 205 12.18 -46.34 -34.94
CA GLN A 205 13.54 -46.63 -34.52
C GLN A 205 14.33 -45.33 -34.30
N THR A 206 15.63 -45.48 -34.05
CA THR A 206 16.52 -44.34 -33.83
C THR A 206 17.45 -44.19 -35.01
N PRO A 207 17.63 -42.98 -35.54
CA PRO A 207 18.57 -42.80 -36.67
C PRO A 207 19.99 -43.18 -36.27
N SER A 208 20.66 -43.89 -37.18
CA SER A 208 22.02 -44.37 -36.91
C SER A 208 23.05 -43.25 -36.91
N THR A 209 22.68 -42.03 -37.29
CA THR A 209 23.63 -40.93 -37.29
C THR A 209 23.99 -40.51 -35.87
N TRP A 210 23.03 -40.56 -34.95
CA TRP A 210 23.26 -40.19 -33.55
C TRP A 210 24.23 -41.17 -32.91
N PRO A 211 25.43 -40.72 -32.51
CA PRO A 211 26.42 -41.65 -31.99
C PRO A 211 26.11 -42.13 -30.58
N ASP A 212 25.57 -41.24 -29.73
CA ASP A 212 25.29 -41.53 -28.33
C ASP A 212 23.80 -41.32 -28.07
N PRO A 213 22.96 -42.31 -28.37
CA PRO A 213 21.53 -42.18 -28.05
C PRO A 213 21.20 -42.39 -26.59
N GLU A 214 22.12 -42.94 -25.80
CA GLU A 214 21.88 -43.16 -24.38
C GLU A 214 22.35 -42.01 -23.51
N SER A 215 23.41 -41.31 -23.93
CA SER A 215 23.89 -40.16 -23.16
C SER A 215 23.08 -38.90 -23.48
N PHE A 216 22.76 -38.70 -24.76
CA PHE A 216 21.94 -37.57 -25.17
C PHE A 216 20.61 -38.07 -25.72
N PRO A 217 19.60 -38.22 -24.86
CA PRO A 217 18.32 -38.76 -25.32
C PRO A 217 17.58 -37.76 -26.21
N LEU A 218 16.65 -38.28 -27.00
CA LEU A 218 15.84 -37.49 -27.90
C LEU A 218 14.38 -37.52 -27.46
N LYS A 219 13.66 -36.46 -27.79
CA LYS A 219 12.24 -36.33 -27.48
C LYS A 219 11.45 -36.49 -28.78
N PHE A 220 10.72 -37.60 -28.88
CA PHE A 220 10.02 -37.92 -30.12
C PHE A 220 8.69 -37.17 -30.21
N PHE A 221 8.14 -37.14 -31.42
CA PHE A 221 6.86 -36.51 -31.70
C PHE A 221 6.09 -37.40 -32.65
N LEU A 222 4.78 -37.48 -32.45
CA LEU A 222 3.92 -38.36 -33.24
C LEU A 222 2.75 -37.56 -33.80
N ARG A 223 2.38 -37.84 -35.04
CA ARG A 223 1.26 -37.20 -35.71
C ARG A 223 0.42 -38.26 -36.41
N TYR A 224 -0.87 -38.30 -36.09
CA TYR A 224 -1.80 -39.26 -36.65
C TYR A 224 -2.95 -38.54 -37.33
N ARG A 225 -3.45 -39.13 -38.42
CA ARG A 225 -4.50 -38.51 -39.21
C ARG A 225 -5.14 -39.52 -40.16
N PRO A 226 -6.47 -39.49 -40.32
CA PRO A 226 -7.10 -40.32 -41.35
C PRO A 226 -6.82 -39.80 -42.75
N LEU A 227 -7.25 -40.54 -43.78
CA LEU A 227 -7.06 -40.10 -45.15
C LEU A 227 -8.21 -39.24 -45.65
N ILE A 228 -9.43 -39.48 -45.17
CA ILE A 228 -10.59 -38.70 -45.60
C ILE A 228 -10.83 -37.48 -44.72
N LEU A 229 -10.29 -37.44 -43.52
CA LEU A 229 -10.49 -36.31 -42.61
C LEU A 229 -9.48 -35.19 -42.83
N ASP A 230 -8.29 -35.53 -43.34
CA ASP A 230 -7.21 -34.59 -43.65
C ASP A 230 -7.03 -33.50 -42.60
N GLN A 231 -7.01 -33.87 -41.33
CA GLN A 231 -6.72 -32.95 -40.24
C GLN A 231 -5.81 -33.63 -39.23
N TRP A 232 -4.62 -33.08 -39.03
CA TRP A 232 -3.61 -33.65 -38.15
C TRP A 232 -3.84 -33.20 -36.71
N GLN A 233 -3.61 -34.11 -35.77
CA GLN A 233 -3.69 -33.82 -34.34
C GLN A 233 -2.32 -34.08 -33.73
N HIS A 234 -1.78 -33.07 -33.05
CA HIS A 234 -0.43 -33.14 -32.51
C HIS A 234 -0.43 -33.73 -31.10
N VAL A 235 0.52 -34.62 -30.85
CA VAL A 235 0.73 -35.22 -29.54
C VAL A 235 2.22 -35.32 -29.30
N GLU A 236 2.67 -34.94 -28.10
CA GLU A 236 4.08 -34.96 -27.73
C GLU A 236 4.35 -36.17 -26.84
N LEU A 237 5.45 -36.86 -27.11
CA LEU A 237 5.85 -38.05 -26.38
C LEU A 237 7.16 -37.82 -25.62
N SER A 238 7.39 -38.66 -24.62
CA SER A 238 8.62 -38.62 -23.85
C SER A 238 9.62 -39.60 -24.46
N ASP A 239 10.70 -39.88 -23.75
CA ASP A 239 11.70 -40.83 -24.22
C ASP A 239 11.10 -42.22 -24.34
N GLY A 240 11.20 -42.80 -25.53
CA GLY A 240 10.65 -44.11 -25.81
C GLY A 240 10.29 -44.23 -27.28
N THR A 241 10.43 -45.45 -27.79
CA THR A 241 10.15 -45.76 -29.19
C THR A 241 8.86 -46.56 -29.35
N ALA A 242 7.86 -46.26 -28.52
CA ALA A 242 6.58 -46.95 -28.58
C ALA A 242 5.48 -45.97 -28.22
N HIS A 243 4.30 -46.19 -28.80
CA HIS A 243 3.14 -45.33 -28.56
C HIS A 243 1.87 -46.16 -28.69
N THR A 244 0.86 -45.77 -27.92
CA THR A 244 -0.44 -46.42 -27.92
C THR A 244 -1.51 -45.35 -28.12
N ILE A 245 -2.09 -45.31 -29.32
CA ILE A 245 -3.11 -44.33 -29.67
C ILE A 245 -4.48 -44.98 -29.57
N THR A 246 -5.42 -44.28 -28.96
CA THR A 246 -6.79 -44.78 -28.78
C THR A 246 -7.80 -44.04 -29.63
N ASP A 247 -7.36 -43.13 -30.50
CA ASP A 247 -8.24 -42.36 -31.36
C ASP A 247 -8.43 -43.01 -32.72
N ALA A 248 -8.14 -44.30 -32.84
CA ALA A 248 -8.29 -45.00 -34.10
C ALA A 248 -9.76 -45.33 -34.36
N TYR A 249 -10.14 -45.31 -35.63
CA TYR A 249 -11.51 -45.62 -36.02
C TYR A 249 -11.70 -47.12 -36.17
N ALA A 250 -12.95 -47.52 -36.44
CA ALA A 250 -13.25 -48.94 -36.58
C ALA A 250 -12.89 -49.47 -37.96
N GLY A 251 -13.11 -48.67 -39.01
CA GLY A 251 -12.85 -49.10 -40.36
C GLY A 251 -12.20 -48.05 -41.23
N LYS A 252 -11.41 -47.17 -40.64
CA LYS A 252 -10.73 -46.12 -41.38
C LYS A 252 -9.22 -46.27 -41.24
N GLU A 253 -8.50 -45.85 -42.27
CA GLU A 253 -7.05 -45.93 -42.29
C GLU A 253 -6.43 -44.65 -41.74
N TYR A 254 -5.17 -44.75 -41.34
CA TYR A 254 -4.46 -43.63 -40.74
C TYR A 254 -3.08 -43.49 -41.36
N ILE A 255 -2.56 -42.26 -41.36
CA ILE A 255 -1.19 -41.96 -41.78
C ILE A 255 -0.43 -41.43 -40.57
N ILE A 256 0.72 -42.03 -40.27
CA ILE A 256 1.51 -41.69 -39.10
C ILE A 256 2.82 -41.06 -39.56
N GLN A 257 3.27 -40.04 -38.83
CA GLN A 257 4.53 -39.37 -39.11
C GLN A 257 5.23 -39.10 -37.79
N VAL A 258 6.51 -39.46 -37.72
CA VAL A 258 7.31 -39.32 -36.51
C VAL A 258 8.45 -38.35 -36.79
N ALA A 259 8.78 -37.54 -35.78
CA ALA A 259 9.86 -36.57 -35.87
C ALA A 259 10.92 -36.89 -34.82
N ALA A 260 11.92 -36.02 -34.71
CA ALA A 260 13.02 -36.22 -33.77
C ALA A 260 13.56 -34.87 -33.34
N LYS A 261 14.00 -34.80 -32.08
CA LYS A 261 14.54 -33.58 -31.50
C LYS A 261 15.20 -33.94 -30.17
N ASP A 262 16.27 -33.21 -29.85
CA ASP A 262 16.95 -33.39 -28.58
C ASP A 262 16.03 -32.93 -27.43
N ASN A 263 16.53 -33.10 -26.21
CA ASN A 263 15.71 -32.80 -25.03
C ASN A 263 15.40 -31.31 -24.93
N GLU A 264 16.45 -30.48 -24.88
CA GLU A 264 16.25 -29.04 -24.76
C GLU A 264 17.21 -28.26 -25.64
N ILE A 265 17.79 -28.91 -26.65
CA ILE A 265 18.78 -28.30 -27.53
C ILE A 265 18.32 -28.46 -28.97
N GLY A 266 18.28 -27.35 -29.71
CA GLY A 266 17.95 -27.39 -31.12
C GLY A 266 16.46 -27.24 -31.39
N THR A 267 16.11 -27.52 -32.64
CA THR A 267 14.73 -27.42 -33.12
C THR A 267 14.26 -28.80 -33.57
N TRP A 268 13.04 -28.84 -34.11
CA TRP A 268 12.44 -30.09 -34.57
C TRP A 268 12.98 -30.46 -35.94
N SER A 269 12.90 -31.76 -36.25
CA SER A 269 13.35 -32.29 -37.52
C SER A 269 12.15 -32.60 -38.42
N ASP A 270 12.45 -33.16 -39.59
CA ASP A 270 11.39 -33.50 -40.54
C ASP A 270 10.64 -34.75 -40.09
N TRP A 271 9.48 -34.97 -40.70
CA TRP A 271 8.63 -36.10 -40.36
C TRP A 271 9.13 -37.36 -41.06
N SER A 272 8.43 -38.47 -40.82
CA SER A 272 8.80 -39.74 -41.42
C SER A 272 8.40 -39.76 -42.90
N VAL A 273 8.75 -40.87 -43.57
CA VAL A 273 8.44 -41.00 -44.99
C VAL A 273 6.96 -41.30 -45.19
N ALA A 274 6.47 -42.38 -44.59
CA ALA A 274 5.08 -42.80 -44.73
C ALA A 274 4.79 -43.88 -43.72
N ALA A 275 3.50 -44.17 -43.53
CA ALA A 275 3.05 -45.21 -42.62
C ALA A 275 1.60 -45.55 -42.95
N HIS A 276 1.32 -46.85 -43.03
CA HIS A 276 -0.02 -47.33 -43.34
C HIS A 276 -0.35 -48.53 -42.47
N ALA A 277 -1.58 -48.55 -41.95
CA ALA A 277 -2.01 -49.64 -41.08
C ALA A 277 -3.53 -49.70 -41.13
N THR A 278 -4.07 -50.84 -40.68
CA THR A 278 -5.51 -51.06 -40.66
C THR A 278 -5.94 -51.55 -39.29
N PRO A 279 -7.09 -51.12 -38.79
CA PRO A 279 -7.55 -51.56 -37.48
C PRO A 279 -8.02 -53.00 -37.50
N TRP A 280 -8.30 -53.52 -36.31
CA TRP A 280 -8.74 -54.91 -36.17
C TRP A 280 -10.24 -55.02 -36.41
N THR A 281 -10.62 -56.10 -37.10
CA THR A 281 -12.02 -56.34 -37.45
C THR A 281 -12.29 -57.83 -37.40
N GLU A 282 -13.28 -58.22 -36.59
CA GLU A 282 -13.69 -59.61 -36.48
C GLU A 282 -14.77 -59.93 -37.50
N GLU A 283 -14.59 -61.04 -38.21
CA GLU A 283 -15.54 -61.47 -39.22
C GLU A 283 -15.58 -62.99 -39.33
N PRO B 7 10.73 -37.96 0.53
CA PRO B 7 10.59 -37.87 -0.93
C PRO B 7 11.79 -38.47 -1.66
N GLY B 8 12.98 -38.33 -1.09
CA GLY B 8 14.18 -38.84 -1.68
C GLY B 8 14.59 -38.06 -2.92
N PRO B 9 15.18 -38.75 -3.90
CA PRO B 9 15.61 -38.09 -5.13
C PRO B 9 14.57 -38.00 -6.23
N GLY B 10 13.33 -38.44 -5.98
CA GLY B 10 12.30 -38.40 -6.97
C GLY B 10 11.83 -37.01 -7.31
N PRO B 11 11.14 -36.36 -6.35
CA PRO B 11 10.63 -35.00 -6.61
C PRO B 11 11.69 -33.93 -6.58
N SER B 12 12.79 -34.14 -5.86
CA SER B 12 13.80 -33.09 -5.73
C SER B 12 14.47 -32.77 -7.06
N ILE B 13 14.82 -33.80 -7.83
CA ILE B 13 15.49 -33.57 -9.11
C ILE B 13 14.54 -32.89 -10.08
N GLN B 14 13.26 -33.28 -10.07
CA GLN B 14 12.28 -32.62 -10.94
C GLN B 14 12.09 -31.17 -10.54
N LYS B 15 12.05 -30.87 -9.25
CA LYS B 15 11.94 -29.50 -8.80
C LYS B 15 13.15 -28.68 -9.24
N THR B 16 14.35 -29.27 -9.12
CA THR B 16 15.55 -28.56 -9.55
C THR B 16 15.53 -28.32 -11.05
N TYR B 17 15.03 -29.29 -11.83
CA TYR B 17 14.95 -29.12 -13.28
C TYR B 17 13.99 -28.00 -13.65
N ASP B 18 12.81 -27.98 -13.02
CA ASP B 18 11.85 -26.91 -13.30
C ASP B 18 12.41 -25.56 -12.89
N LEU B 19 13.11 -25.50 -11.75
CA LEU B 19 13.67 -24.23 -11.31
C LEU B 19 14.79 -23.76 -12.23
N THR B 20 15.59 -24.70 -12.75
CA THR B 20 16.63 -24.33 -13.70
C THR B 20 16.03 -23.82 -15.00
N ARG B 21 14.95 -24.45 -15.47
CA ARG B 21 14.29 -23.96 -16.68
C ARG B 21 13.71 -22.57 -16.48
N TYR B 22 13.05 -22.34 -15.34
CA TYR B 22 12.50 -21.02 -15.05
C TYR B 22 13.60 -19.97 -14.96
N LEU B 23 14.71 -20.31 -14.29
CA LEU B 23 15.82 -19.38 -14.18
C LEU B 23 16.46 -19.12 -15.54
N GLU B 24 16.51 -20.14 -16.40
CA GLU B 24 17.03 -19.95 -17.75
C GLU B 24 16.17 -18.97 -18.54
N HIS B 25 14.85 -19.13 -18.47
CA HIS B 25 13.95 -18.20 -19.15
C HIS B 25 14.11 -16.78 -18.61
N GLN B 26 14.12 -16.64 -17.28
CA GLN B 26 14.27 -15.33 -16.68
C GLN B 26 15.62 -14.69 -17.03
N LEU B 27 16.67 -15.51 -17.11
CA LEU B 27 17.99 -14.98 -17.45
C LEU B 27 18.05 -14.58 -18.92
N ARG B 28 17.38 -15.33 -19.79
CA ARG B 28 17.30 -14.91 -21.19
C ARG B 28 16.61 -13.56 -21.31
N SER B 29 15.48 -13.39 -20.62
CA SER B 29 14.76 -12.12 -20.66
C SER B 29 15.61 -10.98 -20.09
N LEU B 30 16.26 -11.23 -18.95
CA LEU B 30 17.07 -10.20 -18.31
C LEU B 30 18.29 -9.83 -19.15
N ALA B 31 18.90 -10.82 -19.81
CA ALA B 31 20.04 -10.54 -20.67
C ALA B 31 19.62 -9.76 -21.91
N GLY B 32 18.46 -10.08 -22.48
CA GLY B 32 17.94 -9.28 -23.57
C GLY B 32 17.72 -7.84 -23.15
N THR B 33 17.10 -7.64 -21.99
CA THR B 33 16.86 -6.28 -21.50
C THR B 33 18.16 -5.54 -21.23
N TYR B 34 19.15 -6.21 -20.63
CA TYR B 34 20.41 -5.57 -20.31
C TYR B 34 21.21 -5.25 -21.57
N LEU B 35 21.12 -6.10 -22.60
CA LEU B 35 21.80 -5.79 -23.85
C LEU B 35 21.11 -4.67 -24.61
N ASN B 36 19.78 -4.57 -24.50
CA ASN B 36 19.08 -3.44 -25.09
C ASN B 36 19.38 -2.14 -24.36
N TYR B 37 19.63 -2.21 -23.05
CA TYR B 37 19.89 -1.00 -22.27
C TYR B 37 21.35 -0.58 -22.32
N LEU B 38 22.26 -1.54 -22.54
CA LEU B 38 23.70 -1.25 -22.42
C LEU B 38 24.14 -0.22 -23.47
N GLY B 39 24.02 -0.56 -24.74
CA GLY B 39 24.45 0.33 -25.79
C GLY B 39 24.28 -0.25 -27.18
N PRO B 40 24.36 0.61 -28.20
CA PRO B 40 24.23 0.15 -29.59
C PRO B 40 25.25 -0.91 -29.97
N PRO B 41 26.54 -0.77 -29.58
CA PRO B 41 27.48 -1.84 -29.95
C PRO B 41 27.18 -3.16 -29.27
N PHE B 42 26.78 -3.13 -28.00
CA PHE B 42 26.44 -4.35 -27.28
C PHE B 42 25.08 -4.90 -27.69
N ASN B 43 24.30 -4.14 -28.46
CA ASN B 43 23.01 -4.60 -28.96
C ASN B 43 23.12 -5.32 -30.29
N GLU B 44 24.31 -5.38 -30.89
CA GLU B 44 24.47 -6.03 -32.18
C GLU B 44 24.21 -7.53 -32.05
N PRO B 45 23.79 -8.19 -33.12
CA PRO B 45 23.44 -9.62 -33.02
C PRO B 45 24.62 -10.52 -32.67
N ASP B 46 25.78 -10.31 -33.29
CA ASP B 46 26.92 -11.20 -33.06
C ASP B 46 27.83 -10.68 -31.94
N PHE B 47 28.46 -9.53 -32.17
CA PHE B 47 29.30 -8.86 -31.17
C PHE B 47 30.25 -9.84 -30.45
N ASN B 48 31.21 -10.41 -31.17
CA ASN B 48 32.14 -11.35 -30.56
C ASN B 48 33.53 -10.74 -30.40
N PRO B 49 33.81 -10.09 -29.27
CA PRO B 49 35.15 -9.55 -29.05
C PRO B 49 36.00 -10.52 -28.26
N PRO B 50 37.32 -10.33 -28.23
CA PRO B 50 38.16 -11.17 -27.36
C PRO B 50 37.94 -10.84 -25.89
N ARG B 51 37.84 -11.88 -25.08
CA ARG B 51 37.56 -11.73 -23.65
C ARG B 51 38.83 -11.29 -22.92
N LEU B 52 38.82 -10.06 -22.40
CA LEU B 52 39.95 -9.53 -21.66
C LEU B 52 39.57 -8.84 -20.36
N GLY B 53 38.32 -8.41 -20.20
CA GLY B 53 37.96 -7.70 -18.97
C GLY B 53 37.66 -8.65 -17.82
N ALA B 54 36.92 -9.72 -18.07
CA ALA B 54 36.52 -10.67 -17.05
C ALA B 54 37.32 -11.95 -17.24
N GLU B 55 38.29 -12.18 -16.35
CA GLU B 55 39.12 -13.39 -16.43
C GLU B 55 39.25 -14.07 -15.06
N THR B 56 38.39 -13.73 -14.10
CA THR B 56 38.45 -14.31 -12.76
C THR B 56 37.29 -15.24 -12.44
N LEU B 57 36.15 -15.07 -13.11
CA LEU B 57 35.01 -15.93 -12.86
C LEU B 57 35.26 -17.32 -13.44
N PRO B 58 34.72 -18.37 -12.81
CA PRO B 58 34.96 -19.72 -13.32
C PRO B 58 34.21 -19.98 -14.62
N ARG B 59 34.88 -20.68 -15.54
CA ARG B 59 34.30 -21.02 -16.82
C ARG B 59 33.47 -22.30 -16.72
N ALA B 60 32.78 -22.62 -17.81
CA ALA B 60 31.94 -23.81 -17.89
C ALA B 60 32.32 -24.65 -19.10
N THR B 61 33.61 -24.71 -19.42
CA THR B 61 34.11 -25.48 -20.55
C THR B 61 34.73 -26.77 -20.03
N VAL B 62 34.20 -27.91 -20.48
CA VAL B 62 34.67 -29.21 -20.04
C VAL B 62 34.61 -30.17 -21.22
N ASP B 63 35.51 -31.16 -21.21
CA ASP B 63 35.54 -32.17 -22.25
C ASP B 63 34.42 -33.19 -22.05
N LEU B 64 34.22 -34.02 -23.07
CA LEU B 64 33.16 -35.02 -23.00
C LEU B 64 33.53 -36.14 -22.03
N GLU B 65 34.75 -36.68 -22.15
CA GLU B 65 35.17 -37.76 -21.26
C GLU B 65 35.26 -37.27 -19.81
N VAL B 66 35.72 -36.04 -19.61
CA VAL B 66 35.80 -35.49 -18.25
C VAL B 66 34.39 -35.28 -17.69
N TRP B 67 33.45 -34.87 -18.54
CA TRP B 67 32.07 -34.71 -18.09
C TRP B 67 31.43 -36.05 -17.77
N ARG B 68 31.82 -37.11 -18.47
CA ARG B 68 31.28 -38.43 -18.20
C ARG B 68 31.99 -39.13 -17.04
N SER B 69 33.17 -38.67 -16.65
CA SER B 69 33.93 -39.36 -15.61
C SER B 69 33.37 -39.05 -14.21
N LEU B 70 32.94 -37.82 -13.98
CA LEU B 70 32.44 -37.43 -12.67
C LEU B 70 31.14 -38.18 -12.34
N ASN B 71 30.97 -38.52 -11.06
CA ASN B 71 29.85 -39.34 -10.60
C ASN B 71 29.16 -38.67 -9.41
N ASP B 72 28.23 -37.76 -9.72
CA ASP B 72 27.23 -37.21 -8.80
C ASP B 72 27.81 -36.37 -7.67
N LYS B 73 29.13 -36.22 -7.56
CA LYS B 73 29.72 -35.45 -6.47
C LYS B 73 30.50 -34.24 -6.98
N LEU B 74 31.45 -34.44 -7.89
CA LEU B 74 32.21 -33.32 -8.42
C LEU B 74 31.32 -32.39 -9.23
N ARG B 75 30.36 -32.96 -9.97
CA ARG B 75 29.41 -32.15 -10.74
C ARG B 75 28.61 -31.24 -9.81
N LEU B 76 28.06 -31.81 -8.74
CA LEU B 76 27.25 -31.02 -7.82
C LEU B 76 28.08 -29.99 -7.09
N THR B 77 29.31 -30.33 -6.70
CA THR B 77 30.16 -29.37 -6.03
C THR B 77 30.52 -28.20 -6.95
N GLN B 78 30.88 -28.50 -8.20
CA GLN B 78 31.19 -27.44 -9.16
C GLN B 78 29.96 -26.58 -9.43
N ASN B 79 28.79 -27.20 -9.57
CA ASN B 79 27.56 -26.42 -9.76
C ASN B 79 27.30 -25.50 -8.58
N TYR B 80 27.48 -26.01 -7.36
CA TYR B 80 27.24 -25.20 -6.17
C TYR B 80 28.19 -24.01 -6.12
N GLU B 81 29.49 -24.25 -6.32
CA GLU B 81 30.45 -23.16 -6.22
C GLU B 81 30.26 -22.14 -7.34
N ALA B 82 29.98 -22.61 -8.56
CA ALA B 82 29.76 -21.69 -9.67
C ALA B 82 28.49 -20.87 -9.46
N TYR B 83 27.43 -21.49 -8.93
CA TYR B 83 26.20 -20.77 -8.67
C TYR B 83 26.39 -19.74 -7.57
N SER B 84 27.16 -20.07 -6.54
CA SER B 84 27.44 -19.08 -5.49
C SER B 84 28.24 -17.91 -6.04
N HIS B 85 29.24 -18.18 -6.87
CA HIS B 85 30.03 -17.11 -7.46
C HIS B 85 29.16 -16.23 -8.37
N LEU B 86 28.31 -16.86 -9.19
CA LEU B 86 27.45 -16.09 -10.09
C LEU B 86 26.43 -15.28 -9.31
N LEU B 87 25.93 -15.82 -8.19
CA LEU B 87 25.00 -15.08 -7.35
C LEU B 87 25.68 -13.86 -6.74
N CYS B 88 26.91 -14.03 -6.25
CA CYS B 88 27.64 -12.89 -5.70
C CYS B 88 27.89 -11.83 -6.76
N TYR B 89 28.27 -12.26 -7.98
CA TYR B 89 28.53 -11.31 -9.05
C TYR B 89 27.25 -10.57 -9.45
N LEU B 90 26.12 -11.28 -9.54
CA LEU B 90 24.87 -10.65 -9.91
C LEU B 90 24.37 -9.71 -8.81
N ARG B 91 24.63 -10.03 -7.55
CA ARG B 91 24.28 -9.13 -6.46
C ARG B 91 25.13 -7.87 -6.49
N GLY B 92 26.43 -8.01 -6.80
CA GLY B 92 27.27 -6.85 -6.94
C GLY B 92 26.94 -6.03 -8.17
N LEU B 93 26.35 -6.65 -9.19
CA LEU B 93 26.00 -5.97 -10.43
C LEU B 93 24.82 -5.02 -10.27
N ASN B 94 24.16 -4.99 -9.11
CA ASN B 94 22.98 -4.15 -8.94
C ASN B 94 23.34 -2.67 -8.92
N ARG B 95 24.55 -2.32 -8.49
CA ARG B 95 24.94 -0.92 -8.39
C ARG B 95 25.14 -0.28 -9.75
N GLN B 96 25.36 -1.07 -10.81
CA GLN B 96 25.62 -0.50 -12.12
C GLN B 96 24.33 -0.01 -12.78
N ALA B 97 23.29 -0.82 -12.78
CA ALA B 97 22.03 -0.46 -13.42
C ALA B 97 21.28 0.57 -12.57
N ALA B 98 20.62 1.51 -13.25
CA ALA B 98 19.83 2.55 -12.59
C ALA B 98 18.46 2.59 -13.27
N THR B 99 17.55 1.74 -12.80
CA THR B 99 16.19 1.66 -13.32
C THR B 99 15.34 0.88 -12.33
N ALA B 100 14.14 1.40 -12.06
CA ALA B 100 13.27 0.79 -11.05
C ALA B 100 12.90 -0.63 -11.43
N GLU B 101 12.32 -0.82 -12.61
CA GLU B 101 11.88 -2.15 -13.03
C GLU B 101 13.08 -3.08 -13.25
N LEU B 102 14.18 -2.54 -13.76
CA LEU B 102 15.37 -3.37 -13.98
C LEU B 102 15.96 -3.83 -12.65
N ARG B 103 16.04 -2.94 -11.66
CA ARG B 103 16.53 -3.35 -10.35
C ARG B 103 15.58 -4.32 -9.67
N ARG B 104 14.26 -4.15 -9.87
CA ARG B 104 13.31 -5.10 -9.31
C ARG B 104 13.49 -6.48 -9.92
N SER B 105 13.66 -6.54 -11.24
CA SER B 105 13.90 -7.82 -11.90
C SER B 105 15.22 -8.43 -11.46
N LEU B 106 16.24 -7.59 -11.24
CA LEU B 106 17.52 -8.09 -10.75
C LEU B 106 17.38 -8.69 -9.35
N ALA B 107 16.64 -8.02 -8.47
CA ALA B 107 16.41 -8.56 -7.13
C ALA B 107 15.61 -9.85 -7.17
N HIS B 108 14.60 -9.92 -8.06
CA HIS B 108 13.82 -11.14 -8.19
C HIS B 108 14.69 -12.29 -8.68
N PHE B 109 15.54 -12.04 -9.68
CA PHE B 109 16.45 -13.08 -10.17
C PHE B 109 17.46 -13.48 -9.11
N CYS B 110 17.93 -12.54 -8.30
CA CYS B 110 18.85 -12.88 -7.22
C CYS B 110 18.18 -13.78 -6.19
N THR B 111 16.94 -13.45 -5.80
CA THR B 111 16.21 -14.29 -4.86
C THR B 111 15.97 -15.68 -5.44
N SER B 112 15.61 -15.75 -6.72
CA SER B 112 15.36 -17.05 -7.34
C SER B 112 16.64 -17.87 -7.42
N LEU B 113 17.78 -17.24 -7.72
CA LEU B 113 19.04 -17.95 -7.78
C LEU B 113 19.48 -18.43 -6.40
N GLN B 114 19.23 -17.62 -5.37
CA GLN B 114 19.51 -18.06 -4.00
C GLN B 114 18.65 -19.25 -3.61
N GLY B 115 17.37 -19.22 -3.99
CA GLY B 115 16.51 -20.36 -3.73
C GLY B 115 16.95 -21.60 -4.47
N LEU B 116 17.42 -21.42 -5.72
CA LEU B 116 17.93 -22.57 -6.47
C LEU B 116 19.19 -23.13 -5.85
N LEU B 117 20.08 -22.26 -5.36
CA LEU B 117 21.27 -22.73 -4.66
C LEU B 117 20.89 -23.50 -3.39
N GLY B 118 19.91 -23.00 -2.64
CA GLY B 118 19.45 -23.72 -1.47
C GLY B 118 18.84 -25.07 -1.81
N SER B 119 18.08 -25.13 -2.90
CA SER B 119 17.49 -26.40 -3.33
C SER B 119 18.57 -27.39 -3.78
N ILE B 120 19.61 -26.88 -4.45
CA ILE B 120 20.72 -27.75 -4.85
C ILE B 120 21.45 -28.29 -3.62
N ALA B 121 21.65 -27.43 -2.61
CA ALA B 121 22.26 -27.90 -1.37
C ALA B 121 21.40 -28.94 -0.69
N GLY B 122 20.08 -28.75 -0.70
CA GLY B 122 19.20 -29.74 -0.12
C GLY B 122 19.21 -31.06 -0.87
N VAL B 123 19.30 -31.00 -2.19
CA VAL B 123 19.41 -32.23 -2.98
C VAL B 123 20.73 -32.95 -2.67
N MET B 124 21.82 -32.18 -2.52
CA MET B 124 23.09 -32.79 -2.17
C MET B 124 23.03 -33.44 -0.79
N ALA B 125 22.37 -32.79 0.16
CA ALA B 125 22.26 -33.34 1.51
C ALA B 125 21.26 -34.48 1.62
N ALA B 126 20.32 -34.58 0.67
CA ALA B 126 19.31 -35.63 0.75
C ALA B 126 19.83 -36.98 0.27
N LEU B 127 20.77 -36.99 -0.67
CA LEU B 127 21.28 -38.24 -1.21
C LEU B 127 22.20 -38.98 -0.23
N GLY B 128 22.58 -38.34 0.87
CA GLY B 128 23.42 -38.98 1.86
C GLY B 128 24.91 -38.81 1.61
N TYR B 129 25.30 -37.66 1.07
CA TYR B 129 26.70 -37.35 0.84
C TYR B 129 27.25 -36.56 2.01
N PRO B 130 28.29 -37.04 2.69
CA PRO B 130 28.80 -36.32 3.87
C PRO B 130 29.53 -35.03 3.53
N LEU B 131 28.91 -34.17 2.71
CA LEU B 131 29.45 -32.87 2.34
C LEU B 131 28.30 -31.90 2.09
N PRO B 132 27.60 -31.45 3.14
CA PRO B 132 26.48 -30.52 2.91
C PRO B 132 26.90 -29.17 2.34
N GLN B 133 27.96 -28.58 2.89
CA GLN B 133 28.44 -27.27 2.43
C GLN B 133 29.91 -27.14 2.76
N PRO B 134 30.79 -27.62 1.86
CA PRO B 134 32.23 -27.39 2.05
C PRO B 134 32.57 -25.95 1.71
N LEU B 135 33.09 -25.21 2.70
CA LEU B 135 33.32 -23.77 2.60
C LEU B 135 34.21 -23.40 1.42
N PRO B 136 33.66 -22.80 0.38
CA PRO B 136 34.49 -22.38 -0.76
C PRO B 136 34.92 -20.92 -0.67
N GLY B 137 36.04 -20.58 -1.32
CA GLY B 137 36.41 -19.20 -1.49
C GLY B 137 36.60 -18.40 -0.21
N THR B 138 35.61 -17.56 0.10
CA THR B 138 35.58 -16.61 1.21
C THR B 138 36.49 -15.41 0.92
N GLU B 139 37.26 -15.49 -0.16
CA GLU B 139 37.95 -14.31 -0.69
C GLU B 139 37.00 -13.50 -1.56
N PRO B 140 36.27 -14.11 -2.53
CA PRO B 140 35.33 -13.32 -3.34
C PRO B 140 33.94 -13.24 -2.74
N THR B 141 33.82 -13.52 -1.44
CA THR B 141 32.51 -13.59 -0.80
C THR B 141 31.70 -12.30 -0.98
N TRP B 142 32.38 -11.17 -1.14
CA TRP B 142 31.71 -9.89 -1.38
C TRP B 142 32.11 -9.26 -2.71
N THR B 143 33.42 -9.28 -3.04
CA THR B 143 33.96 -8.75 -4.28
C THR B 143 33.51 -7.30 -4.49
N PRO B 144 34.06 -6.35 -3.75
CA PRO B 144 33.69 -4.94 -3.96
C PRO B 144 34.20 -4.44 -5.29
N GLY B 145 33.40 -3.59 -5.94
CA GLY B 145 33.73 -3.06 -7.23
C GLY B 145 34.97 -2.19 -7.22
N PRO B 146 36.01 -2.62 -7.91
CA PRO B 146 37.26 -1.86 -7.96
C PRO B 146 37.17 -0.74 -8.98
N ALA B 147 38.29 -0.02 -9.13
CA ALA B 147 38.38 1.07 -10.10
C ALA B 147 38.51 0.49 -11.50
N HIS B 148 37.56 0.82 -12.37
CA HIS B 148 37.56 0.33 -13.74
C HIS B 148 36.82 1.31 -14.63
N SER B 149 37.06 1.18 -15.94
CA SER B 149 36.39 2.04 -16.90
C SER B 149 34.97 1.57 -17.16
N ASP B 150 34.22 2.39 -17.90
CA ASP B 150 32.84 2.05 -18.21
C ASP B 150 32.75 0.98 -19.28
N PHE B 151 33.60 1.06 -20.32
CA PHE B 151 33.60 0.04 -21.35
C PHE B 151 34.02 -1.32 -20.79
N LEU B 152 35.04 -1.33 -19.93
CA LEU B 152 35.44 -2.58 -19.28
C LEU B 152 34.31 -3.12 -18.40
N GLN B 153 33.57 -2.23 -17.73
CA GLN B 153 32.45 -2.67 -16.91
C GLN B 153 31.35 -3.30 -17.76
N LYS B 154 31.04 -2.69 -18.91
CA LYS B 154 30.03 -3.27 -19.79
C LYS B 154 30.49 -4.61 -20.34
N MET B 155 31.78 -4.72 -20.70
CA MET B 155 32.31 -6.00 -21.15
C MET B 155 32.20 -7.07 -20.06
N ASP B 156 32.53 -6.70 -18.82
CA ASP B 156 32.40 -7.63 -17.72
C ASP B 156 30.95 -8.07 -17.52
N ASP B 157 30.02 -7.13 -17.61
CA ASP B 157 28.61 -7.49 -17.46
C ASP B 157 28.15 -8.43 -18.57
N PHE B 158 28.55 -8.16 -19.81
CA PHE B 158 28.16 -9.01 -20.92
C PHE B 158 28.73 -10.41 -20.76
N TRP B 159 30.01 -10.50 -20.41
CA TRP B 159 30.63 -11.81 -20.22
C TRP B 159 30.02 -12.55 -19.03
N LEU B 160 29.65 -11.83 -17.98
CA LEU B 160 28.99 -12.46 -16.84
C LEU B 160 27.64 -13.02 -17.22
N LEU B 161 26.85 -12.26 -18.00
CA LEU B 161 25.55 -12.76 -18.45
C LEU B 161 25.72 -13.98 -19.34
N LYS B 162 26.69 -13.94 -20.26
CA LYS B 162 26.91 -15.08 -21.14
C LYS B 162 27.36 -16.32 -20.36
N GLU B 163 28.25 -16.13 -19.38
CA GLU B 163 28.69 -17.26 -18.57
C GLU B 163 27.57 -17.80 -17.70
N LEU B 164 26.69 -16.93 -17.21
CA LEU B 164 25.54 -17.39 -16.44
C LEU B 164 24.59 -18.21 -17.31
N GLN B 165 24.35 -17.76 -18.54
CA GLN B 165 23.52 -18.53 -19.46
C GLN B 165 24.14 -19.90 -19.75
N THR B 166 25.46 -19.92 -20.01
CA THR B 166 26.14 -21.19 -20.29
C THR B 166 26.08 -22.12 -19.09
N TRP B 167 26.26 -21.57 -17.88
CA TRP B 167 26.21 -22.40 -16.69
C TRP B 167 24.80 -22.92 -16.43
N LEU B 168 23.78 -22.12 -16.73
CA LEU B 168 22.41 -22.61 -16.61
C LEU B 168 22.15 -23.75 -17.58
N TRP B 169 22.61 -23.61 -18.83
CA TRP B 169 22.44 -24.69 -19.80
C TRP B 169 23.17 -25.95 -19.33
N ARG B 170 24.40 -25.80 -18.85
CA ARG B 170 25.18 -26.95 -18.40
C ARG B 170 24.54 -27.62 -17.19
N SER B 171 23.99 -26.82 -16.26
CA SER B 171 23.35 -27.39 -15.09
C SER B 171 22.07 -28.11 -15.46
N ALA B 172 21.32 -27.58 -16.42
CA ALA B 172 20.13 -28.28 -16.89
C ALA B 172 20.49 -29.60 -17.54
N LYS B 173 21.53 -29.61 -18.38
CA LYS B 173 21.99 -30.86 -19.00
C LYS B 173 22.45 -31.86 -17.94
N ASP B 174 23.18 -31.39 -16.93
CA ASP B 174 23.68 -32.28 -15.89
C ASP B 174 22.53 -32.86 -15.06
N PHE B 175 21.53 -32.02 -14.75
CA PHE B 175 20.38 -32.52 -14.00
C PHE B 175 19.59 -33.54 -14.80
N ASN B 176 19.44 -33.30 -16.11
CA ASN B 176 18.75 -34.28 -16.95
C ASN B 176 19.52 -35.60 -17.00
N ARG B 177 20.85 -35.52 -17.14
CA ARG B 177 21.67 -36.72 -17.16
C ARG B 177 21.57 -37.49 -15.85
N LEU B 178 21.60 -36.76 -14.72
CA LEU B 178 21.50 -37.41 -13.42
C LEU B 178 20.14 -38.05 -13.23
N LYS B 179 19.07 -37.39 -13.69
CA LYS B 179 17.73 -37.95 -13.55
C LYS B 179 17.51 -39.15 -14.47
N LYS B 180 18.20 -39.19 -15.60
CA LYS B 180 17.99 -40.26 -16.57
C LYS B 180 18.86 -41.48 -16.27
N LYS B 181 20.19 -41.30 -16.26
CA LYS B 181 21.09 -42.45 -16.19
C LYS B 181 21.30 -42.92 -14.76
N MET B 182 21.84 -42.06 -13.89
CA MET B 182 22.25 -42.49 -12.56
C MET B 182 21.08 -42.67 -11.61
N GLN B 183 19.93 -42.05 -11.89
CA GLN B 183 18.79 -42.18 -11.01
C GLN B 183 17.60 -42.79 -11.75
N PRO B 184 16.80 -43.63 -11.08
CA PRO B 184 15.62 -44.25 -11.71
C PRO B 184 14.50 -43.25 -11.97
N HIS C 2 2.14 12.91 54.69
CA HIS C 2 0.96 12.10 54.99
C HIS C 2 0.68 11.13 53.86
N THR C 3 1.68 10.30 53.54
CA THR C 3 1.56 9.30 52.48
C THR C 3 1.77 7.91 53.06
N ALA C 4 1.32 6.90 52.31
CA ALA C 4 1.43 5.51 52.71
C ALA C 4 2.25 4.75 51.67
N VAL C 5 2.68 3.55 52.06
CA VAL C 5 3.47 2.68 51.19
C VAL C 5 2.85 1.29 51.23
N ILE C 6 2.64 0.70 50.06
CA ILE C 6 2.03 -0.62 49.91
C ILE C 6 3.10 -1.59 49.44
N SER C 7 3.21 -2.73 50.11
CA SER C 7 4.17 -3.76 49.76
C SER C 7 3.45 -5.10 49.59
N PRO C 8 3.83 -5.89 48.57
CA PRO C 8 4.88 -5.58 47.60
C PRO C 8 4.40 -4.66 46.48
N GLN C 9 5.34 -3.97 45.84
CA GLN C 9 5.01 -3.04 44.76
C GLN C 9 5.07 -3.78 43.43
N ASP C 10 3.94 -3.81 42.72
CA ASP C 10 3.80 -4.45 41.42
C ASP C 10 4.27 -5.90 41.45
N PRO C 11 3.54 -6.79 42.12
CA PRO C 11 3.94 -8.20 42.16
C PRO C 11 3.50 -8.94 40.90
N THR C 12 3.87 -10.22 40.83
CA THR C 12 3.49 -11.07 39.72
C THR C 12 3.06 -12.42 40.27
N LEU C 13 1.79 -12.77 40.06
CA LEU C 13 1.21 -14.00 40.58
C LEU C 13 0.48 -14.73 39.46
N LEU C 14 0.02 -15.93 39.77
CA LEU C 14 -0.73 -16.76 38.85
C LEU C 14 -2.22 -16.77 39.22
N ILE C 15 -3.02 -17.33 38.32
CA ILE C 15 -4.45 -17.41 38.54
C ILE C 15 -4.72 -18.49 39.59
N GLY C 16 -5.16 -18.06 40.78
CA GLY C 16 -5.46 -18.97 41.87
C GLY C 16 -4.53 -18.85 43.06
N SER C 17 -3.38 -18.19 42.91
CA SER C 17 -2.44 -18.06 44.00
C SER C 17 -2.93 -17.03 45.02
N SER C 18 -2.32 -17.06 46.20
CA SER C 18 -2.69 -16.15 47.27
C SER C 18 -1.94 -14.83 47.13
N LEU C 19 -2.41 -13.82 47.85
CA LEU C 19 -1.83 -12.48 47.83
C LEU C 19 -1.84 -11.90 49.23
N LEU C 20 -0.72 -11.30 49.62
CA LEU C 20 -0.57 -10.67 50.93
C LEU C 20 -0.01 -9.27 50.74
N ALA C 21 -0.81 -8.26 51.10
CA ALA C 21 -0.40 -6.87 50.96
C ALA C 21 -0.66 -6.14 52.27
N THR C 22 0.10 -5.06 52.49
CA THR C 22 0.00 -4.27 53.70
C THR C 22 0.01 -2.79 53.35
N CYS C 23 -0.70 -2.00 54.13
CA CYS C 23 -0.77 -0.54 53.95
C CYS C 23 -0.43 0.11 55.29
N SER C 24 0.71 0.80 55.34
CA SER C 24 1.20 1.45 56.54
C SER C 24 1.07 2.96 56.39
N VAL C 25 0.25 3.58 57.23
CA VAL C 25 0.05 5.01 57.21
C VAL C 25 1.08 5.68 58.12
N HIS C 26 1.28 6.97 57.92
CA HIS C 26 2.23 7.76 58.70
C HIS C 26 1.45 8.77 59.55
N GLY C 27 1.41 8.54 60.85
CA GLY C 27 0.73 9.43 61.76
C GLY C 27 1.31 9.32 63.15
N ASP C 28 1.38 10.46 63.84
CA ASP C 28 1.96 10.46 65.18
C ASP C 28 1.04 9.84 66.22
N PRO C 29 -0.25 10.17 66.30
CA PRO C 29 -1.18 9.38 67.10
C PRO C 29 -1.92 8.35 66.25
N PRO C 30 -1.28 7.22 65.87
CA PRO C 30 -1.89 6.28 64.91
C PRO C 30 -2.95 5.39 65.55
N GLY C 31 -3.85 5.99 66.31
CA GLY C 31 -4.91 5.24 66.97
C GLY C 31 -6.10 4.95 66.08
N ALA C 32 -6.72 6.01 65.56
CA ALA C 32 -7.90 5.83 64.71
C ALA C 32 -7.50 5.38 63.31
N THR C 33 -6.29 5.69 62.87
CA THR C 33 -5.84 5.30 61.53
C THR C 33 -5.63 3.80 61.42
N ALA C 34 -5.43 3.10 62.54
CA ALA C 34 -5.28 1.65 62.50
C ALA C 34 -6.56 0.93 62.10
N GLU C 35 -7.71 1.58 62.24
CA GLU C 35 -8.99 0.99 61.88
C GLU C 35 -9.78 1.78 60.85
N GLY C 36 -9.36 3.01 60.54
CA GLY C 36 -10.08 3.80 59.55
C GLY C 36 -9.74 3.49 58.11
N LEU C 37 -8.58 2.86 57.88
CA LEU C 37 -8.16 2.53 56.52
C LEU C 37 -8.91 1.31 56.01
N TYR C 38 -9.26 1.34 54.72
CA TYR C 38 -9.91 0.22 54.07
C TYR C 38 -9.34 0.06 52.66
N TRP C 39 -9.54 -1.12 52.10
CA TRP C 39 -9.01 -1.46 50.79
C TRP C 39 -10.07 -1.28 49.71
N THR C 40 -9.61 -0.97 48.50
CA THR C 40 -10.49 -0.78 47.36
C THR C 40 -9.82 -1.36 46.12
N LEU C 41 -10.51 -2.26 45.43
CA LEU C 41 -9.98 -2.92 44.24
C LEU C 41 -10.87 -2.60 43.06
N ASN C 42 -10.31 -1.90 42.07
CA ASN C 42 -11.03 -1.52 40.84
C ASN C 42 -12.30 -0.74 41.16
N GLY C 43 -12.19 0.21 42.09
CA GLY C 43 -13.32 1.02 42.48
C GLY C 43 -14.37 0.31 43.32
N ARG C 44 -14.09 -0.90 43.79
CA ARG C 44 -15.01 -1.68 44.60
C ARG C 44 -14.45 -1.82 46.01
N ARG C 45 -15.26 -1.48 47.01
CA ARG C 45 -14.84 -1.55 48.39
C ARG C 45 -14.83 -3.00 48.87
N LEU C 46 -13.67 -3.48 49.29
CA LEU C 46 -13.56 -4.85 49.78
C LEU C 46 -14.25 -4.98 51.14
N PRO C 47 -14.79 -6.16 51.45
CA PRO C 47 -15.45 -6.36 52.74
C PRO C 47 -14.45 -6.24 53.89
N PRO C 48 -14.85 -5.62 55.01
CA PRO C 48 -13.93 -5.48 56.15
C PRO C 48 -13.57 -6.79 56.81
N GLU C 49 -14.28 -7.88 56.52
CA GLU C 49 -13.96 -9.16 57.15
C GLU C 49 -12.65 -9.75 56.65
N LEU C 50 -12.21 -9.38 55.46
CA LEU C 50 -10.95 -9.91 54.94
C LEU C 50 -9.74 -9.19 55.52
N SER C 51 -9.87 -7.91 55.83
CA SER C 51 -8.76 -7.13 56.37
C SER C 51 -8.58 -7.42 57.85
N ARG C 52 -7.32 -7.42 58.29
CA ARG C 52 -6.97 -7.65 59.68
C ARG C 52 -6.01 -6.56 60.15
N VAL C 53 -6.02 -6.32 61.45
CA VAL C 53 -5.18 -5.30 62.07
C VAL C 53 -3.99 -5.98 62.74
N LEU C 54 -2.79 -5.45 62.50
CA LEU C 54 -1.57 -5.96 63.12
C LEU C 54 -1.14 -5.09 64.29
N ASN C 55 -0.94 -3.81 64.06
CA ASN C 55 -0.60 -2.86 65.11
C ASN C 55 -1.17 -1.50 64.74
N ALA C 56 -0.71 -0.45 65.41
CA ALA C 56 -1.30 0.88 65.22
C ALA C 56 -0.95 1.52 63.89
N SER C 57 0.11 1.05 63.21
CA SER C 57 0.56 1.69 61.98
C SER C 57 0.73 0.70 60.84
N THR C 58 -0.08 -0.35 60.81
CA THR C 58 -0.03 -1.33 59.74
C THR C 58 -1.37 -2.04 59.63
N LEU C 59 -1.85 -2.20 58.40
CA LEU C 59 -3.08 -2.92 58.11
C LEU C 59 -2.75 -4.12 57.22
N ALA C 60 -3.43 -5.23 57.47
CA ALA C 60 -3.20 -6.47 56.74
C ALA C 60 -4.37 -6.80 55.83
N LEU C 61 -4.06 -7.46 54.72
CA LEU C 61 -5.06 -7.89 53.75
C LEU C 61 -4.68 -9.26 53.22
N ALA C 62 -5.66 -10.16 53.13
CA ALA C 62 -5.45 -11.52 52.67
C ALA C 62 -6.44 -11.83 51.57
N LEU C 63 -5.93 -12.19 50.39
CA LEU C 63 -6.75 -12.55 49.25
C LEU C 63 -6.29 -13.88 48.68
N ALA C 64 -7.21 -14.61 48.06
CA ALA C 64 -6.92 -15.91 47.47
C ALA C 64 -7.73 -16.07 46.19
N ASN C 65 -7.45 -17.16 45.48
CA ASN C 65 -8.08 -17.53 44.21
C ASN C 65 -8.26 -16.30 43.30
N LEU C 66 -7.14 -15.68 42.98
CA LEU C 66 -7.16 -14.51 42.10
C LEU C 66 -7.54 -14.92 40.68
N ASN C 67 -8.27 -14.04 40.01
CA ASN C 67 -8.78 -14.28 38.66
C ASN C 67 -8.04 -13.40 37.67
N GLY C 68 -8.48 -13.48 36.41
CA GLY C 68 -7.83 -12.71 35.36
C GLY C 68 -8.00 -11.21 35.55
N SER C 69 -7.04 -10.47 35.00
CA SER C 69 -7.08 -9.02 35.10
C SER C 69 -8.17 -8.44 34.22
N ARG C 70 -8.84 -7.39 34.71
CA ARG C 70 -9.89 -6.75 33.93
C ARG C 70 -9.31 -6.03 32.72
N GLN C 71 -8.16 -5.38 32.89
CA GLN C 71 -7.48 -4.67 31.82
C GLN C 71 -6.05 -5.17 31.71
N ARG C 72 -5.43 -4.87 30.57
CA ARG C 72 -4.05 -5.30 30.33
C ARG C 72 -3.06 -4.57 31.22
N SER C 73 -3.41 -3.40 31.75
CA SER C 73 -2.50 -2.66 32.60
C SER C 73 -2.40 -3.23 34.00
N GLY C 74 -3.39 -4.01 34.43
CA GLY C 74 -3.35 -4.61 35.74
C GLY C 74 -4.38 -4.01 36.67
N ASP C 75 -4.80 -4.80 37.65
CA ASP C 75 -5.79 -4.34 38.63
C ASP C 75 -5.16 -3.32 39.57
N ASN C 76 -5.95 -2.32 39.96
CA ASN C 76 -5.49 -1.24 40.81
C ASN C 76 -5.98 -1.47 42.23
N LEU C 77 -5.03 -1.53 43.18
CA LEU C 77 -5.33 -1.68 44.60
C LEU C 77 -4.96 -0.37 45.30
N VAL C 78 -5.97 0.36 45.73
CA VAL C 78 -5.79 1.68 46.33
C VAL C 78 -6.13 1.59 47.82
N CYS C 79 -5.22 2.10 48.65
CA CYS C 79 -5.43 2.15 50.10
C CYS C 79 -6.04 3.51 50.44
N HIS C 80 -7.32 3.52 50.79
CA HIS C 80 -8.04 4.76 51.07
C HIS C 80 -8.08 5.04 52.56
N ALA C 81 -8.23 6.33 52.88
CA ALA C 81 -8.35 6.77 54.27
C ALA C 81 -9.81 6.75 54.70
N ARG C 82 -10.06 7.21 55.93
CA ARG C 82 -11.43 7.23 56.44
C ARG C 82 -12.27 8.27 55.73
N ASP C 83 -11.67 9.42 55.39
CA ASP C 83 -12.39 10.49 54.72
C ASP C 83 -12.45 10.30 53.21
N GLY C 84 -11.81 9.27 52.66
CA GLY C 84 -11.83 9.01 51.25
C GLY C 84 -10.61 9.46 50.48
N SER C 85 -9.57 9.95 51.15
CA SER C 85 -8.38 10.40 50.45
C SER C 85 -7.58 9.22 49.94
N ILE C 86 -6.89 9.44 48.81
CA ILE C 86 -6.05 8.43 48.19
C ILE C 86 -4.65 8.54 48.79
N LEU C 87 -4.23 7.51 49.53
CA LEU C 87 -2.92 7.52 50.17
C LEU C 87 -1.85 6.90 49.28
N ALA C 88 -2.10 5.69 48.78
CA ALA C 88 -1.15 5.00 47.93
C ALA C 88 -1.89 4.09 46.97
N GLY C 89 -1.14 3.54 46.01
CA GLY C 89 -1.72 2.65 45.03
C GLY C 89 -0.71 1.64 44.55
N SER C 90 -1.22 0.58 43.92
CA SER C 90 -0.38 -0.49 43.40
C SER C 90 -1.10 -1.15 42.24
N CYS C 91 -0.36 -1.97 41.50
CA CYS C 91 -0.87 -2.70 40.36
C CYS C 91 -0.57 -4.18 40.51
N LEU C 92 -1.51 -5.02 40.08
CA LEU C 92 -1.40 -6.47 40.17
C LEU C 92 -1.38 -7.07 38.78
N TYR C 93 -0.38 -7.89 38.51
CA TYR C 93 -0.23 -8.58 37.23
C TYR C 93 -0.42 -10.08 37.44
N VAL C 94 -1.45 -10.64 36.82
CA VAL C 94 -1.75 -12.05 36.94
C VAL C 94 -2.11 -12.61 35.57
N GLY C 95 -1.73 -13.85 35.33
CA GLY C 95 -2.01 -14.48 34.06
C GLY C 95 -1.52 -15.91 34.04
N LEU C 96 -1.33 -16.44 32.83
CA LEU C 96 -0.86 -17.79 32.61
C LEU C 96 0.19 -17.79 31.52
N PRO C 97 1.14 -18.73 31.56
CA PRO C 97 2.17 -18.77 30.53
C PRO C 97 1.57 -19.10 29.18
N PRO C 98 2.16 -18.61 28.09
CA PRO C 98 1.60 -18.88 26.76
C PRO C 98 1.91 -20.29 26.29
N GLU C 99 0.94 -20.87 25.59
CA GLU C 99 1.09 -22.20 25.03
C GLU C 99 1.54 -22.11 23.57
N LYS C 100 1.70 -23.26 22.93
CA LYS C 100 2.13 -23.31 21.54
C LYS C 100 0.95 -22.96 20.62
N PRO C 101 1.09 -21.95 19.76
CA PRO C 101 0.00 -21.62 18.85
C PRO C 101 -0.22 -22.72 17.81
N VAL C 102 -1.46 -22.84 17.37
CA VAL C 102 -1.86 -23.85 16.39
C VAL C 102 -2.72 -23.20 15.32
N ASN C 103 -3.07 -23.99 14.31
CA ASN C 103 -3.92 -23.55 13.20
C ASN C 103 -3.32 -22.34 12.49
N ILE C 104 -2.13 -22.56 11.92
CA ILE C 104 -1.41 -21.54 11.17
C ILE C 104 -1.59 -21.81 9.68
N SER C 105 -2.01 -20.79 8.94
CA SER C 105 -2.22 -20.91 7.51
C SER C 105 -1.71 -19.65 6.83
N CYS C 106 -1.12 -19.83 5.65
CA CYS C 106 -0.57 -18.72 4.87
C CYS C 106 -1.04 -18.83 3.42
N TRP C 107 -1.08 -17.69 2.74
CA TRP C 107 -1.45 -17.63 1.33
C TRP C 107 -0.60 -16.59 0.63
N SER C 108 -0.32 -16.83 -0.65
CA SER C 108 0.50 -15.94 -1.46
C SER C 108 -0.34 -15.35 -2.59
N LYS C 109 -0.15 -14.06 -2.85
CA LYS C 109 -0.89 -13.35 -3.89
C LYS C 109 0.05 -13.08 -5.06
N ASN C 110 -0.17 -13.79 -6.17
CA ASN C 110 0.61 -13.62 -7.41
C ASN C 110 2.09 -13.87 -7.18
N MET C 111 2.43 -14.66 -6.17
CA MET C 111 3.82 -14.98 -5.83
C MET C 111 4.65 -13.73 -5.58
N LYS C 112 4.03 -12.68 -5.07
CA LYS C 112 4.72 -11.44 -4.77
C LYS C 112 4.69 -11.07 -3.29
N ASP C 113 3.87 -11.72 -2.48
CA ASP C 113 3.79 -11.42 -1.06
C ASP C 113 3.24 -12.64 -0.33
N LEU C 114 3.47 -12.67 0.98
CA LEU C 114 3.02 -13.77 1.82
C LEU C 114 2.32 -13.20 3.05
N THR C 115 1.14 -13.72 3.35
CA THR C 115 0.35 -13.29 4.49
C THR C 115 -0.07 -14.51 5.29
N CYS C 116 0.32 -14.55 6.57
CA CYS C 116 0.02 -15.67 7.45
C CYS C 116 -0.95 -15.22 8.54
N ARG C 117 -1.74 -16.18 9.03
CA ARG C 117 -2.69 -15.93 10.09
C ARG C 117 -2.66 -17.11 11.05
N TRP C 118 -2.54 -16.82 12.35
CA TRP C 118 -2.46 -17.84 13.38
C TRP C 118 -3.48 -17.54 14.48
N THR C 119 -3.60 -18.48 15.41
CA THR C 119 -4.53 -18.36 16.53
C THR C 119 -3.80 -18.71 17.82
N PRO C 120 -3.93 -17.89 18.87
CA PRO C 120 -3.26 -18.21 20.15
C PRO C 120 -3.70 -19.56 20.72
N GLY C 121 -5.01 -19.73 20.90
CA GLY C 121 -5.56 -20.98 21.38
C GLY C 121 -5.54 -21.18 22.88
N ALA C 122 -5.07 -20.19 23.64
CA ALA C 122 -5.02 -20.28 25.10
C ALA C 122 -5.74 -19.08 25.69
N HIS C 123 -6.55 -19.34 26.72
CA HIS C 123 -7.32 -18.29 27.38
C HIS C 123 -6.57 -17.60 28.51
N GLY C 124 -5.37 -18.09 28.86
CA GLY C 124 -4.61 -17.52 29.95
C GLY C 124 -3.65 -16.43 29.52
N GLU C 125 -3.30 -16.40 28.23
CA GLU C 125 -2.34 -15.42 27.73
C GLU C 125 -2.99 -14.11 27.29
N THR C 126 -4.30 -14.10 27.08
CA THR C 126 -4.97 -12.88 26.63
C THR C 126 -5.08 -11.83 27.73
N PHE C 127 -4.87 -12.21 28.98
CA PHE C 127 -4.96 -11.25 30.08
C PHE C 127 -3.77 -10.31 30.09
N LEU C 128 -2.55 -10.87 30.01
CA LEU C 128 -1.34 -10.07 29.99
C LEU C 128 -0.91 -9.78 28.56
N HIS C 129 0.01 -8.82 28.42
CA HIS C 129 0.53 -8.45 27.12
C HIS C 129 1.43 -9.56 26.58
N THR C 130 1.03 -10.17 25.47
CA THR C 130 1.77 -11.26 24.86
C THR C 130 2.37 -10.79 23.54
N ASN C 131 3.65 -11.08 23.34
CA ASN C 131 4.35 -10.71 22.12
C ASN C 131 4.27 -11.85 21.11
N TYR C 132 3.94 -11.51 19.86
CA TYR C 132 3.84 -12.49 18.79
C TYR C 132 4.78 -12.09 17.67
N SER C 133 5.70 -12.99 17.31
CA SER C 133 6.67 -12.75 16.26
C SER C 133 6.64 -13.92 15.27
N LEU C 134 6.78 -13.58 13.99
CA LEU C 134 6.78 -14.56 12.91
C LEU C 134 8.17 -14.70 12.34
N LYS C 135 8.65 -15.94 12.21
CA LYS C 135 9.96 -16.24 11.68
C LYS C 135 9.82 -17.13 10.45
N TYR C 136 10.48 -16.76 9.36
CA TYR C 136 10.44 -17.54 8.13
C TYR C 136 11.84 -17.62 7.54
N LYS C 137 12.18 -18.79 7.01
CA LYS C 137 13.49 -19.02 6.43
C LYS C 137 13.41 -20.24 5.51
N LEU C 138 14.48 -20.44 4.75
CA LEU C 138 14.58 -21.61 3.88
C LEU C 138 14.98 -22.84 4.70
N ARG C 139 14.62 -24.01 4.17
CA ARG C 139 14.84 -25.24 4.92
C ARG C 139 16.30 -25.67 4.90
N TRP C 140 16.98 -25.52 3.77
CA TRP C 140 18.33 -26.03 3.61
C TRP C 140 19.41 -24.96 3.65
N TYR C 141 19.12 -23.76 3.14
CA TYR C 141 20.13 -22.70 3.09
C TYR C 141 19.42 -21.36 3.28
N GLY C 142 19.56 -20.77 4.47
CA GLY C 142 18.95 -19.49 4.73
C GLY C 142 19.16 -19.11 6.18
N GLN C 143 18.66 -17.91 6.51
CA GLN C 143 18.75 -17.38 7.87
C GLN C 143 17.37 -16.89 8.31
N ASP C 144 17.22 -16.75 9.63
CA ASP C 144 15.95 -16.34 10.20
C ASP C 144 15.63 -14.90 9.80
N ASN C 145 14.40 -14.68 9.36
CA ASN C 145 13.93 -13.35 8.96
C ASN C 145 12.64 -13.04 9.70
N THR C 146 12.57 -11.85 10.29
CA THR C 146 11.43 -11.42 11.08
C THR C 146 10.51 -10.56 10.23
N CYS C 147 9.22 -10.85 10.28
CA CYS C 147 8.22 -10.05 9.57
C CYS C 147 7.94 -8.76 10.33
N GLU C 148 7.73 -7.68 9.57
CA GLU C 148 7.57 -6.35 10.15
C GLU C 148 6.15 -5.82 10.08
N GLU C 149 5.51 -5.92 8.91
CA GLU C 149 4.17 -5.36 8.72
C GLU C 149 3.14 -6.30 9.34
N TYR C 150 2.63 -5.95 10.51
CA TYR C 150 1.63 -6.73 11.21
C TYR C 150 0.24 -6.13 11.00
N HIS C 151 -0.77 -6.96 11.26
CA HIS C 151 -2.18 -6.54 11.20
C HIS C 151 -2.55 -6.01 9.83
N THR C 152 -2.14 -6.73 8.78
CA THR C 152 -2.49 -6.33 7.42
C THR C 152 -3.92 -6.72 7.04
N VAL C 153 -4.46 -7.76 7.68
CA VAL C 153 -5.83 -8.18 7.42
C VAL C 153 -6.66 -8.31 8.70
N GLY C 154 -6.04 -8.46 9.87
CA GLY C 154 -6.78 -8.62 11.10
C GLY C 154 -5.87 -8.93 12.26
N PRO C 155 -6.44 -9.43 13.35
CA PRO C 155 -5.62 -9.77 14.53
C PRO C 155 -4.77 -11.00 14.27
N HIS C 156 -3.54 -10.98 14.80
CA HIS C 156 -2.59 -12.09 14.68
C HIS C 156 -2.31 -12.41 13.22
N SER C 157 -1.73 -11.44 12.52
CA SER C 157 -1.40 -11.60 11.12
C SER C 157 -0.18 -10.74 10.79
N CYS C 158 0.52 -11.13 9.73
CA CYS C 158 1.70 -10.40 9.28
C CYS C 158 1.78 -10.44 7.77
N HIS C 159 2.42 -9.43 7.18
CA HIS C 159 2.54 -9.29 5.74
C HIS C 159 4.01 -9.26 5.35
N ILE C 160 4.38 -10.08 4.38
CA ILE C 160 5.75 -10.12 3.87
C ILE C 160 5.75 -9.51 2.46
N PRO C 161 6.10 -8.24 2.31
CA PRO C 161 6.03 -7.61 0.98
C PRO C 161 7.16 -8.02 0.05
N LYS C 162 8.29 -8.46 0.57
CA LYS C 162 9.41 -8.83 -0.29
C LYS C 162 9.12 -10.12 -1.03
N ASP C 163 9.77 -10.27 -2.19
CA ASP C 163 9.59 -11.47 -2.99
C ASP C 163 10.31 -12.67 -2.34
N LEU C 164 9.72 -13.85 -2.52
CA LEU C 164 10.25 -15.08 -1.97
C LEU C 164 10.67 -16.02 -3.09
N ALA C 165 11.61 -16.90 -2.75
CA ALA C 165 12.11 -17.87 -3.73
C ALA C 165 11.07 -18.96 -3.98
N LEU C 166 10.97 -19.36 -5.25
CA LEU C 166 10.01 -20.38 -5.66
C LEU C 166 10.69 -21.75 -5.73
N PHE C 167 9.86 -22.79 -5.79
CA PHE C 167 10.32 -24.18 -5.87
C PHE C 167 11.23 -24.54 -4.69
N THR C 168 10.89 -24.03 -3.51
CA THR C 168 11.67 -24.27 -2.31
C THR C 168 10.74 -24.16 -1.11
N PRO C 169 10.70 -25.18 -0.25
CA PRO C 169 9.81 -25.11 0.93
C PRO C 169 10.32 -24.11 1.95
N TYR C 170 9.38 -23.61 2.75
CA TYR C 170 9.67 -22.63 3.79
C TYR C 170 9.30 -23.19 5.15
N GLU C 171 10.00 -22.71 6.18
CA GLU C 171 9.72 -23.07 7.57
C GLU C 171 9.22 -21.83 8.29
N ILE C 172 7.97 -21.86 8.73
CA ILE C 172 7.32 -20.74 9.39
C ILE C 172 6.85 -21.19 10.76
N TRP C 173 7.19 -20.41 11.79
CA TRP C 173 6.75 -20.70 13.15
C TRP C 173 6.52 -19.37 13.87
N VAL C 174 5.65 -19.42 14.88
CA VAL C 174 5.29 -18.24 15.67
C VAL C 174 5.79 -18.43 17.09
N GLU C 175 6.40 -17.40 17.64
CA GLU C 175 6.93 -17.42 19.00
C GLU C 175 6.11 -16.51 19.89
N ALA C 176 5.75 -17.00 21.07
CA ALA C 176 4.97 -16.25 22.05
C ALA C 176 5.85 -15.95 23.26
N THR C 177 5.84 -14.70 23.70
CA THR C 177 6.67 -14.26 24.81
C THR C 177 5.91 -13.23 25.62
N ASN C 178 5.94 -13.38 26.95
CA ASN C 178 5.26 -12.45 27.86
C ASN C 178 6.08 -12.35 29.13
N ARG C 179 5.48 -11.79 30.18
CA ARG C 179 6.17 -11.60 31.45
C ARG C 179 6.44 -12.91 32.17
N LEU C 180 5.69 -13.97 31.86
CA LEU C 180 5.82 -15.23 32.58
C LEU C 180 6.80 -16.19 31.90
N GLY C 181 6.52 -16.56 30.65
CA GLY C 181 7.36 -17.50 29.94
C GLY C 181 7.41 -17.29 28.45
N SER C 182 8.01 -18.25 27.73
CA SER C 182 8.14 -18.19 26.29
C SER C 182 7.83 -19.55 25.69
N ALA C 183 7.18 -19.54 24.52
CA ALA C 183 6.82 -20.77 23.83
C ALA C 183 6.98 -20.58 22.33
N ARG C 184 7.26 -21.67 21.63
CA ARG C 184 7.46 -21.66 20.19
C ARG C 184 6.52 -22.66 19.53
N SER C 185 5.94 -22.26 18.41
CA SER C 185 5.02 -23.13 17.68
C SER C 185 5.80 -24.18 16.89
N ASP C 186 5.05 -25.15 16.36
CA ASP C 186 5.67 -26.22 15.59
C ASP C 186 6.06 -25.72 14.20
N VAL C 187 7.13 -26.31 13.66
CA VAL C 187 7.62 -25.93 12.34
C VAL C 187 6.66 -26.46 11.29
N LEU C 188 6.23 -25.58 10.39
CA LEU C 188 5.29 -25.92 9.32
C LEU C 188 6.00 -25.78 7.98
N THR C 189 5.98 -26.85 7.20
CA THR C 189 6.57 -26.85 5.86
C THR C 189 5.51 -26.40 4.86
N LEU C 190 5.76 -25.28 4.18
CA LEU C 190 4.81 -24.69 3.25
C LEU C 190 5.46 -24.48 1.90
N ASP C 191 4.72 -24.77 0.83
CA ASP C 191 5.15 -24.54 -0.53
C ASP C 191 4.36 -23.39 -1.12
N ILE C 192 5.05 -22.45 -1.77
CA ILE C 192 4.37 -21.29 -2.32
C ILE C 192 3.53 -21.67 -3.54
N LEU C 193 3.93 -22.71 -4.26
CA LEU C 193 3.19 -23.13 -5.45
C LEU C 193 1.83 -23.74 -5.13
N ASP C 194 1.54 -24.02 -3.86
CA ASP C 194 0.26 -24.60 -3.48
C ASP C 194 -0.72 -23.58 -2.90
N VAL C 195 -0.27 -22.36 -2.62
CA VAL C 195 -1.13 -21.34 -2.04
C VAL C 195 -1.20 -20.14 -2.96
N VAL C 196 -1.10 -20.38 -4.27
CA VAL C 196 -1.13 -19.30 -5.24
C VAL C 196 -2.53 -18.69 -5.31
N THR C 197 -2.61 -17.38 -5.14
CA THR C 197 -3.87 -16.65 -5.23
C THR C 197 -3.68 -15.47 -6.18
N THR C 198 -4.67 -15.21 -7.02
CA THR C 198 -4.59 -14.17 -8.03
C THR C 198 -5.82 -13.27 -7.93
N ASP C 199 -5.78 -12.18 -8.70
CA ASP C 199 -6.86 -11.21 -8.72
C ASP C 199 -7.97 -11.64 -9.67
N PRO C 200 -9.21 -11.20 -9.43
CA PRO C 200 -10.29 -11.56 -10.34
C PRO C 200 -10.10 -10.90 -11.70
N PRO C 201 -10.60 -11.51 -12.76
CA PRO C 201 -10.41 -10.94 -14.11
C PRO C 201 -11.18 -9.64 -14.26
N PRO C 202 -10.48 -8.54 -14.57
CA PRO C 202 -11.16 -7.26 -14.75
C PRO C 202 -11.74 -7.14 -16.16
N ASP C 203 -12.37 -5.99 -16.42
CA ASP C 203 -12.97 -5.68 -17.71
C ASP C 203 -14.01 -6.72 -18.10
N VAL C 204 -15.05 -6.81 -17.28
CA VAL C 204 -16.16 -7.73 -17.52
C VAL C 204 -17.22 -7.00 -18.33
N HIS C 205 -17.41 -7.43 -19.58
CA HIS C 205 -18.36 -6.80 -20.49
C HIS C 205 -19.30 -7.86 -21.05
N VAL C 206 -20.60 -7.60 -20.93
CA VAL C 206 -21.64 -8.49 -21.43
C VAL C 206 -22.38 -7.78 -22.54
N SER C 207 -22.43 -8.40 -23.72
CA SER C 207 -23.08 -7.82 -24.89
C SER C 207 -23.98 -8.86 -25.55
N ARG C 208 -24.94 -8.37 -26.31
CA ARG C 208 -25.87 -9.24 -27.02
C ARG C 208 -25.23 -9.77 -28.30
N VAL C 209 -25.84 -10.82 -28.85
CA VAL C 209 -25.36 -11.46 -30.06
C VAL C 209 -26.54 -11.61 -31.02
N GLY C 210 -26.47 -10.91 -32.15
CA GLY C 210 -27.53 -11.01 -33.15
C GLY C 210 -28.86 -10.56 -32.61
N GLY C 211 -29.91 -11.35 -32.91
CA GLY C 211 -31.24 -11.07 -32.43
C GLY C 211 -31.80 -12.10 -31.46
N LEU C 212 -30.98 -13.02 -30.95
CA LEU C 212 -31.45 -14.03 -30.03
C LEU C 212 -31.80 -13.41 -28.69
N GLU C 213 -33.00 -13.71 -28.19
CA GLU C 213 -33.47 -13.14 -26.94
C GLU C 213 -33.13 -13.99 -25.72
N ASP C 214 -32.74 -15.24 -25.91
CA ASP C 214 -32.44 -16.16 -24.81
C ASP C 214 -30.96 -16.49 -24.70
N GLN C 215 -30.09 -15.77 -25.41
CA GLN C 215 -28.66 -16.02 -25.38
C GLN C 215 -27.91 -14.70 -25.24
N LEU C 216 -26.81 -14.74 -24.50
CA LEU C 216 -25.95 -13.57 -24.28
C LEU C 216 -24.49 -13.98 -24.49
N SER C 217 -23.60 -13.02 -24.33
CA SER C 217 -22.17 -13.25 -24.48
C SER C 217 -21.42 -12.52 -23.36
N VAL C 218 -20.51 -13.23 -22.70
CA VAL C 218 -19.73 -12.69 -21.60
C VAL C 218 -18.26 -12.83 -21.97
N ARG C 219 -17.55 -11.69 -22.01
CA ARG C 219 -16.14 -11.67 -22.35
C ARG C 219 -15.39 -10.85 -21.30
N TRP C 220 -14.11 -11.19 -21.11
CA TRP C 220 -13.29 -10.52 -20.12
C TRP C 220 -11.84 -10.56 -20.56
N VAL C 221 -10.98 -9.90 -19.79
CA VAL C 221 -9.55 -9.83 -20.06
C VAL C 221 -8.82 -10.55 -18.93
N SER C 222 -7.86 -11.39 -19.29
CA SER C 222 -7.09 -12.11 -18.28
C SER C 222 -6.29 -11.13 -17.42
N PRO C 223 -6.07 -11.46 -16.15
CA PRO C 223 -5.31 -10.56 -15.27
C PRO C 223 -3.86 -10.47 -15.70
N PRO C 224 -3.35 -9.26 -15.93
CA PRO C 224 -1.95 -9.12 -16.35
C PRO C 224 -0.93 -9.50 -15.28
N ALA C 225 -1.37 -9.71 -14.04
CA ALA C 225 -0.43 -10.08 -12.99
C ALA C 225 0.13 -11.48 -13.18
N LEU C 226 -0.63 -12.35 -13.85
CA LEU C 226 -0.18 -13.71 -14.09
C LEU C 226 0.85 -13.74 -15.22
N LYS C 227 1.96 -14.44 -14.99
CA LYS C 227 3.01 -14.52 -15.99
C LYS C 227 2.70 -15.50 -17.12
N ASP C 228 1.70 -16.37 -16.94
CA ASP C 228 1.23 -17.34 -17.91
C ASP C 228 2.26 -18.43 -18.19
N PHE C 229 3.43 -18.39 -17.55
CA PHE C 229 4.49 -19.37 -17.78
C PHE C 229 4.49 -20.49 -16.75
N LEU C 230 4.14 -20.20 -15.50
CA LEU C 230 4.20 -21.20 -14.44
C LEU C 230 2.89 -21.96 -14.26
N PHE C 231 1.75 -21.32 -14.51
CA PHE C 231 0.46 -21.97 -14.34
C PHE C 231 -0.57 -21.32 -15.24
N GLN C 232 -1.74 -21.94 -15.33
CA GLN C 232 -2.85 -21.46 -16.12
C GLN C 232 -4.07 -21.31 -15.24
N ALA C 233 -4.76 -20.18 -15.37
CA ALA C 233 -5.94 -19.91 -14.55
C ALA C 233 -7.17 -20.62 -15.12
N LYS C 234 -8.16 -20.81 -14.25
CA LYS C 234 -9.42 -21.44 -14.63
C LYS C 234 -10.56 -20.54 -14.20
N TYR C 235 -11.38 -20.11 -15.15
CA TYR C 235 -12.45 -19.15 -14.89
C TYR C 235 -13.74 -19.87 -14.52
N GLN C 236 -14.63 -19.13 -13.86
CA GLN C 236 -15.95 -19.63 -13.48
C GLN C 236 -16.93 -18.46 -13.54
N ILE C 237 -18.11 -18.72 -14.10
CA ILE C 237 -19.12 -17.69 -14.34
C ILE C 237 -20.37 -18.05 -13.55
N ARG C 238 -21.02 -17.03 -12.99
CA ARG C 238 -22.30 -17.20 -12.31
C ARG C 238 -23.20 -16.01 -12.64
N TYR C 239 -24.50 -16.24 -12.61
CA TYR C 239 -25.47 -15.20 -12.92
C TYR C 239 -26.71 -15.40 -12.07
N ARG C 240 -27.48 -14.32 -11.93
CA ARG C 240 -28.69 -14.33 -11.12
C ARG C 240 -29.74 -13.44 -11.78
N VAL C 241 -30.96 -13.54 -11.28
CA VAL C 241 -32.08 -12.72 -11.73
C VAL C 241 -32.12 -11.46 -10.89
N GLU C 242 -32.57 -10.36 -11.50
CA GLU C 242 -32.59 -9.07 -10.81
C GLU C 242 -33.43 -9.13 -9.54
N ASP C 243 -34.54 -9.86 -9.57
CA ASP C 243 -35.44 -9.96 -8.43
C ASP C 243 -35.23 -11.21 -7.59
N SER C 244 -34.30 -12.08 -7.99
CA SER C 244 -34.04 -13.32 -7.27
C SER C 244 -32.65 -13.30 -6.65
N VAL C 245 -32.52 -13.87 -5.46
CA VAL C 245 -31.24 -13.92 -4.76
C VAL C 245 -30.44 -15.17 -5.09
N ASP C 246 -31.08 -16.21 -5.64
CA ASP C 246 -30.38 -17.44 -5.96
C ASP C 246 -29.39 -17.23 -7.10
N TRP C 247 -28.26 -17.93 -7.04
CA TRP C 247 -27.22 -17.84 -8.05
C TRP C 247 -27.10 -19.15 -8.79
N LYS C 248 -26.95 -19.07 -10.11
CA LYS C 248 -26.74 -20.23 -10.98
C LYS C 248 -25.30 -20.22 -11.46
N VAL C 249 -24.58 -21.30 -11.20
CA VAL C 249 -23.15 -21.39 -11.51
C VAL C 249 -22.97 -22.12 -12.83
N VAL C 250 -21.93 -21.73 -13.57
CA VAL C 250 -21.58 -22.33 -14.85
C VAL C 250 -20.35 -23.20 -14.66
N ASP C 251 -20.22 -24.25 -15.47
CA ASP C 251 -19.10 -25.17 -15.36
C ASP C 251 -17.80 -24.49 -15.78
N ASP C 252 -16.72 -25.26 -15.79
CA ASP C 252 -15.39 -24.72 -16.04
C ASP C 252 -15.31 -24.05 -17.40
N VAL C 253 -14.84 -22.81 -17.42
CA VAL C 253 -14.65 -22.03 -18.64
C VAL C 253 -13.17 -21.65 -18.67
N SER C 254 -12.32 -22.57 -18.22
CA SER C 254 -10.91 -22.29 -17.99
C SER C 254 -10.24 -21.64 -19.20
N ASN C 255 -10.45 -22.21 -20.39
CA ASN C 255 -9.75 -21.75 -21.58
C ASN C 255 -10.46 -20.61 -22.30
N GLN C 256 -11.76 -20.74 -22.52
CA GLN C 256 -12.51 -19.77 -23.31
C GLN C 256 -12.62 -18.46 -22.54
N THR C 257 -12.06 -17.38 -23.10
CA THR C 257 -12.25 -16.06 -22.52
C THR C 257 -13.63 -15.48 -22.81
N SER C 258 -14.35 -16.04 -23.76
CA SER C 258 -15.71 -15.61 -24.10
C SER C 258 -16.64 -16.81 -24.04
N CYS C 259 -17.69 -16.71 -23.23
CA CYS C 259 -18.65 -17.78 -23.04
C CYS C 259 -20.06 -17.25 -23.23
N ARG C 260 -20.93 -18.09 -23.78
CA ARG C 260 -22.32 -17.74 -24.06
C ARG C 260 -23.23 -18.54 -23.15
N LEU C 261 -24.18 -17.85 -22.51
CA LEU C 261 -25.14 -18.51 -21.64
C LEU C 261 -26.32 -19.05 -22.43
N ALA C 262 -27.06 -19.95 -21.80
CA ALA C 262 -28.23 -20.56 -22.43
C ALA C 262 -29.33 -20.72 -21.39
N GLY C 263 -30.58 -20.75 -21.87
CA GLY C 263 -31.72 -20.89 -21.00
C GLY C 263 -32.18 -19.64 -20.31
N LEU C 264 -31.70 -18.47 -20.74
CA LEU C 264 -32.09 -17.22 -20.11
C LEU C 264 -33.48 -16.80 -20.56
N LYS C 265 -34.19 -16.12 -19.66
CA LYS C 265 -35.53 -15.62 -19.95
C LYS C 265 -35.44 -14.27 -20.64
N PRO C 266 -36.14 -14.07 -21.76
CA PRO C 266 -36.08 -12.78 -22.44
C PRO C 266 -36.74 -11.68 -21.64
N GLY C 267 -36.24 -10.45 -21.82
CA GLY C 267 -36.76 -9.30 -21.13
C GLY C 267 -36.47 -9.33 -19.63
N THR C 268 -35.23 -9.68 -19.27
CA THR C 268 -34.82 -9.77 -17.88
C THR C 268 -33.38 -9.31 -17.75
N VAL C 269 -33.10 -8.58 -16.68
CA VAL C 269 -31.76 -8.07 -16.41
C VAL C 269 -31.02 -9.08 -15.53
N TYR C 270 -29.82 -9.46 -15.96
CA TYR C 270 -29.00 -10.41 -15.22
C TYR C 270 -27.68 -9.77 -14.83
N PHE C 271 -27.14 -10.20 -13.69
CA PHE C 271 -25.86 -9.73 -13.18
C PHE C 271 -24.84 -10.85 -13.29
N VAL C 272 -23.71 -10.57 -13.94
CA VAL C 272 -22.68 -11.56 -14.21
C VAL C 272 -21.46 -11.24 -13.38
N GLN C 273 -20.94 -12.26 -12.68
CA GLN C 273 -19.73 -12.14 -11.88
C GLN C 273 -18.82 -13.31 -12.22
N VAL C 274 -17.59 -13.00 -12.65
CA VAL C 274 -16.63 -14.01 -13.09
C VAL C 274 -15.43 -14.00 -12.17
N ARG C 275 -14.96 -15.18 -11.78
CA ARG C 275 -13.77 -15.34 -10.97
C ARG C 275 -12.88 -16.40 -11.60
N CYS C 276 -11.57 -16.29 -11.35
CA CYS C 276 -10.59 -17.20 -11.91
C CYS C 276 -9.81 -17.88 -10.80
N ASN C 277 -9.30 -19.08 -11.11
CA ASN C 277 -8.56 -19.89 -10.16
C ASN C 277 -7.37 -20.54 -10.87
N PRO C 278 -6.16 -20.36 -10.36
CA PRO C 278 -5.00 -20.96 -11.00
C PRO C 278 -4.97 -22.48 -10.84
N PHE C 279 -4.22 -23.13 -11.72
CA PHE C 279 -4.06 -24.57 -11.72
C PHE C 279 -2.57 -24.91 -11.48
N GLY C 280 -2.25 -26.19 -11.59
CA GLY C 280 -0.89 -26.64 -11.35
C GLY C 280 -0.16 -27.10 -12.59
N ILE C 281 0.86 -26.34 -12.99
CA ILE C 281 1.70 -26.69 -14.14
C ILE C 281 3.14 -26.67 -13.68
N TYR C 282 3.94 -27.60 -14.22
CA TYR C 282 5.36 -27.75 -13.86
C TYR C 282 5.52 -28.03 -12.37
N GLY C 283 4.69 -28.94 -11.86
CA GLY C 283 4.74 -29.30 -10.44
C GLY C 283 3.50 -30.04 -10.00
N SER C 284 3.03 -29.74 -8.79
CA SER C 284 1.80 -30.36 -8.29
C SER C 284 0.60 -29.87 -9.07
N LYS C 285 -0.16 -30.81 -9.63
CA LYS C 285 -1.31 -30.48 -10.47
C LYS C 285 -2.52 -30.00 -9.67
N LYS C 286 -2.40 -29.90 -8.35
CA LYS C 286 -3.53 -29.44 -7.54
C LYS C 286 -3.78 -27.95 -7.77
N ALA C 287 -5.06 -27.58 -7.80
CA ALA C 287 -5.44 -26.19 -8.03
C ALA C 287 -5.14 -25.35 -6.79
N GLY C 288 -5.24 -24.03 -6.96
CA GLY C 288 -4.98 -23.09 -5.90
C GLY C 288 -6.25 -22.56 -5.27
N ILE C 289 -6.08 -21.52 -4.45
CA ILE C 289 -7.20 -20.91 -3.76
C ILE C 289 -8.00 -20.06 -4.74
N TRP C 290 -9.32 -20.18 -4.69
CA TRP C 290 -10.18 -19.41 -5.57
C TRP C 290 -10.16 -17.94 -5.19
N SER C 291 -10.33 -17.09 -6.20
CA SER C 291 -10.32 -15.64 -6.01
C SER C 291 -11.73 -15.13 -5.75
N GLU C 292 -11.81 -13.85 -5.36
CA GLU C 292 -13.10 -13.22 -5.11
C GLU C 292 -13.82 -12.93 -6.42
N TRP C 293 -15.13 -12.75 -6.32
CA TRP C 293 -15.94 -12.46 -7.50
C TRP C 293 -15.71 -11.03 -7.96
N SER C 294 -15.78 -10.82 -9.26
CA SER C 294 -15.57 -9.51 -9.85
C SER C 294 -16.80 -8.63 -9.63
N HIS C 295 -16.72 -7.39 -10.09
CA HIS C 295 -17.84 -6.47 -9.94
C HIS C 295 -19.00 -6.92 -10.84
N PRO C 296 -20.24 -6.80 -10.37
CA PRO C 296 -21.38 -7.26 -11.17
C PRO C 296 -21.62 -6.34 -12.36
N THR C 297 -21.72 -6.93 -13.54
CA THR C 297 -22.01 -6.21 -14.78
C THR C 297 -23.37 -6.65 -15.29
N ALA C 298 -24.32 -5.73 -15.32
CA ALA C 298 -25.70 -6.03 -15.68
C ALA C 298 -25.91 -5.83 -17.18
N ALA C 299 -26.76 -6.67 -17.77
CA ALA C 299 -27.11 -6.58 -19.18
C ALA C 299 -28.57 -6.96 -19.35
N SER C 300 -29.21 -6.37 -20.36
CA SER C 300 -30.62 -6.60 -20.64
C SER C 300 -30.78 -7.43 -21.90
N THR C 301 -31.69 -8.41 -21.84
CA THR C 301 -31.97 -9.26 -22.99
C THR C 301 -33.05 -8.62 -23.86
N PRO C 302 -32.80 -8.40 -25.14
CA PRO C 302 -33.82 -7.77 -26.00
C PRO C 302 -34.99 -8.69 -26.26
N ARG C 303 -36.16 -8.34 -25.71
CA ARG C 303 -37.35 -9.16 -25.88
C ARG C 303 -37.88 -9.06 -27.30
N SER C 304 -38.73 -10.01 -27.67
CA SER C 304 -39.32 -10.05 -28.99
C SER C 304 -40.46 -9.04 -29.11
N ARG D 2 -46.27 14.15 85.08
CA ARG D 2 -45.35 15.18 84.58
C ARG D 2 -45.34 16.40 85.50
N HIS D 3 -45.08 17.57 84.92
CA HIS D 3 -45.11 18.82 85.67
C HIS D 3 -46.56 19.25 85.88
N SER D 4 -46.75 20.48 86.38
CA SER D 4 -48.08 21.02 86.64
C SER D 4 -48.89 21.04 85.35
N PRO D 5 -50.22 20.88 85.43
CA PRO D 5 -51.01 20.70 84.20
C PRO D 5 -51.00 21.91 83.29
N GLN D 6 -51.06 23.12 83.82
CA GLN D 6 -51.23 24.31 83.00
C GLN D 6 -49.93 24.79 82.35
N GLU D 7 -48.88 23.98 82.34
CA GLU D 7 -47.64 24.36 81.68
C GLU D 7 -47.76 24.24 80.16
N ALA D 8 -46.70 24.63 79.47
CA ALA D 8 -46.69 24.53 78.01
C ALA D 8 -46.66 23.06 77.61
N PRO D 9 -47.47 22.65 76.64
CA PRO D 9 -47.50 21.24 76.23
C PRO D 9 -46.23 20.84 75.49
N HIS D 10 -45.95 19.54 75.53
CA HIS D 10 -44.78 18.97 74.87
C HIS D 10 -45.12 18.56 73.45
N VAL D 11 -44.10 18.57 72.59
CA VAL D 11 -44.23 18.24 71.17
C VAL D 11 -43.65 16.86 70.93
N GLN D 12 -44.40 15.99 70.27
CA GLN D 12 -43.96 14.65 69.93
C GLN D 12 -44.26 14.39 68.46
N TYR D 13 -43.29 13.80 67.77
CA TYR D 13 -43.40 13.53 66.33
C TYR D 13 -43.49 12.03 66.09
N GLU D 14 -44.24 11.65 65.04
CA GLU D 14 -44.43 10.26 64.69
C GLU D 14 -44.49 10.12 63.17
N ARG D 15 -44.06 8.96 62.69
CA ARG D 15 -44.08 8.66 61.27
C ARG D 15 -45.52 8.41 60.80
N LEU D 16 -45.66 8.12 59.51
CA LEU D 16 -46.96 7.87 58.90
C LEU D 16 -47.29 6.38 58.93
N GLY D 17 -48.50 6.06 59.41
CA GLY D 17 -48.96 4.68 59.40
C GLY D 17 -48.41 3.79 60.49
N SER D 18 -47.76 4.36 61.50
CA SER D 18 -47.17 3.56 62.57
C SER D 18 -48.17 3.40 63.71
N ASP D 19 -47.73 2.83 64.82
CA ASP D 19 -48.56 2.61 66.00
C ASP D 19 -47.82 3.07 67.24
N VAL D 20 -48.48 3.91 68.03
CA VAL D 20 -47.86 4.50 69.23
C VAL D 20 -48.92 4.58 70.32
N THR D 21 -48.47 4.48 71.57
CA THR D 21 -49.32 4.68 72.72
C THR D 21 -48.97 6.01 73.40
N LEU D 22 -49.99 6.72 73.87
CA LEU D 22 -49.81 8.04 74.47
C LEU D 22 -50.61 8.15 75.76
N PRO D 23 -49.96 8.01 76.91
CA PRO D 23 -50.62 8.25 78.19
C PRO D 23 -50.42 9.66 78.70
N CYS D 24 -51.33 10.09 79.57
CA CYS D 24 -51.27 11.42 80.17
C CYS D 24 -50.77 11.28 81.60
N GLY D 25 -49.48 11.56 81.80
CA GLY D 25 -48.90 11.52 83.12
C GLY D 25 -48.54 10.12 83.58
N THR D 26 -48.21 10.02 84.86
CA THR D 26 -47.82 8.78 85.50
C THR D 26 -48.97 8.16 86.31
N ALA D 27 -50.20 8.33 85.85
CA ALA D 27 -51.35 7.82 86.57
C ALA D 27 -51.41 6.29 86.51
N ASN D 28 -52.22 5.71 87.39
CA ASN D 28 -52.36 4.27 87.46
C ASN D 28 -53.18 3.77 86.27
N TRP D 29 -53.10 2.46 86.02
CA TRP D 29 -53.82 1.86 84.91
C TRP D 29 -55.30 1.66 85.20
N ASP D 30 -55.71 1.70 86.47
CA ASP D 30 -57.09 1.54 86.87
C ASP D 30 -57.78 2.88 87.14
N ALA D 31 -57.40 3.92 86.42
CA ALA D 31 -57.96 5.25 86.60
C ALA D 31 -58.97 5.56 85.50
N ALA D 32 -59.87 6.49 85.81
CA ALA D 32 -60.88 6.93 84.85
C ALA D 32 -60.30 8.05 84.01
N VAL D 33 -60.03 7.75 82.74
CA VAL D 33 -59.38 8.69 81.83
C VAL D 33 -60.31 8.95 80.65
N THR D 34 -60.49 10.22 80.32
CA THR D 34 -61.28 10.64 79.17
C THR D 34 -60.45 11.62 78.35
N TRP D 35 -60.38 11.38 77.04
CA TRP D 35 -59.56 12.18 76.14
C TRP D 35 -60.44 13.07 75.28
N ARG D 36 -59.86 14.19 74.83
CA ARG D 36 -60.53 15.16 73.98
C ARG D 36 -59.56 15.70 72.96
N VAL D 37 -60.03 15.92 71.74
CA VAL D 37 -59.24 16.51 70.66
C VAL D 37 -60.00 17.69 70.08
N ASN D 38 -59.34 18.84 70.00
CA ASN D 38 -59.88 20.06 69.41
C ASN D 38 -61.23 20.46 70.01
N GLY D 39 -61.56 19.96 71.20
CA GLY D 39 -62.76 20.36 71.90
C GLY D 39 -63.91 19.38 71.87
N THR D 40 -63.72 18.18 71.33
CA THR D 40 -64.77 17.17 71.30
C THR D 40 -64.29 15.91 71.99
N ASP D 41 -65.24 15.17 72.57
CA ASP D 41 -64.92 13.97 73.33
C ASP D 41 -64.67 12.79 72.40
N LEU D 42 -63.93 11.81 72.92
CA LEU D 42 -63.59 10.60 72.18
C LEU D 42 -64.38 9.42 72.71
N ALA D 43 -64.60 8.43 71.84
CA ALA D 43 -65.36 7.25 72.21
C ALA D 43 -64.52 6.35 73.13
N PRO D 44 -65.15 5.70 74.11
CA PRO D 44 -64.38 4.86 75.05
C PRO D 44 -63.80 3.61 74.42
N ASP D 45 -64.13 3.29 73.18
CA ASP D 45 -63.65 2.07 72.54
C ASP D 45 -62.20 2.17 72.07
N LEU D 46 -61.55 3.33 72.27
CA LEU D 46 -60.18 3.52 71.82
C LEU D 46 -59.17 3.50 72.97
N LEU D 47 -59.63 3.63 74.22
CA LEU D 47 -58.73 3.71 75.36
C LEU D 47 -58.28 2.32 75.79
N ASN D 48 -56.96 2.17 75.97
CA ASN D 48 -56.37 0.93 76.48
C ASN D 48 -56.04 1.15 77.95
N GLY D 49 -57.08 1.10 78.78
CA GLY D 49 -56.91 1.33 80.21
C GLY D 49 -56.85 2.81 80.54
N SER D 50 -55.66 3.30 80.85
CA SER D 50 -55.44 4.73 81.08
C SER D 50 -54.61 5.37 79.99
N GLN D 51 -54.28 4.66 78.93
CA GLN D 51 -53.49 5.16 77.82
C GLN D 51 -54.33 5.20 76.54
N LEU D 52 -53.80 5.88 75.53
CA LEU D 52 -54.45 6.02 74.24
C LEU D 52 -53.53 5.48 73.17
N VAL D 53 -54.01 4.50 72.40
CA VAL D 53 -53.26 3.87 71.33
C VAL D 53 -53.86 4.29 70.00
N LEU D 54 -53.00 4.66 69.05
CA LEU D 54 -53.42 5.08 67.72
C LEU D 54 -52.88 4.09 66.69
N HIS D 55 -53.78 3.42 65.97
CA HIS D 55 -53.41 2.39 65.00
C HIS D 55 -53.41 2.99 63.61
N GLY D 56 -52.22 3.10 63.01
CA GLY D 56 -52.10 3.59 61.65
C GLY D 56 -52.57 5.02 61.46
N LEU D 57 -51.84 5.96 62.04
CA LEU D 57 -52.24 7.36 61.97
C LEU D 57 -52.13 7.91 60.55
N GLU D 58 -53.08 8.75 60.17
CA GLU D 58 -53.02 9.51 58.92
C GLU D 58 -52.72 10.97 59.23
N LEU D 59 -52.78 11.81 58.18
CA LEU D 59 -52.52 13.23 58.34
C LEU D 59 -53.62 13.95 59.12
N GLY D 60 -54.82 13.38 59.19
CA GLY D 60 -55.93 14.04 59.84
C GLY D 60 -56.05 13.76 61.32
N HIS D 61 -54.98 13.24 61.93
CA HIS D 61 -54.97 12.93 63.35
C HIS D 61 -54.05 13.84 64.14
N SER D 62 -53.36 14.77 63.49
CA SER D 62 -52.47 15.68 64.20
C SER D 62 -53.27 16.79 64.88
N GLY D 63 -52.74 17.27 65.99
CA GLY D 63 -53.40 18.32 66.75
C GLY D 63 -53.01 18.24 68.21
N LEU D 64 -53.87 18.79 69.06
CA LEU D 64 -53.64 18.83 70.49
C LEU D 64 -54.40 17.69 71.17
N TYR D 65 -53.67 16.76 71.78
CA TYR D 65 -54.26 15.64 72.48
C TYR D 65 -54.41 16.02 73.95
N ALA D 66 -55.66 16.19 74.39
CA ALA D 66 -55.97 16.62 75.75
C ALA D 66 -56.53 15.45 76.55
N CYS D 67 -56.08 15.33 77.79
CA CYS D 67 -56.52 14.28 78.70
C CYS D 67 -57.14 14.93 79.93
N PHE D 68 -58.44 14.72 80.12
CA PHE D 68 -59.19 15.30 81.22
C PHE D 68 -59.70 14.22 82.15
N HIS D 69 -60.31 14.65 83.26
CA HIS D 69 -60.92 13.74 84.20
C HIS D 69 -62.30 13.31 83.69
N ARG D 70 -62.77 12.18 84.20
CA ARG D 70 -64.06 11.62 83.78
C ARG D 70 -65.19 12.54 84.23
N ASP D 71 -65.96 13.04 83.27
CA ASP D 71 -67.11 13.91 83.53
C ASP D 71 -66.68 15.17 84.28
N SER D 72 -65.68 15.86 83.73
CA SER D 72 -65.16 17.09 84.31
C SER D 72 -64.35 17.81 83.25
N TRP D 73 -63.75 18.95 83.64
CA TRP D 73 -62.89 19.74 82.78
C TRP D 73 -61.52 19.95 83.41
N HIS D 74 -61.09 19.02 84.26
CA HIS D 74 -59.81 19.12 84.94
C HIS D 74 -58.71 18.55 84.06
N LEU D 75 -57.78 19.40 83.63
CA LEU D 75 -56.71 18.99 82.76
C LEU D 75 -55.55 18.41 83.56
N ARG D 76 -54.86 17.43 82.96
CA ARG D 76 -53.73 16.77 83.59
C ARG D 76 -52.48 16.77 82.74
N HIS D 77 -52.61 16.65 81.42
CA HIS D 77 -51.46 16.56 80.54
C HIS D 77 -51.87 16.96 79.13
N GLN D 78 -51.07 17.83 78.50
CA GLN D 78 -51.30 18.24 77.13
C GLN D 78 -50.08 17.92 76.28
N VAL D 79 -50.31 17.33 75.13
CA VAL D 79 -49.25 16.97 74.19
C VAL D 79 -49.71 17.32 72.79
N LEU D 80 -48.81 17.90 72.00
CA LEU D 80 -49.06 18.17 70.59
C LEU D 80 -48.42 17.08 69.76
N LEU D 81 -49.23 16.46 68.89
CA LEU D 81 -48.77 15.39 68.02
C LEU D 81 -48.68 15.91 66.59
N HIS D 82 -47.51 15.71 65.96
CA HIS D 82 -47.28 16.11 64.59
C HIS D 82 -46.74 14.92 63.82
N VAL D 83 -47.45 14.54 62.75
CA VAL D 83 -47.08 13.41 61.92
C VAL D 83 -46.29 13.93 60.72
N GLY D 84 -45.19 13.24 60.39
CA GLY D 84 -44.33 13.66 59.31
C GLY D 84 -43.76 12.47 58.55
N LEU D 85 -42.97 12.77 57.53
CA LEU D 85 -42.33 11.78 56.70
C LEU D 85 -40.81 11.98 56.75
N PRO D 86 -40.04 10.92 56.96
CA PRO D 86 -38.57 11.07 56.94
C PRO D 86 -38.09 11.63 55.62
N PRO D 87 -37.05 12.47 55.65
CA PRO D 87 -36.62 13.14 54.42
C PRO D 87 -35.96 12.17 53.45
N ARG D 88 -36.05 12.52 52.16
CA ARG D 88 -35.42 11.78 51.10
C ARG D 88 -34.15 12.48 50.65
N GLU D 89 -33.54 12.00 49.58
CA GLU D 89 -32.32 12.62 49.07
C GLU D 89 -32.66 13.95 48.41
N PRO D 90 -32.00 15.05 48.76
CA PRO D 90 -32.29 16.33 48.13
C PRO D 90 -31.79 16.37 46.69
N VAL D 91 -32.30 17.35 45.96
CA VAL D 91 -31.93 17.59 44.57
C VAL D 91 -30.99 18.79 44.53
N LEU D 92 -29.76 18.55 44.10
CA LEU D 92 -28.73 19.58 44.08
C LEU D 92 -28.14 19.69 42.68
N SER D 93 -28.16 20.91 42.13
CA SER D 93 -27.58 21.18 40.83
C SER D 93 -27.27 22.67 40.76
N CYS D 94 -25.99 23.02 40.63
CA CYS D 94 -25.58 24.40 40.75
C CYS D 94 -25.38 25.04 39.38
N ARG D 95 -25.34 26.37 39.38
CA ARG D 95 -25.29 27.16 38.15
C ARG D 95 -24.66 28.51 38.46
N SER D 96 -23.81 28.98 37.55
CA SER D 96 -23.10 30.25 37.71
C SER D 96 -23.78 31.27 36.80
N ASN D 97 -24.58 32.16 37.39
CA ASN D 97 -25.22 33.22 36.62
C ASN D 97 -24.20 34.25 36.13
N THR D 98 -23.09 34.40 36.85
CA THR D 98 -22.04 35.35 36.49
C THR D 98 -20.73 34.59 36.41
N TYR D 99 -20.12 34.57 35.22
CA TYR D 99 -18.86 33.84 35.05
C TYR D 99 -17.70 34.51 35.77
N PRO D 100 -17.48 35.82 35.68
CA PRO D 100 -16.37 36.42 36.45
C PRO D 100 -16.55 36.28 37.95
N LYS D 101 -17.77 36.34 38.46
CA LYS D 101 -18.04 36.17 39.88
C LYS D 101 -18.29 34.70 40.18
N GLY D 102 -18.76 34.41 41.39
CA GLY D 102 -19.00 33.04 41.81
C GLY D 102 -20.30 32.48 41.28
N PHE D 103 -20.79 31.45 41.96
CA PHE D 103 -22.00 30.74 41.57
C PHE D 103 -22.93 30.61 42.77
N TYR D 104 -24.12 30.06 42.52
CA TYR D 104 -25.14 29.90 43.54
C TYR D 104 -26.06 28.75 43.16
N CYS D 105 -26.67 28.13 44.16
CA CYS D 105 -27.60 27.03 43.90
C CYS D 105 -28.45 26.77 45.14
N SER D 106 -29.52 26.01 44.92
CA SER D 106 -30.53 25.72 45.93
C SER D 106 -30.61 24.21 46.17
N TRP D 107 -31.36 23.85 47.20
CA TRP D 107 -31.60 22.45 47.55
C TRP D 107 -33.04 22.30 48.01
N HIS D 108 -33.71 21.26 47.51
CA HIS D 108 -35.10 21.01 47.86
C HIS D 108 -35.38 19.51 47.79
N LEU D 109 -36.33 19.08 48.60
CA LEU D 109 -36.70 17.66 48.64
C LEU D 109 -37.72 17.35 47.55
N PRO D 110 -37.66 16.15 46.96
CA PRO D 110 -38.67 15.81 45.94
C PRO D 110 -40.06 15.66 46.52
N THR D 111 -40.18 15.09 47.72
CA THR D 111 -41.46 14.94 48.40
C THR D 111 -41.51 15.92 49.57
N PRO D 112 -42.48 16.83 49.61
CA PRO D 112 -42.52 17.79 50.72
C PRO D 112 -42.91 17.12 52.03
N THR D 113 -42.35 17.64 53.11
CA THR D 113 -42.60 17.13 54.45
C THR D 113 -43.37 18.16 55.28
N TYR D 114 -43.93 17.69 56.39
CA TYR D 114 -44.74 18.50 57.28
C TYR D 114 -43.98 18.94 58.52
N ILE D 115 -42.66 18.86 58.50
CA ILE D 115 -41.82 19.26 59.64
C ILE D 115 -40.65 20.07 59.10
N PRO D 116 -40.33 21.22 59.70
CA PRO D 116 -39.16 21.98 59.22
C PRO D 116 -37.87 21.23 59.53
N ASN D 117 -36.99 21.15 58.52
CA ASN D 117 -35.73 20.44 58.64
C ASN D 117 -34.57 21.41 58.84
N THR D 118 -33.41 20.84 59.12
CA THR D 118 -32.16 21.59 59.27
C THR D 118 -31.20 21.16 58.18
N PHE D 119 -30.62 22.13 57.47
CA PHE D 119 -29.76 21.87 56.34
C PHE D 119 -28.31 22.23 56.67
N ASN D 120 -27.39 21.58 55.96
CA ASN D 120 -25.96 21.82 56.11
C ASN D 120 -25.34 22.10 54.76
N VAL D 121 -24.33 22.97 54.75
CA VAL D 121 -23.63 23.34 53.53
C VAL D 121 -22.13 23.23 53.79
N THR D 122 -21.43 22.59 52.85
CA THR D 122 -19.98 22.41 52.98
C THR D 122 -19.41 22.20 51.59
N VAL D 123 -18.49 23.08 51.17
CA VAL D 123 -17.83 22.99 49.87
C VAL D 123 -16.37 22.67 50.11
N LEU D 124 -15.82 21.79 49.28
CA LEU D 124 -14.44 21.34 49.42
C LEU D 124 -13.48 22.04 48.47
N HIS D 125 -13.77 22.02 47.16
CA HIS D 125 -12.89 22.59 46.13
C HIS D 125 -11.50 22.00 46.23
N GLY D 126 -11.45 20.67 46.11
CA GLY D 126 -10.20 19.95 46.27
C GLY D 126 -9.86 19.73 47.72
N SER D 127 -8.88 20.48 48.22
CA SER D 127 -8.52 20.48 49.65
C SER D 127 -8.48 21.93 50.11
N LYS D 128 -9.63 22.46 50.49
CA LYS D 128 -9.76 23.85 50.91
C LYS D 128 -11.03 23.98 51.74
N ILE D 129 -11.37 25.21 52.11
CA ILE D 129 -12.55 25.50 52.92
C ILE D 129 -13.23 26.73 52.35
N MET D 130 -14.53 26.62 52.06
CA MET D 130 -15.32 27.72 51.54
C MET D 130 -16.24 28.26 52.64
N VAL D 131 -16.89 29.38 52.34
CA VAL D 131 -17.68 30.11 53.32
C VAL D 131 -19.17 29.83 53.17
N CYS D 132 -19.71 30.05 51.96
CA CYS D 132 -21.15 30.02 51.71
C CYS D 132 -21.88 30.98 52.65
N GLU D 133 -21.57 32.27 52.48
CA GLU D 133 -22.27 33.32 53.20
C GLU D 133 -23.53 33.70 52.45
N LYS D 134 -24.66 33.78 53.15
CA LYS D 134 -25.95 34.00 52.51
C LYS D 134 -26.80 34.94 53.36
N ASP D 135 -27.13 36.10 52.79
CA ASP D 135 -28.14 37.00 53.36
C ASP D 135 -29.17 37.34 52.27
N PRO D 136 -29.80 36.33 51.66
CA PRO D 136 -30.65 36.60 50.50
C PRO D 136 -32.10 36.87 50.87
N ALA D 137 -32.95 37.09 49.87
CA ALA D 137 -34.38 37.22 50.11
C ALA D 137 -35.01 35.86 50.36
N LEU D 138 -34.85 34.93 49.42
CA LEU D 138 -35.33 33.57 49.57
C LEU D 138 -34.21 32.67 50.04
N LYS D 139 -34.56 31.67 50.84
CA LYS D 139 -33.59 30.78 51.44
C LYS D 139 -33.02 29.82 50.40
N ASN D 140 -32.14 28.93 50.86
CA ASN D 140 -31.52 27.89 50.04
C ASN D 140 -30.74 28.51 48.86
N ARG D 141 -29.69 29.23 49.22
CA ARG D 141 -28.81 29.84 48.23
C ARG D 141 -27.47 30.13 48.88
N CYS D 142 -26.42 29.40 48.47
CA CYS D 142 -25.10 29.62 49.03
C CYS D 142 -24.52 30.97 48.60
N HIS D 143 -24.60 31.27 47.30
CA HIS D 143 -24.03 32.48 46.72
C HIS D 143 -22.53 32.57 47.01
N ILE D 144 -21.82 31.52 46.64
CA ILE D 144 -20.37 31.47 46.83
C ILE D 144 -19.69 32.34 45.78
N ARG D 145 -18.49 32.83 46.12
CA ARG D 145 -17.71 33.66 45.24
C ARG D 145 -16.45 32.92 44.80
N TYR D 146 -16.01 33.21 43.58
CA TYR D 146 -14.82 32.56 43.04
C TYR D 146 -13.56 33.28 43.52
N MET D 147 -12.42 32.58 43.38
CA MET D 147 -11.13 33.12 43.80
C MET D 147 -10.03 32.98 42.75
N HIS D 148 -10.15 32.05 41.80
CA HIS D 148 -9.13 31.84 40.79
C HIS D 148 -9.79 31.56 39.45
N LEU D 149 -8.97 31.46 38.41
CA LEU D 149 -9.43 31.16 37.06
C LEU D 149 -8.61 30.00 36.51
N PHE D 150 -9.29 29.03 35.90
CA PHE D 150 -8.65 27.84 35.36
C PHE D 150 -7.82 27.12 36.42
N SER D 151 -8.43 26.91 37.58
CA SER D 151 -7.72 26.30 38.70
C SER D 151 -7.46 24.81 38.48
N THR D 152 -8.16 24.18 37.53
CA THR D 152 -8.00 22.76 37.23
C THR D 152 -8.27 21.91 38.47
N ILE D 153 -9.32 22.28 39.21
CA ILE D 153 -9.73 21.56 40.41
C ILE D 153 -11.24 21.44 40.39
N LYS D 154 -11.75 20.21 40.46
CA LYS D 154 -13.18 19.97 40.43
C LYS D 154 -13.81 20.34 41.77
N TYR D 155 -14.81 21.23 41.73
CA TYR D 155 -15.51 21.62 42.95
C TYR D 155 -16.38 20.48 43.45
N LYS D 156 -16.49 20.37 44.77
CA LYS D 156 -17.30 19.34 45.40
C LYS D 156 -18.11 19.97 46.52
N VAL D 157 -19.43 19.91 46.40
CA VAL D 157 -20.36 20.44 47.41
C VAL D 157 -21.28 19.31 47.86
N SER D 158 -21.67 19.33 49.13
CA SER D 158 -22.54 18.33 49.70
C SER D 158 -23.66 19.00 50.48
N ILE D 159 -24.86 18.44 50.39
CA ILE D 159 -26.04 18.94 51.08
C ILE D 159 -26.52 17.87 52.04
N SER D 160 -26.80 18.28 53.29
CA SER D 160 -27.29 17.38 54.32
C SER D 160 -28.62 17.89 54.86
N VAL D 161 -29.46 16.96 55.29
CA VAL D 161 -30.78 17.26 55.83
C VAL D 161 -30.91 16.59 57.18
N SER D 162 -31.40 17.34 58.17
CA SER D 162 -31.59 16.84 59.52
C SER D 162 -33.08 16.83 59.87
N ASN D 163 -33.51 15.80 60.57
CA ASN D 163 -34.91 15.66 60.95
C ASN D 163 -35.00 14.72 62.14
N ALA D 164 -36.09 14.87 62.90
CA ALA D 164 -36.34 14.00 64.05
C ALA D 164 -36.73 12.58 63.66
N LEU D 165 -37.07 12.35 62.38
CA LEU D 165 -37.43 11.03 61.90
C LEU D 165 -36.35 10.35 61.09
N GLY D 166 -35.38 11.11 60.57
CA GLY D 166 -34.32 10.51 59.79
C GLY D 166 -33.39 11.58 59.24
N HIS D 167 -32.53 11.17 58.33
CA HIS D 167 -31.56 12.06 57.72
C HIS D 167 -31.10 11.46 56.40
N ASN D 168 -30.47 12.29 55.58
CA ASN D 168 -29.96 11.86 54.29
C ASN D 168 -28.78 12.73 53.91
N ALA D 169 -28.15 12.39 52.78
CA ALA D 169 -26.99 13.13 52.31
C ALA D 169 -26.87 12.97 50.80
N THR D 170 -26.34 14.01 50.16
CA THR D 170 -26.14 14.01 48.71
C THR D 170 -24.98 14.94 48.38
N ALA D 171 -24.08 14.45 47.54
CA ALA D 171 -22.90 15.21 47.13
C ALA D 171 -22.70 15.06 45.63
N ILE D 172 -22.33 16.17 44.98
CA ILE D 172 -22.09 16.19 43.54
C ILE D 172 -20.73 16.86 43.28
N THR D 173 -20.26 16.69 42.05
CA THR D 173 -18.98 17.25 41.62
C THR D 173 -19.17 17.93 40.27
N PHE D 174 -18.45 19.02 40.06
CA PHE D 174 -18.54 19.80 38.82
C PHE D 174 -17.29 20.66 38.69
N ASP D 175 -17.26 21.46 37.63
CA ASP D 175 -16.17 22.40 37.39
C ASP D 175 -16.76 23.73 36.96
N GLU D 176 -15.89 24.74 36.88
CA GLU D 176 -16.32 26.10 36.53
C GLU D 176 -16.61 26.26 35.05
N PHE D 177 -16.26 25.28 34.21
CA PHE D 177 -16.46 25.39 32.77
C PHE D 177 -17.81 24.85 32.31
N THR D 178 -18.41 23.93 33.05
CA THR D 178 -19.64 23.29 32.61
C THR D 178 -20.89 24.05 33.07
N ILE D 179 -20.94 24.43 34.34
CA ILE D 179 -22.14 25.06 34.91
C ILE D 179 -22.00 26.56 34.69
N VAL D 180 -22.37 27.01 33.49
CA VAL D 180 -22.34 28.42 33.13
C VAL D 180 -23.60 28.70 32.30
N LYS D 181 -24.49 29.54 32.82
CA LYS D 181 -25.70 29.90 32.11
C LYS D 181 -26.18 31.28 32.54
N PRO D 182 -26.06 32.28 31.67
CA PRO D 182 -26.50 33.64 32.02
C PRO D 182 -28.02 33.74 31.97
N ASP D 183 -28.51 34.94 32.29
CA ASP D 183 -29.93 35.22 32.27
C ASP D 183 -30.38 35.68 30.88
N PRO D 184 -31.64 35.44 30.54
CA PRO D 184 -32.15 35.86 29.22
C PRO D 184 -32.09 37.38 29.08
N PRO D 185 -32.04 37.88 27.84
CA PRO D 185 -31.97 39.34 27.65
C PRO D 185 -33.26 40.02 28.08
N GLU D 186 -33.15 41.33 28.33
CA GLU D 186 -34.26 42.14 28.80
C GLU D 186 -34.63 43.18 27.76
N ASN D 187 -35.89 43.60 27.78
CA ASN D 187 -36.41 44.67 26.93
C ASN D 187 -36.21 44.34 25.45
N VAL D 188 -36.86 43.27 25.01
CA VAL D 188 -36.83 42.86 23.62
C VAL D 188 -37.99 43.55 22.91
N VAL D 189 -37.68 44.55 22.10
CA VAL D 189 -38.68 45.33 21.38
C VAL D 189 -38.31 45.33 19.90
N ALA D 190 -39.30 45.05 19.04
CA ALA D 190 -39.11 45.03 17.61
C ALA D 190 -39.88 46.17 16.97
N ARG D 191 -39.24 46.84 16.01
CA ARG D 191 -39.84 47.96 15.29
C ARG D 191 -39.79 47.70 13.80
N PRO D 192 -40.80 48.16 13.05
CA PRO D 192 -40.83 47.95 11.61
C PRO D 192 -39.92 48.93 10.89
N VAL D 193 -39.84 48.76 9.57
CA VAL D 193 -39.04 49.64 8.72
C VAL D 193 -39.92 50.16 7.60
N PRO D 194 -39.96 51.49 7.37
CA PRO D 194 -40.86 52.02 6.33
C PRO D 194 -40.40 51.76 4.91
N SER D 195 -39.11 51.49 4.70
CA SER D 195 -38.60 51.32 3.34
C SER D 195 -39.01 49.96 2.77
N ASN D 196 -38.59 48.87 3.41
CA ASN D 196 -38.89 47.53 2.92
C ASN D 196 -40.07 46.96 3.69
N PRO D 197 -41.14 46.55 3.00
CA PRO D 197 -42.29 45.99 3.74
C PRO D 197 -42.00 44.59 4.28
N ARG D 198 -41.27 43.77 3.54
CA ARG D 198 -40.94 42.41 3.97
C ARG D 198 -39.62 42.39 4.73
N ARG D 199 -39.58 43.20 5.80
CA ARG D 199 -38.39 43.31 6.63
C ARG D 199 -38.80 43.81 8.00
N LEU D 200 -38.11 43.30 9.03
CA LEU D 200 -38.40 43.66 10.41
C LEU D 200 -37.09 43.91 11.14
N GLU D 201 -37.13 44.88 12.06
CA GLU D 201 -35.96 45.25 12.87
C GLU D 201 -36.24 44.86 14.31
N VAL D 202 -35.38 44.02 14.88
CA VAL D 202 -35.50 43.56 16.26
C VAL D 202 -34.28 44.02 17.03
N THR D 203 -34.51 44.62 18.20
CA THR D 203 -33.43 45.11 19.06
C THR D 203 -33.66 44.60 20.48
N TRP D 204 -32.58 44.15 21.11
CA TRP D 204 -32.61 43.66 22.48
C TRP D 204 -31.49 44.33 23.27
N GLN D 205 -31.35 43.93 24.53
CA GLN D 205 -30.33 44.51 25.41
C GLN D 205 -29.50 43.42 26.07
N THR D 206 -28.62 43.83 26.99
CA THR D 206 -27.77 42.92 27.73
C THR D 206 -28.23 42.82 29.17
N PRO D 207 -28.34 41.62 29.73
CA PRO D 207 -28.75 41.51 31.14
C PRO D 207 -27.74 42.20 32.07
N SER D 208 -28.28 42.92 33.05
CA SER D 208 -27.43 43.67 33.98
C SER D 208 -26.66 42.78 34.95
N THR D 209 -26.95 41.48 34.97
CA THR D 209 -26.23 40.58 35.88
C THR D 209 -24.79 40.39 35.44
N TRP D 210 -24.54 40.34 34.13
CA TRP D 210 -23.20 40.17 33.59
C TRP D 210 -22.34 41.38 33.95
N PRO D 211 -21.30 41.21 34.76
CA PRO D 211 -20.51 42.37 35.19
C PRO D 211 -19.59 42.92 34.11
N ASP D 212 -19.02 42.04 33.30
CA ASP D 212 -18.06 42.42 32.26
C ASP D 212 -18.59 41.96 30.90
N PRO D 213 -19.46 42.73 30.27
CA PRO D 213 -19.94 42.37 28.93
C PRO D 213 -18.94 42.66 27.82
N GLU D 214 -17.90 43.45 28.09
CA GLU D 214 -16.90 43.77 27.09
C GLU D 214 -15.70 42.84 27.13
N SER D 215 -15.36 42.30 28.30
CA SER D 215 -14.26 41.36 28.40
C SER D 215 -14.70 39.95 28.04
N PHE D 216 -15.88 39.54 28.48
CA PHE D 216 -16.45 38.24 28.16
C PHE D 216 -17.69 38.42 27.29
N PRO D 217 -17.54 38.47 25.97
CA PRO D 217 -18.70 38.70 25.11
C PRO D 217 -19.63 37.49 25.07
N LEU D 218 -20.88 37.74 24.71
CA LEU D 218 -21.89 36.72 24.62
C LEU D 218 -22.30 36.51 23.16
N LYS D 219 -22.74 35.30 22.85
CA LYS D 219 -23.21 34.94 21.52
C LYS D 219 -24.72 34.82 21.56
N PHE D 220 -25.41 35.75 20.90
CA PHE D 220 -26.86 35.80 20.97
C PHE D 220 -27.49 34.80 19.99
N PHE D 221 -28.77 34.52 20.22
CA PHE D 221 -29.56 33.65 19.37
C PHE D 221 -30.93 34.28 19.16
N LEU D 222 -31.46 34.13 17.95
CA LEU D 222 -32.73 34.74 17.59
C LEU D 222 -33.66 33.68 17.01
N ARG D 223 -34.93 33.73 17.42
CA ARG D 223 -35.96 32.83 16.92
C ARG D 223 -37.18 33.65 16.55
N TYR D 224 -37.64 33.51 15.30
CA TYR D 224 -38.79 34.24 14.78
C TYR D 224 -39.83 33.27 14.27
N ARG D 225 -41.10 33.59 14.50
CA ARG D 225 -42.20 32.73 14.10
C ARG D 225 -43.52 33.49 14.10
N PRO D 226 -44.33 33.36 13.05
CA PRO D 226 -45.66 33.97 13.07
C PRO D 226 -46.62 33.21 13.99
N LEU D 227 -47.87 33.66 14.05
CA LEU D 227 -48.85 33.05 14.95
C LEU D 227 -49.65 31.94 14.31
N ILE D 228 -49.85 31.97 12.99
CA ILE D 228 -50.71 30.99 12.34
C ILE D 228 -49.95 29.79 11.78
N LEU D 229 -48.66 29.95 11.43
CA LEU D 229 -47.88 28.83 10.93
C LEU D 229 -47.22 28.03 12.05
N ASP D 230 -47.09 28.62 13.26
CA ASP D 230 -46.58 27.96 14.46
C ASP D 230 -45.36 27.09 14.22
N GLN D 231 -44.42 27.57 13.40
CA GLN D 231 -43.19 26.84 13.11
C GLN D 231 -42.00 27.78 13.29
N TRP D 232 -41.10 27.42 14.21
CA TRP D 232 -39.93 28.23 14.53
C TRP D 232 -38.78 27.86 13.60
N GLN D 233 -38.04 28.88 13.16
CA GLN D 233 -36.83 28.70 12.36
C GLN D 233 -35.66 29.29 13.12
N HIS D 234 -34.61 28.49 13.31
CA HIS D 234 -33.47 28.88 14.11
C HIS D 234 -32.43 29.62 13.27
N VAL D 235 -31.85 30.66 13.85
CA VAL D 235 -30.76 31.41 13.22
C VAL D 235 -29.80 31.86 14.32
N GLU D 236 -28.50 31.69 14.07
CA GLU D 236 -27.48 32.02 15.04
C GLU D 236 -26.82 33.35 14.66
N LEU D 237 -26.60 34.21 15.65
CA LEU D 237 -26.01 35.53 15.44
C LEU D 237 -24.67 35.63 16.14
N SER D 238 -23.86 36.58 15.68
CA SER D 238 -22.57 36.87 16.27
C SER D 238 -22.73 37.95 17.33
N ASP D 239 -21.62 38.53 17.79
CA ASP D 239 -21.66 39.59 18.78
C ASP D 239 -22.37 40.81 18.20
N GLY D 240 -23.40 41.28 18.89
CA GLY D 240 -24.18 42.42 18.44
C GLY D 240 -25.60 42.32 18.95
N THR D 241 -26.19 43.48 19.23
CA THR D 241 -27.56 43.57 19.75
C THR D 241 -28.52 44.08 18.69
N ALA D 242 -28.31 43.68 17.43
CA ALA D 242 -29.16 44.10 16.34
C ALA D 242 -29.26 42.97 15.32
N HIS D 243 -30.40 42.91 14.63
CA HIS D 243 -30.64 41.87 13.64
C HIS D 243 -31.53 42.43 12.55
N THR D 244 -31.36 41.91 11.33
CA THR D 244 -32.15 42.29 10.17
C THR D 244 -32.69 41.02 9.53
N ILE D 245 -33.99 40.77 9.71
CA ILE D 245 -34.64 39.58 9.16
C ILE D 245 -35.41 39.98 7.90
N THR D 246 -35.27 39.18 6.85
CA THR D 246 -35.93 39.44 5.59
C THR D 246 -37.03 38.43 5.27
N ASP D 247 -37.36 37.55 6.22
CA ASP D 247 -38.39 36.54 6.04
C ASP D 247 -39.74 36.99 6.57
N ALA D 248 -39.93 38.30 6.74
CA ALA D 248 -41.19 38.83 7.23
C ALA D 248 -42.24 38.84 6.12
N TYR D 249 -43.50 38.61 6.52
CA TYR D 249 -44.60 38.60 5.56
C TYR D 249 -45.10 40.02 5.33
N ALA D 250 -46.06 40.15 4.41
CA ALA D 250 -46.61 41.46 4.08
C ALA D 250 -47.66 41.91 5.08
N GLY D 251 -48.50 40.98 5.55
CA GLY D 251 -49.57 41.34 6.46
C GLY D 251 -49.75 40.35 7.60
N LYS D 252 -48.68 39.69 8.01
CA LYS D 252 -48.72 38.73 9.10
C LYS D 252 -47.84 39.19 10.25
N GLU D 253 -48.25 38.84 11.47
CA GLU D 253 -47.51 39.20 12.66
C GLU D 253 -46.46 38.13 12.97
N TYR D 254 -45.45 38.52 13.73
CA TYR D 254 -44.34 37.63 14.08
C TYR D 254 -44.08 37.66 15.57
N ILE D 255 -43.54 36.56 16.07
CA ILE D 255 -43.17 36.41 17.48
C ILE D 255 -41.67 36.17 17.53
N ILE D 256 -40.97 37.01 18.30
CA ILE D 256 -39.51 36.97 18.39
C ILE D 256 -39.12 36.52 19.79
N GLN D 257 -38.06 35.70 19.86
CA GLN D 257 -37.51 35.24 21.13
C GLN D 257 -36.00 35.24 21.03
N VAL D 258 -35.35 35.82 22.05
CA VAL D 258 -33.89 35.97 22.06
C VAL D 258 -33.34 35.21 23.27
N ALA D 259 -32.18 34.59 23.08
CA ALA D 259 -31.50 33.85 24.13
C ALA D 259 -30.13 34.47 24.40
N ALA D 260 -29.35 33.82 25.26
CA ALA D 260 -28.04 34.33 25.62
C ALA D 260 -27.12 33.15 25.98
N LYS D 261 -25.84 33.31 25.67
CA LYS D 261 -24.83 32.29 25.93
C LYS D 261 -23.46 32.90 25.70
N ASP D 262 -22.49 32.43 26.49
CA ASP D 262 -21.11 32.86 26.32
C ASP D 262 -20.56 32.37 24.99
N ASN D 263 -19.32 32.76 24.69
CA ASN D 263 -18.72 32.44 23.40
C ASN D 263 -18.52 30.93 23.25
N GLU D 264 -17.77 30.31 24.17
CA GLU D 264 -17.52 28.88 24.09
C GLU D 264 -17.59 28.21 25.46
N ILE D 265 -18.22 28.86 26.43
CA ILE D 265 -18.31 28.36 27.80
C ILE D 265 -19.77 28.27 28.20
N GLY D 266 -20.19 27.10 28.66
CA GLY D 266 -21.54 26.92 29.16
C GLY D 266 -22.52 26.47 28.09
N THR D 267 -23.80 26.52 28.47
CA THR D 267 -24.90 26.13 27.61
C THR D 267 -25.78 27.34 27.32
N TRP D 268 -26.88 27.09 26.61
CA TRP D 268 -27.80 28.15 26.23
C TRP D 268 -28.74 28.48 27.40
N SER D 269 -29.28 29.69 27.36
CA SER D 269 -30.19 30.17 28.38
C SER D 269 -31.63 30.14 27.86
N ASP D 270 -32.55 30.63 28.68
CA ASP D 270 -33.95 30.66 28.30
C ASP D 270 -34.21 31.79 27.30
N TRP D 271 -35.37 31.71 26.65
CA TRP D 271 -35.76 32.70 25.66
C TRP D 271 -36.31 33.95 26.34
N SER D 272 -36.69 34.94 25.53
CA SER D 272 -37.23 36.18 26.05
C SER D 272 -38.67 35.97 26.53
N VAL D 273 -39.25 37.04 27.07
CA VAL D 273 -40.62 36.95 27.59
C VAL D 273 -41.62 36.92 26.44
N ALA D 274 -41.61 37.95 25.60
CA ALA D 274 -42.55 38.05 24.48
C ALA D 274 -42.07 39.15 23.54
N ALA D 275 -42.64 39.18 22.34
CA ALA D 275 -42.33 40.19 21.35
C ALA D 275 -43.43 40.21 20.30
N HIS D 276 -43.86 41.40 19.91
CA HIS D 276 -44.91 41.57 18.92
C HIS D 276 -44.58 42.77 18.05
N ALA D 277 -44.80 42.63 16.75
CA ALA D 277 -44.53 43.71 15.80
C ALA D 277 -45.37 43.50 14.56
N THR D 278 -45.49 44.57 13.77
CA THR D 278 -46.26 44.54 12.54
C THR D 278 -45.45 45.12 11.39
N PRO D 279 -45.53 44.54 10.20
CA PRO D 279 -44.77 45.05 9.06
C PRO D 279 -45.35 46.37 8.55
N TRP D 280 -44.64 46.95 7.59
CA TRP D 280 -45.07 48.22 7.00
C TRP D 280 -46.09 47.99 5.91
N THR D 281 -47.09 48.86 5.84
CA THR D 281 -48.16 48.76 4.86
C THR D 281 -48.52 50.16 4.38
N GLU D 282 -48.50 50.37 3.07
CA GLU D 282 -48.82 51.67 2.49
C GLU D 282 -50.31 51.74 2.18
N GLU D 283 -50.93 52.85 2.57
CA GLU D 283 -52.36 53.04 2.34
C GLU D 283 -52.70 54.53 2.28
N PRO E 7 -1.30 39.20 4.61
CA PRO E 7 -2.56 38.93 5.32
C PRO E 7 -2.65 39.66 6.65
N GLY E 8 -1.51 39.80 7.33
CA GLY E 8 -1.47 40.48 8.60
C GLY E 8 -2.11 39.67 9.71
N PRO E 9 -2.75 40.35 10.66
CA PRO E 9 -3.40 39.67 11.78
C PRO E 9 -4.85 39.27 11.53
N GLY E 10 -5.38 39.49 10.32
CA GLY E 10 -6.74 39.16 10.03
C GLY E 10 -7.00 37.67 9.96
N PRO E 11 -6.47 37.01 8.94
CA PRO E 11 -6.69 35.56 8.80
C PRO E 11 -5.89 34.71 9.78
N SER E 12 -4.76 35.20 10.27
CA SER E 12 -3.91 34.39 11.13
C SER E 12 -4.60 34.07 12.46
N ILE E 13 -5.24 35.07 13.07
CA ILE E 13 -5.90 34.83 14.35
C ILE E 13 -7.09 33.89 14.18
N GLN E 14 -7.82 34.02 13.07
CA GLN E 14 -8.93 33.11 12.82
C GLN E 14 -8.44 31.69 12.60
N LYS E 15 -7.33 31.53 11.87
CA LYS E 15 -6.76 30.21 11.67
C LYS E 15 -6.31 29.60 13.00
N THR E 16 -5.68 30.40 13.85
CA THR E 16 -5.27 29.90 15.16
C THR E 16 -6.48 29.51 16.00
N TYR E 17 -7.57 30.29 15.92
CA TYR E 17 -8.78 29.96 16.67
C TYR E 17 -9.39 28.64 16.20
N ASP E 18 -9.49 28.46 14.89
CA ASP E 18 -10.02 27.21 14.35
C ASP E 18 -9.13 26.03 14.74
N LEU E 19 -7.81 26.21 14.68
CA LEU E 19 -6.91 25.13 15.03
C LEU E 19 -6.99 24.80 16.52
N THR E 20 -7.17 25.81 17.37
CA THR E 20 -7.33 25.56 18.80
C THR E 20 -8.64 24.82 19.07
N ARG E 21 -9.71 25.17 18.36
CA ARG E 21 -10.97 24.45 18.54
C ARG E 21 -10.84 23.00 18.10
N TYR E 22 -10.20 22.76 16.95
CA TYR E 22 -10.01 21.39 16.48
C TYR E 22 -9.15 20.59 17.45
N LEU E 23 -8.08 21.20 17.96
CA LEU E 23 -7.23 20.52 18.92
C LEU E 23 -7.96 20.26 20.22
N GLU E 24 -8.84 21.17 20.63
CA GLU E 24 -9.64 20.95 21.83
C GLU E 24 -10.57 19.75 21.67
N HIS E 25 -11.24 19.66 20.52
CA HIS E 25 -12.11 18.53 20.26
C HIS E 25 -11.32 17.22 20.23
N GLN E 26 -10.19 17.22 19.52
CA GLN E 26 -9.39 16.01 19.43
C GLN E 26 -8.82 15.62 20.79
N LEU E 27 -8.47 16.60 21.62
CA LEU E 27 -7.95 16.30 22.94
C LEU E 27 -9.05 15.78 23.85
N ARG E 28 -10.27 16.29 23.73
CA ARG E 28 -11.38 15.73 24.48
C ARG E 28 -11.59 14.26 24.12
N SER E 29 -11.59 13.96 22.82
CA SER E 29 -11.76 12.57 22.38
C SER E 29 -10.63 11.68 22.88
N LEU E 30 -9.38 12.16 22.76
CA LEU E 30 -8.23 11.37 23.17
C LEU E 30 -8.21 11.17 24.68
N ALA E 31 -8.61 12.18 25.45
CA ALA E 31 -8.66 12.04 26.89
C ALA E 31 -9.75 11.06 27.32
N GLY E 32 -10.90 11.11 26.65
CA GLY E 32 -11.93 10.11 26.91
C GLY E 32 -11.44 8.70 26.64
N THR E 33 -10.76 8.50 25.50
CA THR E 33 -10.23 7.19 25.17
C THR E 33 -9.18 6.74 26.18
N TYR E 34 -8.28 7.65 26.58
CA TYR E 34 -7.23 7.29 27.52
C TYR E 34 -7.78 7.01 28.91
N LEU E 35 -8.84 7.71 29.32
CA LEU E 35 -9.45 7.41 30.61
C LEU E 35 -10.23 6.11 30.57
N ASN E 36 -10.83 5.77 29.42
CA ASN E 36 -11.49 4.47 29.30
C ASN E 36 -10.48 3.33 29.27
N TYR E 37 -9.28 3.58 28.74
CA TYR E 37 -8.27 2.53 28.65
C TYR E 37 -7.44 2.40 29.93
N LEU E 38 -7.32 3.48 30.70
CA LEU E 38 -6.41 3.48 31.85
C LEU E 38 -6.84 2.46 32.90
N GLY E 39 -8.03 2.64 33.48
CA GLY E 39 -8.49 1.74 34.51
C GLY E 39 -9.84 2.14 35.08
N PRO E 40 -10.47 1.20 35.79
CA PRO E 40 -11.78 1.49 36.41
C PRO E 40 -11.75 2.68 37.36
N PRO E 41 -10.72 2.83 38.21
CA PRO E 41 -10.72 4.01 39.09
C PRO E 41 -10.58 5.31 38.33
N PHE E 42 -9.72 5.34 37.29
CA PHE E 42 -9.55 6.53 36.48
C PHE E 42 -10.71 6.78 35.54
N ASN E 43 -11.62 5.81 35.41
CA ASN E 43 -12.81 5.97 34.57
C ASN E 43 -13.99 6.56 35.33
N GLU E 44 -13.86 6.77 36.64
CA GLU E 44 -14.95 7.31 37.41
C GLU E 44 -15.25 8.76 36.98
N PRO E 45 -16.50 9.21 37.14
CA PRO E 45 -16.85 10.56 36.67
C PRO E 45 -16.12 11.68 37.37
N ASP E 46 -15.97 11.61 38.69
CA ASP E 46 -15.35 12.71 39.43
C ASP E 46 -13.85 12.51 39.60
N PHE E 47 -13.46 11.45 40.33
CA PHE E 47 -12.06 11.08 40.54
C PHE E 47 -11.15 12.27 40.81
N ASN E 48 -11.36 12.96 41.93
CA ASN E 48 -10.54 14.13 42.26
C ASN E 48 -9.56 13.81 43.39
N PRO E 49 -8.36 13.34 43.09
CA PRO E 49 -7.36 13.10 44.13
C PRO E 49 -6.45 14.30 44.29
N PRO E 50 -5.68 14.37 45.38
CA PRO E 50 -4.69 15.43 45.50
C PRO E 50 -3.53 15.21 44.53
N ARG E 51 -3.10 16.30 43.90
CA ARG E 51 -2.04 16.24 42.89
C ARG E 51 -0.69 16.12 43.58
N LEU E 52 -0.03 14.98 43.42
CA LEU E 52 1.29 14.75 43.99
C LEU E 52 2.29 14.14 43.02
N GLY E 53 1.84 13.49 41.95
CA GLY E 53 2.78 12.85 41.04
C GLY E 53 3.41 13.83 40.06
N ALA E 54 2.60 14.71 39.49
CA ALA E 54 3.06 15.67 38.48
C ALA E 54 3.08 17.06 39.11
N GLU E 55 4.29 17.56 39.41
CA GLU E 55 4.44 18.88 40.00
C GLU E 55 5.51 19.70 39.29
N THR E 56 5.92 19.31 38.08
CA THR E 56 6.93 20.03 37.33
C THR E 56 6.40 20.74 36.09
N LEU E 57 5.28 20.29 35.54
CA LEU E 57 4.73 20.95 34.36
C LEU E 57 4.10 22.29 34.74
N PRO E 58 4.14 23.27 33.85
CA PRO E 58 3.60 24.59 34.19
C PRO E 58 2.07 24.57 34.27
N ARG E 59 1.54 25.29 35.25
CA ARG E 59 0.11 25.38 35.45
C ARG E 59 -0.49 26.48 34.58
N ALA E 60 -1.82 26.56 34.59
CA ALA E 60 -2.56 27.55 33.81
C ALA E 60 -3.51 28.32 34.70
N THR E 61 -3.10 28.59 35.94
CA THR E 61 -3.91 29.32 36.90
C THR E 61 -3.39 30.76 36.99
N VAL E 62 -4.26 31.71 36.68
CA VAL E 62 -3.89 33.13 36.69
C VAL E 62 -5.08 33.93 37.20
N ASP E 63 -4.79 35.05 37.83
CA ASP E 63 -5.81 35.94 38.34
C ASP E 63 -6.44 36.75 37.20
N LEU E 64 -7.55 37.42 37.51
CA LEU E 64 -8.24 38.21 36.50
C LEU E 64 -7.47 39.47 36.14
N GLU E 65 -7.01 40.21 37.16
CA GLU E 65 -6.25 41.43 36.90
C GLU E 65 -4.92 41.11 36.22
N VAL E 66 -4.28 40.01 36.62
CA VAL E 66 -3.02 39.64 35.98
C VAL E 66 -3.25 39.22 34.53
N TRP E 67 -4.39 38.56 34.26
CA TRP E 67 -4.72 38.19 32.89
C TRP E 67 -5.05 39.40 32.05
N ARG E 68 -5.61 40.45 32.66
CA ARG E 68 -5.93 41.67 31.93
C ARG E 68 -4.73 42.60 31.79
N SER E 69 -3.69 42.43 32.60
CA SER E 69 -2.55 43.33 32.57
C SER E 69 -1.64 43.07 31.37
N LEU E 70 -1.44 41.80 31.02
CA LEU E 70 -0.56 41.47 29.91
C LEU E 70 -1.12 41.98 28.59
N ASN E 71 -0.22 42.41 27.69
CA ASN E 71 -0.58 43.04 26.43
C ASN E 71 0.15 42.37 25.27
N ASP E 72 -0.42 41.28 24.77
CA ASP E 72 -0.10 40.64 23.49
C ASP E 72 1.31 40.05 23.42
N LYS E 73 2.12 40.17 24.47
CA LYS E 73 3.48 39.63 24.43
C LYS E 73 3.71 38.55 25.48
N LEU E 74 3.43 38.84 26.75
CA LEU E 74 3.61 37.83 27.79
C LEU E 74 2.64 36.67 27.59
N ARG E 75 1.41 36.98 27.16
CA ARG E 75 0.43 35.92 26.89
C ARG E 75 0.94 34.97 25.80
N LEU E 76 1.42 35.54 24.69
CA LEU E 76 1.89 34.70 23.60
C LEU E 76 3.14 33.92 23.98
N THR E 77 4.04 34.54 24.76
CA THR E 77 5.25 33.83 25.19
C THR E 77 4.89 32.66 26.11
N GLN E 78 3.99 32.89 27.06
CA GLN E 78 3.56 31.83 27.96
C GLN E 78 2.85 30.72 27.20
N ASN E 79 2.00 31.09 26.23
CA ASN E 79 1.34 30.07 25.41
C ASN E 79 2.34 29.24 24.63
N TYR E 80 3.35 29.90 24.05
CA TYR E 80 4.37 29.19 23.28
C TYR E 80 5.13 28.20 24.16
N GLU E 81 5.61 28.67 25.32
CA GLU E 81 6.41 27.80 26.17
C GLU E 81 5.58 26.65 26.74
N ALA E 82 4.33 26.93 27.14
CA ALA E 82 3.47 25.88 27.66
C ALA E 82 3.13 24.87 26.58
N TYR E 83 2.89 25.32 25.35
CA TYR E 83 2.57 24.40 24.28
C TYR E 83 3.77 23.54 23.92
N SER E 84 4.98 24.11 23.94
CA SER E 84 6.18 23.31 23.70
C SER E 84 6.38 22.26 24.78
N HIS E 85 6.18 22.65 26.04
CA HIS E 85 6.31 21.69 27.13
C HIS E 85 5.28 20.58 27.02
N LEU E 86 4.03 20.93 26.71
CA LEU E 86 2.97 19.93 26.58
C LEU E 86 3.23 19.01 25.40
N LEU E 87 3.76 19.55 24.29
CA LEU E 87 4.11 18.72 23.15
C LEU E 87 5.21 17.74 23.49
N CYS E 88 6.24 18.20 24.21
CA CYS E 88 7.31 17.29 24.63
C CYS E 88 6.77 16.21 25.54
N TYR E 89 5.91 16.57 26.50
CA TYR E 89 5.36 15.58 27.41
C TYR E 89 4.49 14.56 26.67
N LEU E 90 3.66 15.03 25.73
CA LEU E 90 2.81 14.10 25.00
C LEU E 90 3.61 13.23 24.05
N ARG E 91 4.73 13.73 23.52
CA ARG E 91 5.59 12.89 22.69
C ARG E 91 6.28 11.83 23.54
N GLY E 92 6.70 12.18 24.76
CA GLY E 92 7.24 11.19 25.66
C GLY E 92 6.21 10.20 26.15
N LEU E 93 4.94 10.61 26.17
CA LEU E 93 3.85 9.74 26.63
C LEU E 93 3.54 8.60 25.66
N ASN E 94 4.17 8.57 24.48
CA ASN E 94 3.84 7.55 23.49
C ASN E 94 4.30 6.16 23.94
N ARG E 95 5.39 6.09 24.72
CA ARG E 95 5.92 4.80 25.13
C ARG E 95 5.02 4.08 26.13
N GLN E 96 4.10 4.80 26.79
CA GLN E 96 3.25 4.18 27.80
C GLN E 96 2.12 3.37 27.16
N ALA E 97 1.41 3.97 26.20
CA ALA E 97 0.28 3.30 25.56
C ALA E 97 0.77 2.26 24.58
N ALA E 98 0.05 1.14 24.51
CA ALA E 98 0.36 0.03 23.60
C ALA E 98 -0.92 -0.33 22.85
N THR E 99 -1.17 0.38 21.75
CA THR E 99 -2.34 0.14 20.92
C THR E 99 -2.12 0.84 19.58
N ALA E 100 -2.44 0.13 18.49
CA ALA E 100 -2.18 0.66 17.15
C ALA E 100 -2.96 1.95 16.91
N GLU E 101 -4.29 1.89 17.06
CA GLU E 101 -5.11 3.07 16.79
C GLU E 101 -4.83 4.18 17.80
N LEU E 102 -4.55 3.82 19.06
CA LEU E 102 -4.26 4.84 20.07
C LEU E 102 -2.94 5.53 19.76
N ARG E 103 -1.91 4.78 19.38
CA ARG E 103 -0.64 5.40 19.02
C ARG E 103 -0.78 6.23 17.75
N ARG E 104 -1.60 5.80 16.80
CA ARG E 104 -1.83 6.59 15.59
C ARG E 104 -2.51 7.91 15.93
N SER E 105 -3.52 7.88 16.81
CA SER E 105 -4.18 9.11 17.24
C SER E 105 -3.21 10.00 18.01
N LEU E 106 -2.34 9.40 18.82
CA LEU E 106 -1.34 10.19 19.55
C LEU E 106 -0.38 10.89 18.59
N ALA E 107 0.08 10.17 17.56
CA ALA E 107 0.97 10.79 16.58
C ALA E 107 0.26 11.89 15.80
N HIS E 108 -1.01 11.67 15.45
CA HIS E 108 -1.77 12.70 14.76
C HIS E 108 -1.93 13.95 15.62
N PHE E 109 -2.25 13.77 16.91
CA PHE E 109 -2.38 14.91 17.81
C PHE E 109 -1.05 15.62 18.01
N CYS E 110 0.05 14.87 18.07
CA CYS E 110 1.36 15.50 18.21
C CYS E 110 1.70 16.33 16.98
N THR E 111 1.42 15.80 15.78
CA THR E 111 1.65 16.57 14.57
C THR E 111 0.78 17.82 14.53
N SER E 112 -0.48 17.70 14.95
CA SER E 112 -1.37 18.86 14.95
C SER E 112 -0.91 19.90 15.96
N LEU E 113 -0.42 19.46 17.12
CA LEU E 113 0.07 20.41 18.13
C LEU E 113 1.35 21.08 17.68
N GLN E 114 2.23 20.35 16.98
CA GLN E 114 3.42 20.97 16.41
C GLN E 114 3.04 22.01 15.36
N GLY E 115 2.06 21.70 14.53
CA GLY E 115 1.60 22.67 13.55
C GLY E 115 0.98 23.90 14.20
N LEU E 116 0.24 23.69 15.31
CA LEU E 116 -0.33 24.83 16.03
C LEU E 116 0.76 25.68 16.67
N LEU E 117 1.80 25.05 17.21
CA LEU E 117 2.93 25.80 17.75
C LEU E 117 3.62 26.62 16.67
N GLY E 118 3.81 26.02 15.49
CA GLY E 118 4.40 26.75 14.37
C GLY E 118 3.53 27.92 13.93
N SER E 119 2.21 27.72 13.91
CA SER E 119 1.30 28.79 13.54
C SER E 119 1.32 29.91 14.57
N ILE E 120 1.42 29.56 15.86
CA ILE E 120 1.51 30.58 16.90
C ILE E 120 2.81 31.37 16.76
N ALA E 121 3.91 30.67 16.46
CA ALA E 121 5.18 31.36 16.24
C ALA E 121 5.09 32.30 15.03
N GLY E 122 4.42 31.85 13.96
CA GLY E 122 4.25 32.71 12.81
C GLY E 122 3.38 33.93 13.09
N VAL E 123 2.34 33.75 13.91
CA VAL E 123 1.51 34.89 14.31
C VAL E 123 2.33 35.87 15.15
N MET E 124 3.17 35.35 16.05
CA MET E 124 4.03 36.22 16.84
C MET E 124 5.01 36.99 15.98
N ALA E 125 5.57 36.33 14.96
CA ALA E 125 6.52 36.98 14.07
C ALA E 125 5.86 37.91 13.07
N ALA E 126 4.57 37.74 12.81
CA ALA E 126 3.89 38.57 11.82
C ALA E 126 3.50 39.94 12.38
N LEU E 127 3.22 40.03 13.68
CA LEU E 127 2.81 41.31 14.27
C LEU E 127 3.95 42.30 14.40
N GLY E 128 5.19 41.89 14.16
CA GLY E 128 6.31 42.79 14.24
C GLY E 128 6.94 42.86 15.62
N TYR E 129 6.93 41.75 16.34
CA TYR E 129 7.56 41.68 17.65
C TYR E 129 8.97 41.12 17.49
N PRO E 130 10.01 41.81 17.94
CA PRO E 130 11.38 41.30 17.75
C PRO E 130 11.74 40.17 18.68
N LEU E 131 10.84 39.19 18.81
CA LEU E 131 11.05 37.99 19.62
C LEU E 131 10.47 36.79 18.89
N PRO E 132 11.08 36.33 17.80
CA PRO E 132 10.50 35.19 17.06
C PRO E 132 10.50 33.90 17.86
N GLN E 133 11.62 33.56 18.50
CA GLN E 133 11.72 32.33 19.29
C GLN E 133 12.80 32.50 20.35
N PRO E 134 12.44 33.06 21.50
CA PRO E 134 13.39 33.12 22.62
C PRO E 134 13.56 31.74 23.24
N LEU E 135 14.78 31.21 23.19
CA LEU E 135 15.11 29.84 23.56
C LEU E 135 14.68 29.53 24.99
N PRO E 136 13.63 28.72 25.19
CA PRO E 136 13.21 28.37 26.55
C PRO E 136 13.78 27.04 27.01
N GLY E 137 13.92 26.84 28.32
CA GLY E 137 14.23 25.54 28.87
C GLY E 137 15.54 24.95 28.40
N THR E 138 15.43 23.96 27.49
CA THR E 138 16.52 23.13 26.95
C THR E 138 16.99 22.12 27.98
N GLU E 139 16.49 22.22 29.22
CA GLU E 139 16.64 21.15 30.20
C GLU E 139 15.57 20.09 29.99
N PRO E 140 14.27 20.45 29.86
CA PRO E 140 13.25 19.42 29.62
C PRO E 140 13.02 19.13 28.15
N THR E 141 13.98 19.53 27.30
CA THR E 141 13.80 19.40 25.85
C THR E 141 13.46 17.97 25.42
N TRP E 142 13.91 16.98 26.18
CA TRP E 142 13.58 15.58 25.90
C TRP E 142 12.83 14.90 27.03
N THR E 143 13.24 15.14 28.28
CA THR E 143 12.60 14.59 29.48
C THR E 143 12.46 13.08 29.37
N PRO E 144 13.55 12.33 29.51
CA PRO E 144 13.44 10.86 29.47
C PRO E 144 12.71 10.33 30.69
N GLY E 145 11.91 9.29 30.47
CA GLY E 145 11.12 8.70 31.52
C GLY E 145 11.96 8.09 32.62
N PRO E 146 11.86 8.63 33.82
CA PRO E 146 12.62 8.12 34.96
C PRO E 146 11.95 6.91 35.57
N ALA E 147 12.55 6.41 36.64
CA ALA E 147 12.01 5.26 37.36
C ALA E 147 10.81 5.70 38.20
N HIS E 148 9.64 5.14 37.90
CA HIS E 148 8.43 5.48 38.62
C HIS E 148 7.48 4.28 38.60
N SER E 149 6.51 4.32 39.51
CA SER E 149 5.53 3.25 39.60
C SER E 149 4.46 3.41 38.52
N ASP E 150 3.61 2.39 38.40
CA ASP E 150 2.55 2.42 37.39
C ASP E 150 1.41 3.35 37.81
N PHE E 151 1.03 3.33 39.09
CA PHE E 151 -0.02 4.22 39.57
C PHE E 151 0.41 5.67 39.46
N LEU E 152 1.66 5.98 39.82
CA LEU E 152 2.17 7.33 39.66
C LEU E 152 2.21 7.74 38.19
N GLN E 153 2.52 6.79 37.30
CA GLN E 153 2.52 7.09 35.88
C GLN E 153 1.12 7.42 35.38
N LYS E 154 0.12 6.64 35.81
CA LYS E 154 -1.25 6.92 35.41
C LYS E 154 -1.72 8.27 35.96
N MET E 155 -1.35 8.59 37.20
CA MET E 155 -1.68 9.89 37.76
C MET E 155 -1.04 11.02 36.96
N ASP E 156 0.23 10.85 36.59
CA ASP E 156 0.91 11.85 35.76
C ASP E 156 0.21 12.02 34.41
N ASP E 157 -0.19 10.91 33.78
CA ASP E 157 -0.88 11.00 32.50
C ASP E 157 -2.21 11.73 32.64
N PHE E 158 -2.98 11.41 33.69
CA PHE E 158 -4.27 12.06 33.90
C PHE E 158 -4.10 13.56 34.14
N TRP E 159 -3.14 13.93 34.99
CA TRP E 159 -2.90 15.34 35.26
C TRP E 159 -2.38 16.06 34.02
N LEU E 160 -1.57 15.39 33.20
CA LEU E 160 -1.10 16.00 31.96
C LEU E 160 -2.24 16.25 31.00
N LEU E 161 -3.16 15.27 30.86
CA LEU E 161 -4.31 15.48 29.99
C LEU E 161 -5.20 16.61 30.49
N LYS E 162 -5.43 16.67 31.81
CA LYS E 162 -6.26 17.73 32.36
C LYS E 162 -5.61 19.10 32.16
N GLU E 163 -4.29 19.18 32.37
CA GLU E 163 -3.60 20.46 32.18
C GLU E 163 -3.59 20.85 30.71
N LEU E 164 -3.48 19.88 29.81
CA LEU E 164 -3.54 20.20 28.38
C LEU E 164 -4.91 20.72 27.99
N GLN E 165 -5.98 20.12 28.53
CA GLN E 165 -7.32 20.63 28.27
C GLN E 165 -7.49 22.05 28.81
N THR E 166 -7.01 22.29 30.03
CA THR E 166 -7.12 23.62 30.62
C THR E 166 -6.33 24.65 29.81
N TRP E 167 -5.14 24.27 29.34
CA TRP E 167 -4.32 25.19 28.55
C TRP E 167 -4.96 25.46 27.20
N LEU E 168 -5.60 24.46 26.60
CA LEU E 168 -6.33 24.68 25.36
C LEU E 168 -7.49 25.66 25.56
N TRP E 169 -8.24 25.48 26.64
CA TRP E 169 -9.33 26.41 26.94
C TRP E 169 -8.80 27.82 27.15
N ARG E 170 -7.72 27.95 27.91
CA ARG E 170 -7.16 29.27 28.20
C ARG E 170 -6.62 29.93 26.92
N SER E 171 -5.99 29.14 26.04
CA SER E 171 -5.48 29.69 24.79
C SER E 171 -6.61 30.11 23.87
N ALA E 172 -7.69 29.34 23.83
CA ALA E 172 -8.85 29.76 23.05
C ALA E 172 -9.44 31.06 23.57
N LYS E 173 -9.58 31.17 24.89
CA LYS E 173 -10.09 32.41 25.49
C LYS E 173 -9.17 33.58 25.17
N ASP E 174 -7.86 33.37 25.27
CA ASP E 174 -6.90 34.45 25.01
C ASP E 174 -6.92 34.87 23.54
N PHE E 175 -7.05 33.90 22.62
CA PHE E 175 -7.12 34.24 21.21
C PHE E 175 -8.40 35.00 20.90
N ASN E 176 -9.52 34.60 21.51
CA ASN E 176 -10.77 35.35 21.32
C ASN E 176 -10.65 36.77 21.85
N ARG E 177 -10.05 36.93 23.03
CA ARG E 177 -9.86 38.27 23.59
C ARG E 177 -8.97 39.13 22.70
N LEU E 178 -7.88 38.54 22.18
CA LEU E 178 -6.98 39.29 21.30
C LEU E 178 -7.68 39.68 20.00
N LYS E 179 -8.49 38.78 19.45
CA LYS E 179 -9.19 39.08 18.20
C LYS E 179 -10.29 40.12 18.41
N LYS E 180 -10.88 40.17 19.61
CA LYS E 180 -11.98 41.09 19.85
C LYS E 180 -11.51 42.47 20.29
N LYS E 181 -10.77 42.54 21.40
CA LYS E 181 -10.45 43.84 21.99
C LYS E 181 -9.24 44.49 21.31
N MET E 182 -8.08 43.84 21.37
CA MET E 182 -6.84 44.46 20.93
C MET E 182 -6.70 44.52 19.41
N GLN E 183 -7.44 43.68 18.68
CA GLN E 183 -7.33 43.67 17.23
C GLN E 183 -8.70 43.97 16.61
N PRO E 184 -8.73 44.69 15.48
CA PRO E 184 -9.99 45.02 14.80
C PRO E 184 -10.62 43.80 14.12
N HIS F 2 48.89 -6.56 -27.01
CA HIS F 2 48.36 -5.96 -28.23
C HIS F 2 47.09 -5.18 -27.95
N THR F 3 47.19 -4.21 -27.03
CA THR F 3 46.07 -3.37 -26.65
C THR F 3 46.39 -1.91 -26.94
N ALA F 4 45.34 -1.10 -27.01
CA ALA F 4 45.46 0.33 -27.27
C ALA F 4 44.89 1.13 -26.10
N VAL F 5 45.21 2.41 -26.08
CA VAL F 5 44.74 3.33 -25.05
C VAL F 5 44.18 4.58 -25.72
N ILE F 6 42.98 4.98 -25.31
CA ILE F 6 42.30 6.14 -25.87
C ILE F 6 42.28 7.24 -24.83
N SER F 7 42.68 8.45 -25.23
CA SER F 7 42.69 9.60 -24.35
C SER F 7 41.92 10.75 -24.98
N PRO F 8 41.14 11.49 -24.19
CA PRO F 8 40.94 11.29 -22.75
C PRO F 8 39.93 10.18 -22.44
N GLN F 9 40.02 9.62 -21.24
CA GLN F 9 39.14 8.54 -20.82
C GLN F 9 37.92 9.13 -20.11
N ASP F 10 36.73 8.87 -20.66
CA ASP F 10 35.46 9.33 -20.13
C ASP F 10 35.46 10.84 -19.91
N PRO F 11 35.46 11.65 -20.97
CA PRO F 11 35.44 13.10 -20.80
C PRO F 11 34.02 13.61 -20.56
N THR F 12 33.91 14.91 -20.35
CA THR F 12 32.62 15.57 -20.12
C THR F 12 32.60 16.85 -20.92
N LEU F 13 31.69 16.93 -21.90
CA LEU F 13 31.58 18.07 -22.79
C LEU F 13 30.13 18.54 -22.85
N LEU F 14 29.92 19.66 -23.53
CA LEU F 14 28.60 20.22 -23.74
C LEU F 14 28.12 19.98 -25.17
N ILE F 15 26.85 20.28 -25.40
CA ILE F 15 26.25 20.12 -26.72
C ILE F 15 26.78 21.22 -27.63
N GLY F 16 27.60 20.85 -28.61
CA GLY F 16 28.19 21.79 -29.54
C GLY F 16 29.68 21.98 -29.41
N SER F 17 30.29 21.53 -28.32
CA SER F 17 31.72 21.69 -28.12
C SER F 17 32.49 20.70 -28.98
N SER F 18 33.79 20.97 -29.13
CA SER F 18 34.67 20.12 -29.93
C SER F 18 35.19 18.96 -29.10
N LEU F 19 35.73 17.96 -29.78
CA LEU F 19 36.27 16.77 -29.15
C LEU F 19 37.53 16.34 -29.87
N LEU F 20 38.57 16.01 -29.10
CA LEU F 20 39.85 15.56 -29.63
C LEU F 20 40.25 14.27 -28.92
N ALA F 21 40.33 13.18 -29.67
CA ALA F 21 40.69 11.88 -29.11
C ALA F 21 41.77 11.25 -29.97
N THR F 22 42.56 10.37 -29.35
CA THR F 22 43.67 9.70 -30.02
C THR F 22 43.66 8.23 -29.65
N CYS F 23 44.08 7.39 -30.60
CA CYS F 23 44.18 5.95 -30.41
C CYS F 23 45.58 5.51 -30.78
N SER F 24 46.36 5.07 -29.80
CA SER F 24 47.75 4.65 -29.99
C SER F 24 47.83 3.14 -29.84
N VAL F 25 48.22 2.47 -30.92
CA VAL F 25 48.37 1.02 -30.91
C VAL F 25 49.79 0.66 -30.50
N HIS F 26 49.98 -0.59 -30.10
CA HIS F 26 51.27 -1.10 -29.66
C HIS F 26 51.76 -2.14 -30.67
N GLY F 27 52.78 -1.79 -31.43
CA GLY F 27 53.35 -2.71 -32.42
C GLY F 27 54.78 -2.35 -32.70
N ASP F 28 55.60 -3.39 -32.90
CA ASP F 28 57.02 -3.13 -33.15
C ASP F 28 57.28 -2.59 -34.55
N PRO F 29 56.74 -3.16 -35.62
CA PRO F 29 56.77 -2.47 -36.93
C PRO F 29 55.49 -1.69 -37.17
N PRO F 30 55.30 -0.52 -36.55
CA PRO F 30 54.01 0.19 -36.62
C PRO F 30 53.79 0.92 -37.95
N GLY F 31 54.05 0.23 -39.06
CA GLY F 31 53.89 0.81 -40.38
C GLY F 31 52.48 0.75 -40.89
N ALA F 32 51.92 -0.46 -40.99
CA ALA F 32 50.57 -0.61 -41.50
C ALA F 32 49.52 -0.19 -40.48
N THR F 33 49.83 -0.31 -39.18
CA THR F 33 48.88 0.08 -38.15
C THR F 33 48.68 1.59 -38.09
N ALA F 34 49.57 2.37 -38.70
CA ALA F 34 49.42 3.82 -38.71
C ALA F 34 48.21 4.27 -39.51
N GLU F 35 47.82 3.52 -40.54
CA GLU F 35 46.65 3.86 -41.34
C GLU F 35 45.59 2.77 -41.38
N GLY F 36 45.85 1.59 -40.80
CA GLY F 36 44.85 0.55 -40.79
C GLY F 36 43.76 0.73 -39.75
N LEU F 37 44.00 1.55 -38.74
CA LEU F 37 43.02 1.78 -37.69
C LEU F 37 41.96 2.77 -38.15
N TYR F 38 40.72 2.55 -37.70
CA TYR F 38 39.62 3.46 -37.99
C TYR F 38 38.73 3.58 -36.76
N TRP F 39 37.93 4.63 -36.73
CA TRP F 39 37.07 4.93 -35.60
C TRP F 39 35.65 4.44 -35.87
N THR F 40 34.95 4.10 -34.79
CA THR F 40 33.57 3.64 -34.87
C THR F 40 32.80 4.21 -33.68
N LEU F 41 31.68 4.87 -33.97
CA LEU F 41 30.85 5.50 -32.95
C LEU F 41 29.46 4.90 -33.00
N ASN F 42 29.07 4.22 -31.92
CA ASN F 42 27.75 3.60 -31.80
C ASN F 42 27.49 2.61 -32.94
N GLY F 43 28.50 1.81 -33.26
CA GLY F 43 28.36 0.85 -34.34
C GLY F 43 28.37 1.42 -35.73
N ARG F 44 28.68 2.71 -35.87
CA ARG F 44 28.72 3.37 -37.17
C ARG F 44 30.15 3.76 -37.49
N ARG F 45 30.62 3.39 -38.69
CA ARG F 45 31.97 3.68 -39.11
C ARG F 45 32.09 5.14 -39.51
N LEU F 46 32.97 5.87 -38.83
CA LEU F 46 33.17 7.28 -39.15
C LEU F 46 33.91 7.42 -40.48
N PRO F 47 33.65 8.49 -41.22
CA PRO F 47 34.34 8.69 -42.51
C PRO F 47 35.83 8.89 -42.30
N PRO F 48 36.66 8.33 -43.18
CA PRO F 48 38.12 8.48 -43.03
C PRO F 48 38.62 9.90 -43.23
N GLU F 49 37.79 10.80 -43.77
CA GLU F 49 38.23 12.18 -43.99
C GLU F 49 38.40 12.95 -42.69
N LEU F 50 37.71 12.55 -41.63
CA LEU F 50 37.84 13.25 -40.35
C LEU F 50 39.10 12.84 -39.59
N SER F 51 39.53 11.59 -39.74
CA SER F 51 40.71 11.10 -39.04
C SER F 51 41.98 11.57 -39.73
N ARG F 52 43.01 11.86 -38.93
CA ARG F 52 44.30 12.29 -39.43
C ARG F 52 45.41 11.47 -38.79
N VAL F 53 46.52 11.35 -39.48
CA VAL F 53 47.67 10.58 -39.02
C VAL F 53 48.72 11.54 -38.48
N LEU F 54 49.25 11.23 -37.30
CA LEU F 54 50.32 12.03 -36.68
C LEU F 54 51.69 11.38 -36.88
N ASN F 55 51.84 10.14 -36.45
CA ASN F 55 53.07 9.39 -36.66
C ASN F 55 52.71 7.92 -36.79
N ALA F 56 53.71 7.04 -36.65
CA ALA F 56 53.51 5.62 -36.91
C ALA F 56 52.69 4.93 -35.82
N SER F 57 52.61 5.51 -34.62
CA SER F 57 51.95 4.84 -33.50
C SER F 57 50.91 5.73 -32.83
N THR F 58 50.26 6.60 -33.60
CA THR F 58 49.21 7.45 -33.05
C THR F 58 48.28 7.88 -34.18
N LEU F 59 46.98 7.82 -33.92
CA LEU F 59 45.95 8.26 -34.85
C LEU F 59 45.16 9.39 -34.23
N ALA F 60 44.79 10.38 -35.04
CA ALA F 60 44.08 11.56 -34.57
C ALA F 60 42.65 11.56 -35.07
N LEU F 61 41.76 12.15 -34.27
CA LEU F 61 40.35 12.27 -34.61
C LEU F 61 39.85 13.63 -34.14
N ALA F 62 39.09 14.30 -35.01
CA ALA F 62 38.56 15.63 -34.70
C ALA F 62 37.06 15.63 -34.96
N LEU F 63 36.29 15.96 -33.92
CA LEU F 63 34.84 16.04 -34.01
C LEU F 63 34.36 17.37 -33.46
N ALA F 64 33.22 17.84 -33.95
CA ALA F 64 32.64 19.10 -33.53
C ALA F 64 31.12 18.97 -33.50
N ASN F 65 30.48 20.02 -32.99
CA ASN F 65 29.02 20.12 -32.86
C ASN F 65 28.40 18.80 -32.38
N LEU F 66 28.85 18.37 -31.20
CA LEU F 66 28.34 17.13 -30.62
C LEU F 66 26.89 17.31 -30.20
N ASN F 67 26.11 16.25 -30.34
CA ASN F 67 24.68 16.25 -30.05
C ASN F 67 24.41 15.42 -28.79
N GLY F 68 23.13 15.29 -28.47
CA GLY F 68 22.74 14.56 -27.27
C GLY F 68 23.09 13.09 -27.36
N SER F 69 23.28 12.48 -26.19
CA SER F 69 23.62 11.06 -26.13
C SER F 69 22.42 10.20 -26.49
N ARG F 70 22.67 9.12 -27.21
CA ARG F 70 21.59 8.20 -27.58
C ARG F 70 21.05 7.47 -26.36
N GLN F 71 21.91 7.09 -25.43
CA GLN F 71 21.51 6.42 -24.21
C GLN F 71 22.08 7.16 -23.01
N ARG F 72 21.52 6.87 -21.83
CA ARG F 72 21.96 7.53 -20.62
C ARG F 72 23.37 7.10 -20.19
N SER F 73 23.84 5.94 -20.67
CA SER F 73 25.16 5.47 -20.29
C SER F 73 26.28 6.20 -21.04
N GLY F 74 25.97 6.80 -22.18
CA GLY F 74 26.96 7.54 -22.93
C GLY F 74 27.30 6.85 -24.24
N ASP F 75 27.74 7.65 -25.21
CA ASP F 75 28.12 7.11 -26.51
C ASP F 75 29.43 6.33 -26.41
N ASN F 76 29.52 5.25 -27.18
CA ASN F 76 30.67 4.36 -27.16
C ASN F 76 31.55 4.66 -28.37
N LEU F 77 32.81 4.98 -28.11
CA LEU F 77 33.81 5.22 -29.15
C LEU F 77 34.84 4.09 -29.10
N VAL F 78 34.80 3.22 -30.10
CA VAL F 78 35.65 2.03 -30.14
C VAL F 78 36.68 2.21 -31.25
N CYS F 79 37.95 1.97 -30.91
CA CYS F 79 39.04 2.03 -31.87
C CYS F 79 39.27 0.62 -32.42
N HIS F 80 38.89 0.41 -33.67
CA HIS F 80 38.97 -0.91 -34.30
C HIS F 80 40.24 -1.05 -35.11
N ALA F 81 40.67 -2.30 -35.29
CA ALA F 81 41.84 -2.61 -36.10
C ALA F 81 41.42 -2.83 -37.55
N ARG F 82 42.40 -3.19 -38.39
CA ARG F 82 42.10 -3.41 -39.80
C ARG F 82 41.27 -4.68 -40.01
N ASP F 83 41.53 -5.72 -39.21
CA ASP F 83 40.79 -6.97 -39.31
C ASP F 83 39.47 -6.96 -38.55
N GLY F 84 39.16 -5.87 -37.84
CA GLY F 84 37.92 -5.77 -37.10
C GLY F 84 38.01 -6.06 -35.62
N SER F 85 39.21 -6.27 -35.08
CA SER F 85 39.36 -6.56 -33.66
C SER F 85 39.13 -5.29 -32.83
N ILE F 86 38.60 -5.49 -31.62
CA ILE F 86 38.34 -4.41 -30.69
C ILE F 86 39.59 -4.19 -29.85
N LEU F 87 40.24 -3.04 -30.01
CA LEU F 87 41.46 -2.73 -29.29
C LEU F 87 41.16 -2.00 -27.97
N ALA F 88 40.38 -0.94 -28.02
CA ALA F 88 40.05 -0.16 -26.83
C ALA F 88 38.68 0.48 -27.01
N GLY F 89 38.19 1.06 -25.93
CA GLY F 89 36.89 1.72 -25.95
C GLY F 89 36.84 2.85 -24.95
N SER F 90 35.85 3.72 -25.14
CA SER F 90 35.65 4.87 -24.27
C SER F 90 34.19 5.27 -24.29
N CYS F 91 33.81 6.13 -23.35
CA CYS F 91 32.46 6.62 -23.23
C CYS F 91 32.45 8.14 -23.21
N LEU F 92 31.44 8.73 -23.85
CA LEU F 92 31.31 10.18 -23.96
C LEU F 92 30.05 10.63 -23.24
N TYR F 93 30.20 11.60 -22.34
CA TYR F 93 29.08 12.16 -21.58
C TYR F 93 28.87 13.61 -22.01
N VAL F 94 27.71 13.90 -22.58
CA VAL F 94 27.38 15.24 -23.05
C VAL F 94 25.95 15.56 -22.63
N GLY F 95 25.71 16.83 -22.33
CA GLY F 95 24.39 17.26 -21.93
C GLY F 95 24.36 18.74 -21.66
N LEU F 96 23.36 19.17 -20.88
CA LEU F 96 23.16 20.56 -20.52
C LEU F 96 22.82 20.65 -19.05
N PRO F 97 23.17 21.75 -18.38
CA PRO F 97 22.85 21.88 -16.96
C PRO F 97 21.34 21.94 -16.75
N PRO F 98 20.86 21.47 -15.61
CA PRO F 98 19.41 21.48 -15.37
C PRO F 98 18.91 22.87 -14.99
N GLU F 99 17.71 23.19 -15.47
CA GLU F 99 17.07 24.46 -15.17
C GLU F 99 16.12 24.30 -13.99
N LYS F 100 15.45 25.39 -13.63
CA LYS F 100 14.52 25.37 -12.51
C LYS F 100 13.21 24.71 -12.94
N PRO F 101 12.76 23.65 -12.25
CA PRO F 101 11.49 23.03 -12.62
C PRO F 101 10.31 23.96 -12.34
N VAL F 102 9.26 23.79 -13.13
CA VAL F 102 8.05 24.60 -13.03
C VAL F 102 6.84 23.69 -13.10
N ASN F 103 5.66 24.29 -12.91
CA ASN F 103 4.38 23.60 -12.96
C ASN F 103 4.34 22.45 -11.93
N ILE F 104 4.45 22.83 -10.66
CA ILE F 104 4.41 21.89 -9.55
C ILE F 104 3.03 21.97 -8.90
N SER F 105 2.39 20.81 -8.74
CA SER F 105 1.06 20.74 -8.14
C SER F 105 1.00 19.53 -7.21
N CYS F 106 0.31 19.70 -6.08
CA CYS F 106 0.16 18.65 -5.09
C CYS F 106 -1.31 18.52 -4.70
N TRP F 107 -1.66 17.33 -4.23
CA TRP F 107 -3.02 17.05 -3.76
C TRP F 107 -2.95 16.10 -2.57
N SER F 108 -3.91 16.26 -1.66
CA SER F 108 -3.98 15.47 -0.44
C SER F 108 -5.25 14.63 -0.45
N LYS F 109 -5.14 13.38 -0.03
CA LYS F 109 -6.27 12.45 0.00
C LYS F 109 -6.68 12.24 1.46
N ASN F 110 -7.85 12.77 1.82
CA ASN F 110 -8.41 12.61 3.16
C ASN F 110 -7.48 13.16 4.26
N MET F 111 -6.61 14.11 3.88
CA MET F 111 -5.67 14.73 4.81
C MET F 111 -4.78 13.70 5.50
N LYS F 112 -4.48 12.60 4.80
CA LYS F 112 -3.63 11.55 5.35
C LYS F 112 -2.34 11.34 4.56
N ASP F 113 -2.23 11.93 3.37
CA ASP F 113 -1.02 11.78 2.56
C ASP F 113 -0.94 12.94 1.58
N LEU F 114 0.26 13.14 1.04
CA LEU F 114 0.52 14.21 0.09
C LEU F 114 1.26 13.64 -1.11
N THR F 115 0.77 13.95 -2.31
CA THR F 115 1.38 13.48 -3.56
C THR F 115 1.58 14.68 -4.48
N CYS F 116 2.84 14.92 -4.86
CA CYS F 116 3.20 16.04 -5.72
C CYS F 116 3.67 15.54 -7.07
N ARG F 117 3.48 16.38 -8.09
CA ARG F 117 3.91 16.06 -9.45
C ARG F 117 4.50 17.32 -10.08
N TRP F 118 5.69 17.19 -10.64
CA TRP F 118 6.39 18.32 -11.26
C TRP F 118 6.82 17.94 -12.67
N THR F 119 7.35 18.92 -13.39
CA THR F 119 7.81 18.75 -14.76
C THR F 119 9.20 19.36 -14.90
N PRO F 120 10.16 18.65 -15.49
CA PRO F 120 11.50 19.23 -15.68
C PRO F 120 11.48 20.51 -16.50
N GLY F 121 10.92 20.45 -17.70
CA GLY F 121 10.79 21.61 -18.55
C GLY F 121 12.00 21.97 -19.37
N ALA F 122 13.06 21.17 -19.31
CA ALA F 122 14.27 21.41 -20.08
C ALA F 122 14.63 20.17 -20.88
N HIS F 123 15.00 20.37 -22.15
CA HIS F 123 15.33 19.27 -23.03
C HIS F 123 16.79 18.85 -22.95
N GLY F 124 17.62 19.58 -22.22
CA GLY F 124 19.03 19.27 -22.13
C GLY F 124 19.39 18.35 -20.98
N GLU F 125 18.53 18.29 -19.96
CA GLU F 125 18.80 17.46 -18.79
C GLU F 125 18.35 16.01 -18.97
N THR F 126 17.48 15.73 -19.94
CA THR F 126 16.98 14.37 -20.12
C THR F 126 18.03 13.44 -20.71
N PHE F 127 19.12 13.98 -21.27
CA PHE F 127 20.15 13.13 -21.84
C PHE F 127 20.97 12.44 -20.76
N LEU F 128 21.44 13.21 -19.77
CA LEU F 128 22.22 12.66 -18.67
C LEU F 128 21.31 12.31 -17.50
N HIS F 129 21.86 11.53 -16.56
CA HIS F 129 21.13 11.14 -15.37
C HIS F 129 20.95 12.34 -14.45
N THR F 130 19.71 12.74 -14.23
CA THR F 130 19.38 13.88 -13.39
C THR F 130 18.69 13.40 -12.12
N ASN F 131 19.14 13.91 -10.98
CA ASN F 131 18.57 13.56 -9.69
C ASN F 131 17.47 14.55 -9.31
N TYR F 132 16.34 14.03 -8.87
CA TYR F 132 15.20 14.85 -8.46
C TYR F 132 14.85 14.52 -7.02
N SER F 133 14.86 15.54 -6.16
CA SER F 133 14.55 15.39 -4.75
C SER F 133 13.50 16.41 -4.35
N LEU F 134 12.57 15.98 -3.50
CA LEU F 134 11.49 16.83 -3.01
C LEU F 134 11.73 17.17 -1.55
N LYS F 135 11.63 18.45 -1.22
CA LYS F 135 11.82 18.94 0.14
C LYS F 135 10.57 19.66 0.60
N TYR F 136 10.08 19.31 1.79
CA TYR F 136 8.90 19.93 2.35
C TYR F 136 9.13 20.22 3.83
N LYS F 137 8.64 21.38 4.28
CA LYS F 137 8.81 21.79 5.67
C LYS F 137 7.78 22.87 5.98
N LEU F 138 7.67 23.19 7.26
CA LEU F 138 6.78 24.26 7.70
C LEU F 138 7.43 25.62 7.46
N ARG F 139 6.58 26.64 7.33
CA ARG F 139 7.08 27.96 6.97
C ARG F 139 7.76 28.65 8.14
N TRP F 140 7.20 28.51 9.35
CA TRP F 140 7.68 29.27 10.50
C TRP F 140 8.48 28.41 11.48
N TYR F 141 8.15 27.14 11.66
CA TYR F 141 8.84 26.29 12.62
C TYR F 141 8.87 24.87 12.07
N GLY F 142 10.04 24.45 11.60
CA GLY F 142 10.18 23.11 11.06
C GLY F 142 11.57 22.92 10.48
N GLN F 143 11.81 21.70 10.01
CA GLN F 143 13.07 21.33 9.40
C GLN F 143 12.82 20.64 8.06
N ASP F 144 13.86 20.61 7.23
CA ASP F 144 13.74 20.03 5.90
C ASP F 144 13.51 18.52 6.00
N ASN F 145 12.54 18.02 5.26
CA ASN F 145 12.22 16.60 5.22
C ASN F 145 12.21 16.12 3.78
N THR F 146 12.90 15.01 3.52
CA THR F 146 13.04 14.45 2.19
C THR F 146 12.01 13.35 1.98
N CYS F 147 11.32 13.39 0.84
CA CYS F 147 10.35 12.35 0.51
C CYS F 147 11.08 11.12 -0.02
N GLU F 148 10.55 9.94 0.34
CA GLU F 148 11.19 8.68 0.02
C GLU F 148 10.48 7.88 -1.06
N GLU F 149 9.16 7.74 -0.97
CA GLU F 149 8.41 6.92 -1.91
C GLU F 149 8.19 7.71 -3.20
N TYR F 150 8.96 7.38 -4.23
CA TYR F 150 8.87 8.03 -5.53
C TYR F 150 8.07 7.16 -6.50
N HIS F 151 7.59 7.80 -7.56
CA HIS F 151 6.88 7.11 -8.65
C HIS F 151 5.65 6.38 -8.15
N THR F 152 4.86 7.06 -7.30
CA THR F 152 3.63 6.45 -6.80
C THR F 152 2.49 6.53 -7.82
N VAL F 153 2.54 7.51 -8.72
CA VAL F 153 1.52 7.62 -9.76
C VAL F 153 2.11 7.73 -11.17
N GLY F 154 3.38 8.11 -11.32
CA GLY F 154 3.98 8.25 -12.62
C GLY F 154 5.37 8.84 -12.54
N PRO F 155 5.87 9.34 -13.66
CA PRO F 155 7.21 9.95 -13.67
C PRO F 155 7.21 11.29 -12.95
N HIS F 156 8.31 11.56 -12.23
CA HIS F 156 8.50 12.80 -11.49
C HIS F 156 7.37 13.03 -10.49
N SER F 157 7.28 12.11 -9.52
CA SER F 157 6.26 12.19 -8.48
C SER F 157 6.80 11.55 -7.21
N CYS F 158 6.22 11.94 -6.09
CA CYS F 158 6.61 11.42 -4.79
C CYS F 158 5.38 11.32 -3.89
N HIS F 159 5.43 10.40 -2.93
CA HIS F 159 4.33 10.14 -2.02
C HIS F 159 4.79 10.34 -0.58
N ILE F 160 4.02 11.11 0.17
CA ILE F 160 4.30 11.35 1.59
C ILE F 160 3.27 10.62 2.42
N PRO F 161 3.57 9.41 2.93
CA PRO F 161 2.55 8.66 3.67
C PRO F 161 2.29 9.17 5.07
N LYS F 162 3.24 9.88 5.69
CA LYS F 162 3.05 10.36 7.05
C LYS F 162 2.02 11.49 7.07
N ASP F 163 1.38 11.65 8.24
CA ASP F 163 0.39 12.70 8.40
C ASP F 163 1.07 14.07 8.51
N LEU F 164 0.39 15.08 7.99
CA LEU F 164 0.90 16.45 7.99
C LEU F 164 0.02 17.34 8.86
N ALA F 165 0.61 18.42 9.35
CA ALA F 165 -0.12 19.35 10.20
C ALA F 165 -1.08 20.18 9.38
N LEU F 166 -2.26 20.44 9.94
CA LEU F 166 -3.31 21.21 9.28
C LEU F 166 -3.27 22.66 9.74
N PHE F 167 -3.96 23.51 8.98
CA PHE F 167 -4.05 24.94 9.26
C PHE F 167 -2.66 25.59 9.34
N THR F 168 -1.76 25.16 8.45
CA THR F 168 -0.40 25.67 8.42
C THR F 168 0.13 25.51 7.00
N PRO F 169 0.63 26.58 6.39
CA PRO F 169 1.15 26.46 5.02
C PRO F 169 2.46 25.69 4.98
N TYR F 170 2.72 25.10 3.81
CA TYR F 170 3.92 24.30 3.58
C TYR F 170 4.75 24.92 2.46
N GLU F 171 6.06 24.69 2.53
CA GLU F 171 7.00 25.14 1.50
C GLU F 171 7.56 23.91 0.82
N ILE F 172 7.26 23.75 -0.48
CA ILE F 172 7.68 22.59 -1.25
C ILE F 172 8.49 23.08 -2.45
N TRP F 173 9.67 22.49 -2.65
CA TRP F 173 10.51 22.83 -3.79
C TRP F 173 11.23 21.57 -4.25
N VAL F 174 11.60 21.56 -5.52
CA VAL F 174 12.29 20.42 -6.14
C VAL F 174 13.69 20.85 -6.53
N GLU F 175 14.67 20.01 -6.22
CA GLU F 175 16.07 20.28 -6.52
C GLU F 175 16.55 19.32 -7.61
N ALA F 176 17.24 19.85 -8.60
CA ALA F 176 17.79 19.07 -9.71
C ALA F 176 19.31 19.08 -9.62
N THR F 177 19.91 17.90 -9.73
CA THR F 177 21.35 17.74 -9.62
C THR F 177 21.82 16.66 -10.59
N ASN F 178 22.90 16.96 -11.31
CA ASN F 178 23.47 16.02 -12.27
C ASN F 178 24.98 16.22 -12.29
N ARG F 179 25.64 15.65 -13.31
CA ARG F 179 27.09 15.74 -13.41
C ARG F 179 27.58 17.14 -13.72
N LEU F 180 26.72 18.00 -14.28
CA LEU F 180 27.15 19.34 -14.70
C LEU F 180 26.92 20.38 -13.61
N GLY F 181 25.66 20.56 -13.19
CA GLY F 181 25.34 21.57 -12.20
C GLY F 181 24.17 21.22 -11.32
N SER F 182 23.71 22.20 -10.53
CA SER F 182 22.59 22.01 -9.62
C SER F 182 21.68 23.21 -9.69
N ALA F 183 20.37 22.97 -9.58
CA ALA F 183 19.37 24.02 -9.63
C ALA F 183 18.26 23.71 -8.64
N ARG F 184 17.61 24.76 -8.14
CA ARG F 184 16.52 24.64 -7.18
C ARG F 184 15.30 25.37 -7.70
N SER F 185 14.13 24.75 -7.53
CA SER F 185 12.89 25.34 -7.98
C SER F 185 12.44 26.44 -7.01
N ASP F 186 11.43 27.19 -7.42
CA ASP F 186 10.90 28.28 -6.60
C ASP F 186 10.06 27.71 -5.46
N VAL F 187 10.06 28.44 -4.34
CA VAL F 187 9.29 28.03 -3.17
C VAL F 187 7.82 28.25 -3.44
N LEU F 188 7.01 27.21 -3.21
CA LEU F 188 5.57 27.25 -3.43
C LEU F 188 4.86 27.12 -2.09
N THR F 189 3.99 28.07 -1.79
CA THR F 189 3.19 28.05 -0.57
C THR F 189 1.90 27.30 -0.85
N LEU F 190 1.68 26.19 -0.15
CA LEU F 190 0.53 25.34 -0.37
C LEU F 190 -0.21 25.11 0.95
N ASP F 191 -1.55 25.16 0.88
CA ASP F 191 -2.40 24.87 2.02
C ASP F 191 -3.10 23.53 1.80
N ILE F 192 -3.08 22.68 2.82
CA ILE F 192 -3.68 21.35 2.69
C ILE F 192 -5.20 21.45 2.62
N LEU F 193 -5.78 22.47 3.24
CA LEU F 193 -7.24 22.61 3.25
C LEU F 193 -7.81 22.97 1.88
N ASP F 194 -6.97 23.33 0.91
CA ASP F 194 -7.43 23.69 -0.42
C ASP F 194 -7.28 22.56 -1.44
N VAL F 195 -6.57 21.49 -1.10
CA VAL F 195 -6.34 20.39 -2.03
C VAL F 195 -6.93 19.10 -1.46
N VAL F 196 -8.01 19.23 -0.68
CA VAL F 196 -8.61 18.06 -0.05
C VAL F 196 -9.29 17.21 -1.11
N THR F 197 -8.94 15.92 -1.14
CA THR F 197 -9.54 14.96 -2.05
C THR F 197 -10.00 13.74 -1.24
N THR F 198 -11.18 13.22 -1.57
CA THR F 198 -11.75 12.11 -0.84
C THR F 198 -12.16 11.01 -1.82
N ASP F 199 -12.58 9.87 -1.26
CA ASP F 199 -12.97 8.72 -2.04
C ASP F 199 -14.43 8.82 -2.48
N PRO F 200 -14.80 8.19 -3.59
CA PRO F 200 -16.19 8.23 -4.02
C PRO F 200 -17.09 7.49 -3.05
N PRO F 201 -18.35 7.87 -2.94
CA PRO F 201 -19.25 7.22 -1.99
C PRO F 201 -19.53 5.78 -2.41
N PRO F 202 -19.22 4.82 -1.54
CA PRO F 202 -19.48 3.41 -1.87
C PRO F 202 -20.93 3.04 -1.56
N ASP F 203 -21.26 1.77 -1.83
CA ASP F 203 -22.59 1.21 -1.57
C ASP F 203 -23.66 2.00 -2.33
N VAL F 204 -23.54 1.98 -3.65
CA VAL F 204 -24.50 2.64 -4.54
C VAL F 204 -25.59 1.64 -4.89
N HIS F 205 -26.80 1.89 -4.40
CA HIS F 205 -27.93 1.00 -4.62
C HIS F 205 -29.10 1.79 -5.20
N VAL F 206 -29.64 1.31 -6.32
CA VAL F 206 -30.76 1.93 -7.00
C VAL F 206 -31.94 0.98 -6.92
N SER F 207 -33.06 1.45 -6.39
CA SER F 207 -34.25 0.64 -6.22
C SER F 207 -35.47 1.42 -6.70
N ARG F 208 -36.53 0.67 -7.04
CA ARG F 208 -37.77 1.27 -7.50
C ARG F 208 -38.59 1.78 -6.32
N VAL F 209 -39.57 2.63 -6.63
CA VAL F 209 -40.45 3.23 -5.63
C VAL F 209 -41.89 3.05 -6.10
N GLY F 210 -42.65 2.26 -5.35
CA GLY F 210 -44.06 2.06 -5.69
C GLY F 210 -44.23 1.41 -7.04
N GLY F 211 -45.17 1.94 -7.82
CA GLY F 211 -45.42 1.47 -9.17
C GLY F 211 -45.11 2.47 -10.26
N LEU F 212 -44.44 3.58 -9.96
CA LEU F 212 -44.12 4.57 -10.97
C LEU F 212 -43.07 4.04 -11.92
N GLU F 213 -43.35 4.16 -13.22
CA GLU F 213 -42.45 3.65 -14.25
C GLU F 213 -41.42 4.66 -14.73
N ASP F 214 -41.61 5.94 -14.42
CA ASP F 214 -40.72 6.99 -14.87
C ASP F 214 -39.91 7.63 -13.74
N GLN F 215 -39.91 7.01 -12.56
CA GLN F 215 -39.17 7.52 -11.41
C GLN F 215 -38.41 6.39 -10.74
N LEU F 216 -37.23 6.72 -10.23
CA LEU F 216 -36.38 5.78 -9.52
C LEU F 216 -35.86 6.42 -8.24
N SER F 217 -35.06 5.67 -7.49
CA SER F 217 -34.48 6.15 -6.24
C SER F 217 -33.02 5.70 -6.17
N VAL F 218 -32.14 6.64 -5.86
CA VAL F 218 -30.71 6.37 -5.76
C VAL F 218 -30.26 6.75 -4.35
N ARG F 219 -29.71 5.78 -3.62
CA ARG F 219 -29.24 5.98 -2.27
C ARG F 219 -27.82 5.44 -2.14
N TRP F 220 -27.05 6.03 -1.22
CA TRP F 220 -25.67 5.64 -1.02
C TRP F 220 -25.29 5.90 0.43
N VAL F 221 -24.06 5.51 0.78
CA VAL F 221 -23.52 5.69 2.11
C VAL F 221 -22.33 6.64 2.03
N SER F 222 -22.28 7.61 2.94
CA SER F 222 -21.18 8.56 2.94
C SER F 222 -19.86 7.85 3.23
N PRO F 223 -18.75 8.34 2.68
CA PRO F 223 -17.45 7.70 2.92
C PRO F 223 -17.03 7.85 4.36
N PRO F 224 -16.72 6.73 5.04
CA PRO F 224 -16.31 6.83 6.45
C PRO F 224 -14.96 7.51 6.67
N ALA F 225 -14.19 7.74 5.59
CA ALA F 225 -12.90 8.39 5.76
C ALA F 225 -13.03 9.85 6.18
N LEU F 226 -14.15 10.49 5.83
CA LEU F 226 -14.37 11.88 6.19
C LEU F 226 -14.77 11.98 7.66
N LYS F 227 -14.14 12.90 8.39
CA LYS F 227 -14.42 13.08 9.80
C LYS F 227 -15.71 13.87 10.06
N ASP F 228 -16.25 14.53 9.05
CA ASP F 228 -17.50 15.29 9.08
C ASP F 228 -17.40 16.52 9.98
N PHE F 229 -16.24 16.78 10.59
CA PHE F 229 -16.05 17.91 11.49
C PHE F 229 -15.41 19.12 10.81
N LEU F 230 -14.50 18.89 9.87
CA LEU F 230 -13.78 19.98 9.23
C LEU F 230 -14.45 20.49 7.96
N PHE F 231 -15.18 19.63 7.24
CA PHE F 231 -15.83 20.04 6.01
C PHE F 231 -16.99 19.11 5.72
N GLN F 232 -17.80 19.49 4.74
CA GLN F 232 -18.96 18.73 4.30
C GLN F 232 -18.83 18.43 2.82
N ALA F 233 -19.08 17.18 2.43
CA ALA F 233 -18.97 16.78 1.03
C ALA F 233 -20.23 17.18 0.26
N LYS F 234 -20.08 17.26 -1.06
CA LYS F 234 -21.17 17.60 -1.97
C LYS F 234 -21.24 16.55 -3.06
N TYR F 235 -22.39 15.87 -3.16
CA TYR F 235 -22.55 14.77 -4.09
C TYR F 235 -23.06 15.26 -5.44
N GLN F 236 -22.83 14.44 -6.46
CA GLN F 236 -23.31 14.71 -7.81
C GLN F 236 -23.65 13.38 -8.48
N ILE F 237 -24.79 13.34 -9.16
CA ILE F 237 -25.32 12.12 -9.77
C ILE F 237 -25.40 12.30 -11.28
N ARG F 238 -25.07 11.25 -12.02
CA ARG F 238 -25.23 11.24 -13.47
C ARG F 238 -25.74 9.87 -13.90
N TYR F 239 -26.44 9.86 -15.03
CA TYR F 239 -27.02 8.62 -15.55
C TYR F 239 -27.00 8.67 -17.07
N ARG F 240 -27.09 7.48 -17.67
CA ARG F 240 -27.06 7.35 -19.12
C ARG F 240 -27.99 6.21 -19.54
N VAL F 241 -28.23 6.13 -20.84
CA VAL F 241 -29.04 5.07 -21.43
C VAL F 241 -28.12 3.92 -21.78
N GLU F 242 -28.66 2.68 -21.70
CA GLU F 242 -27.85 1.50 -21.98
C GLU F 242 -27.25 1.54 -23.37
N ASP F 243 -28.01 2.03 -24.36
CA ASP F 243 -27.55 2.07 -25.74
C ASP F 243 -26.99 3.42 -26.15
N SER F 244 -26.99 4.40 -25.26
CA SER F 244 -26.50 5.74 -25.56
C SER F 244 -25.25 6.04 -24.75
N VAL F 245 -24.31 6.76 -25.37
CA VAL F 245 -23.06 7.12 -24.69
C VAL F 245 -23.14 8.46 -23.98
N ASP F 246 -24.14 9.29 -24.31
CA ASP F 246 -24.26 10.60 -23.68
C ASP F 246 -24.65 10.46 -22.22
N TRP F 247 -24.14 11.37 -21.38
CA TRP F 247 -24.40 11.36 -19.95
C TRP F 247 -25.21 12.59 -19.58
N LYS F 248 -26.20 12.40 -18.70
CA LYS F 248 -27.03 13.47 -18.18
C LYS F 248 -26.67 13.70 -16.72
N VAL F 249 -26.29 14.93 -16.39
CA VAL F 249 -25.81 15.27 -15.05
C VAL F 249 -26.95 15.88 -14.25
N VAL F 250 -26.94 15.61 -12.94
CA VAL F 250 -27.94 16.13 -12.01
C VAL F 250 -27.28 17.23 -11.18
N ASP F 251 -28.09 18.19 -10.74
CA ASP F 251 -27.58 19.31 -9.96
C ASP F 251 -27.12 18.84 -8.59
N ASP F 252 -26.70 19.82 -7.76
CA ASP F 252 -26.10 19.51 -6.48
C ASP F 252 -27.06 18.74 -5.58
N VAL F 253 -26.59 17.61 -5.05
CA VAL F 253 -27.35 16.77 -4.15
C VAL F 253 -26.53 16.67 -2.86
N SER F 254 -25.88 17.78 -2.51
CA SER F 254 -24.89 17.80 -1.43
C SER F 254 -25.42 17.18 -0.14
N ASN F 255 -26.63 17.56 0.28
CA ASN F 255 -27.15 17.12 1.56
C ASN F 255 -27.91 15.80 1.49
N GLN F 256 -28.81 15.66 0.51
CA GLN F 256 -29.67 14.48 0.43
C GLN F 256 -28.84 13.26 0.05
N THR F 257 -28.80 12.26 0.93
CA THR F 257 -28.16 11.00 0.60
C THR F 257 -29.02 10.14 -0.33
N SER F 258 -30.31 10.45 -0.47
CA SER F 258 -31.22 9.73 -1.35
C SER F 258 -31.88 10.74 -2.28
N CYS F 259 -31.74 10.52 -3.58
CA CYS F 259 -32.30 11.40 -4.60
C CYS F 259 -33.10 10.60 -5.60
N ARG F 260 -34.17 11.20 -6.11
CA ARG F 260 -35.06 10.55 -7.07
C ARG F 260 -34.95 11.25 -8.42
N LEU F 261 -34.79 10.47 -9.48
CA LEU F 261 -34.69 11.02 -10.82
C LEU F 261 -36.08 11.24 -11.41
N ALA F 262 -36.12 12.04 -12.47
CA ALA F 262 -37.37 12.35 -13.16
C ALA F 262 -37.12 12.40 -14.65
N GLY F 263 -38.18 12.14 -15.43
CA GLY F 263 -38.09 12.16 -16.86
C GLY F 263 -37.52 10.91 -17.50
N LEU F 264 -37.41 9.82 -16.74
CA LEU F 264 -36.84 8.59 -17.28
C LEU F 264 -37.87 7.87 -18.14
N LYS F 265 -37.37 7.16 -19.16
CA LYS F 265 -38.23 6.39 -20.05
C LYS F 265 -38.49 5.02 -19.47
N PRO F 266 -39.74 4.57 -19.41
CA PRO F 266 -40.04 3.26 -18.84
C PRO F 266 -39.51 2.14 -19.72
N GLY F 267 -39.16 1.02 -19.07
CA GLY F 267 -38.64 -0.13 -19.77
C GLY F 267 -37.25 0.11 -20.36
N THR F 268 -36.37 0.72 -19.57
CA THR F 268 -35.02 1.03 -20.00
C THR F 268 -34.06 0.86 -18.83
N VAL F 269 -32.89 0.32 -19.11
CA VAL F 269 -31.86 0.11 -18.10
C VAL F 269 -30.94 1.32 -18.08
N TYR F 270 -30.73 1.88 -16.89
CA TYR F 270 -29.87 3.04 -16.71
C TYR F 270 -28.72 2.71 -15.76
N PHE F 271 -27.58 3.34 -16.00
CA PHE F 271 -26.39 3.19 -15.16
C PHE F 271 -26.16 4.47 -14.38
N VAL F 272 -26.05 4.34 -13.06
CA VAL F 272 -25.93 5.47 -12.16
C VAL F 272 -24.52 5.48 -11.57
N GLN F 273 -23.87 6.65 -11.63
CA GLN F 273 -22.55 6.85 -11.04
C GLN F 273 -22.58 8.12 -10.22
N VAL F 274 -22.22 8.01 -8.95
CA VAL F 274 -22.28 9.13 -8.00
C VAL F 274 -20.87 9.44 -7.52
N ARG F 275 -20.54 10.73 -7.49
CA ARG F 275 -19.27 11.20 -6.97
C ARG F 275 -19.53 12.35 -6.00
N CYS F 276 -18.61 12.50 -5.04
CA CYS F 276 -18.74 13.52 -4.00
C CYS F 276 -17.54 14.45 -4.02
N ASN F 277 -17.75 15.69 -3.56
CA ASN F 277 -16.73 16.71 -3.55
C ASN F 277 -16.80 17.50 -2.24
N PRO F 278 -15.71 17.60 -1.50
CA PRO F 278 -15.74 18.35 -0.24
C PRO F 278 -15.88 19.84 -0.47
N PHE F 279 -16.34 20.53 0.57
CA PHE F 279 -16.52 21.98 0.55
C PHE F 279 -15.60 22.61 1.60
N GLY F 280 -15.77 23.92 1.80
CA GLY F 280 -14.95 24.64 2.76
C GLY F 280 -15.68 25.09 4.00
N ILE F 281 -15.33 24.52 5.15
CA ILE F 281 -15.90 24.88 6.43
C ILE F 281 -14.75 25.20 7.38
N TYR F 282 -14.96 26.20 8.25
CA TYR F 282 -13.95 26.66 9.20
C TYR F 282 -12.68 27.12 8.48
N GLY F 283 -12.86 27.90 7.42
CA GLY F 283 -11.74 28.41 6.65
C GLY F 283 -12.16 28.94 5.30
N SER F 284 -11.35 28.68 4.27
CA SER F 284 -11.70 29.11 2.92
C SER F 284 -12.89 28.31 2.40
N LYS F 285 -13.93 29.03 1.99
CA LYS F 285 -15.17 28.40 1.52
C LYS F 285 -15.05 27.78 0.13
N LYS F 286 -13.88 27.85 -0.48
CA LYS F 286 -13.70 27.27 -1.81
C LYS F 286 -13.76 25.74 -1.74
N ALA F 287 -14.38 25.14 -2.75
CA ALA F 287 -14.51 23.68 -2.79
C ALA F 287 -13.16 23.05 -3.14
N GLY F 288 -13.10 21.72 -2.99
CA GLY F 288 -11.90 20.97 -3.26
C GLY F 288 -11.95 20.27 -4.61
N ILE F 289 -10.98 19.37 -4.81
CA ILE F 289 -10.89 18.63 -6.06
C ILE F 289 -11.96 17.54 -6.08
N TRP F 290 -12.64 17.42 -7.23
CA TRP F 290 -13.68 16.42 -7.38
C TRP F 290 -13.07 15.01 -7.41
N SER F 291 -13.83 14.05 -6.91
CA SER F 291 -13.39 12.66 -6.85
C SER F 291 -13.83 11.92 -8.12
N GLU F 292 -13.30 10.70 -8.26
CA GLU F 292 -13.65 9.86 -9.40
C GLU F 292 -15.06 9.30 -9.25
N TRP F 293 -15.63 8.89 -10.37
CA TRP F 293 -16.98 8.33 -10.36
C TRP F 293 -16.96 6.93 -9.77
N SER F 294 -18.05 6.58 -9.08
CA SER F 294 -18.18 5.27 -8.46
C SER F 294 -18.48 4.21 -9.51
N HIS F 295 -18.58 2.96 -9.06
CA HIS F 295 -18.87 1.87 -9.98
C HIS F 295 -20.31 1.99 -10.48
N PRO F 296 -20.55 1.69 -11.76
CA PRO F 296 -21.91 1.84 -12.31
C PRO F 296 -22.84 0.76 -11.76
N THR F 297 -23.98 1.21 -11.23
CA THR F 297 -25.03 0.33 -10.73
C THR F 297 -26.25 0.44 -11.62
N ALA F 298 -26.59 -0.65 -12.30
CA ALA F 298 -27.68 -0.66 -13.27
C ALA F 298 -28.99 -1.04 -12.60
N ALA F 299 -30.08 -0.44 -13.07
CA ALA F 299 -31.41 -0.75 -12.57
C ALA F 299 -32.40 -0.67 -13.73
N SER F 300 -33.46 -1.47 -13.63
CA SER F 300 -34.47 -1.55 -14.68
C SER F 300 -35.76 -0.90 -14.20
N THR F 301 -36.38 -0.11 -15.08
CA THR F 301 -37.65 0.55 -14.77
C THR F 301 -38.80 -0.38 -15.13
N PRO F 302 -39.70 -0.68 -14.18
CA PRO F 302 -40.83 -1.57 -14.49
C PRO F 302 -41.84 -0.92 -15.43
N ARG F 303 -41.93 -1.43 -16.65
CA ARG F 303 -42.86 -0.88 -17.63
C ARG F 303 -44.30 -1.22 -17.28
N SER F 304 -45.22 -0.48 -17.87
CA SER F 304 -46.65 -0.69 -17.64
C SER F 304 -47.16 -1.90 -18.43
#